data_1T1F
#
_entry.id   1T1F
#
_cell.length_a   153.830
_cell.length_b   43.710
_cell.length_c   153.930
_cell.angle_alpha   90.00
_cell.angle_beta   120.01
_cell.angle_gamma   90.00
#
_symmetry.space_group_name_H-M   'P 1 21 1'
#
loop_
_entity.id
_entity.type
_entity.pdbx_description
1 polymer Antithrombin-III
2 branched 2-acetamido-2-deoxy-beta-D-glucopyranose-(1-4)-2-acetamido-2-deoxy-beta-D-glucopyranose
3 branched beta-D-mannopyranose-(1-4)-2-acetamido-2-deoxy-beta-D-glucopyranose-(1-4)-2-acetamido-2-deoxy-beta-D-glucopyranose
4 non-polymer 'IODIDE ION'
5 non-polymer GLYCEROL
6 water water
#
_entity_poly.entity_id   1
_entity_poly.type   'polypeptide(L)'
_entity_poly.pdbx_seq_one_letter_code
;HGSPVDICTAKPRDIPMNPMCIYRSPEKKATEDEGSEQKIPEATNRRVWELSKANSRFATTFYQHLADSKNDNDNIFLSP
LSISTAFAMTKLGACNDTLQQLMEVFKFDTISEKTSDQIHFFFAKLNCRLYRKANKASKLVSANRLFGDKSLTFNETYQD
ISELVYGAKLQPLDFKENAEQSRAAINKWVSNKTEGRITDVIPSEAINELTVLVLVNTIYFKGLWKSKFSPENTRKELFY
KADGESCSASMMYQEGKFRYRRVAEGTQVLELPFKGDDITMVLILPKPEKSLAKVEKELTPEVLQEWLDELEEMMLCVHM
PRFRIEDGFSLKEQLQDMGLVDLFSPEKSKLPGIVAEGRDDLYVSDAFHKAFLEVNEEGSEAAASTAVVIAGRSLNPNRV
CFKANRPFLVFIREVPLNTIIFMGRVANPCVK
;
_entity_poly.pdbx_strand_id   A,B,C
#
loop_
_chem_comp.id
_chem_comp.type
_chem_comp.name
_chem_comp.formula
BMA D-saccharide, beta linking beta-D-mannopyranose 'C6 H12 O6'
GOL non-polymer GLYCEROL 'C3 H8 O3'
IOD non-polymer 'IODIDE ION' 'I -1'
NAG D-saccharide, beta linking 2-acetamido-2-deoxy-beta-D-glucopyranose 'C8 H15 N O6'
#
# COMPACT_ATOMS: atom_id res chain seq x y z
N GLY A 2 39.80 41.28 -20.34
CA GLY A 2 40.16 41.35 -18.89
C GLY A 2 41.55 41.91 -18.64
N SER A 3 42.09 41.64 -17.45
CA SER A 3 43.42 42.12 -17.06
C SER A 3 44.50 41.05 -17.22
N PRO A 4 44.38 39.92 -16.50
CA PRO A 4 45.39 38.86 -16.60
C PRO A 4 45.30 38.03 -17.88
N VAL A 5 46.09 36.96 -17.91
CA VAL A 5 46.14 36.05 -19.05
C VAL A 5 45.32 34.80 -18.76
N ASP A 6 44.73 34.23 -19.81
CA ASP A 6 43.95 33.01 -19.68
C ASP A 6 44.89 31.99 -19.04
N ILE A 7 44.57 31.60 -17.82
CA ILE A 7 45.37 30.65 -17.05
C ILE A 7 45.64 29.34 -17.78
N CYS A 8 44.65 28.83 -18.49
CA CYS A 8 44.79 27.57 -19.20
C CYS A 8 46.05 27.47 -20.05
N THR A 9 46.26 28.44 -20.91
CA THR A 9 47.43 28.46 -21.79
C THR A 9 48.68 28.84 -21.03
N ALA A 10 48.54 29.75 -20.07
CA ALA A 10 49.66 30.23 -19.27
C ALA A 10 50.38 29.11 -18.51
N LYS A 11 51.68 29.28 -18.31
CA LYS A 11 52.48 28.30 -17.59
C LYS A 11 52.85 28.82 -16.21
N PRO A 12 53.57 28.01 -15.41
CA PRO A 12 53.95 28.48 -14.08
C PRO A 12 54.89 29.67 -14.19
N ARG A 13 55.68 29.68 -15.27
CA ARG A 13 56.63 30.77 -15.54
C ARG A 13 55.82 31.97 -15.99
N ASP A 14 54.83 32.33 -15.17
CA ASP A 14 53.93 33.44 -15.41
C ASP A 14 52.91 33.37 -14.28
N ILE A 15 52.05 34.38 -14.18
CA ILE A 15 51.03 34.41 -13.14
C ILE A 15 51.63 34.15 -11.76
N PRO A 16 52.25 35.18 -11.16
CA PRO A 16 52.86 35.03 -9.84
C PRO A 16 51.86 34.51 -8.81
N MET A 17 52.04 33.26 -8.39
CA MET A 17 51.14 32.67 -7.41
C MET A 17 51.90 32.43 -6.12
N ASN A 18 51.59 33.23 -5.10
CA ASN A 18 52.26 33.15 -3.81
C ASN A 18 51.38 32.76 -2.62
N PRO A 19 51.51 31.51 -2.15
CA PRO A 19 50.72 31.05 -1.00
C PRO A 19 51.44 31.47 0.28
N MET A 20 50.79 32.32 1.07
CA MET A 20 51.36 32.82 2.30
C MET A 20 52.05 31.72 3.13
N CYS A 21 51.69 30.47 2.87
CA CYS A 21 52.29 29.36 3.60
C CYS A 21 52.68 28.20 2.68
N ILE A 22 53.94 27.79 2.80
CA ILE A 22 54.49 26.70 2.02
C ILE A 22 54.47 25.44 2.86
N TYR A 23 54.56 24.28 2.20
CA TYR A 23 54.52 23.00 2.88
C TYR A 23 55.72 22.12 2.55
N ARG A 24 56.80 22.73 2.05
CA ARG A 24 58.01 22.00 1.69
C ARG A 24 58.97 21.87 2.89
N GLU A 37 60.40 6.94 -12.43
CA GLU A 37 59.54 7.20 -13.58
C GLU A 37 58.06 7.03 -13.26
N GLN A 38 57.65 5.79 -13.02
CA GLN A 38 56.26 5.45 -12.72
C GLN A 38 55.39 5.50 -13.99
N LYS A 39 55.86 4.82 -15.04
CA LYS A 39 55.18 4.73 -16.34
C LYS A 39 53.95 5.61 -16.53
N ILE A 40 54.19 6.85 -16.97
CA ILE A 40 53.12 7.79 -17.24
C ILE A 40 52.87 7.66 -18.74
N PRO A 41 51.60 7.55 -19.17
CA PRO A 41 51.27 7.41 -20.60
C PRO A 41 51.83 8.51 -21.50
N GLU A 42 52.18 8.14 -22.73
CA GLU A 42 52.70 9.12 -23.67
C GLU A 42 51.68 10.22 -23.86
N ALA A 43 52.13 11.42 -24.24
CA ALA A 43 51.23 12.54 -24.45
C ALA A 43 50.50 12.89 -23.15
N THR A 44 51.26 13.20 -22.11
CA THR A 44 50.66 13.52 -20.82
C THR A 44 51.39 14.62 -20.07
N ASN A 45 50.63 15.48 -19.39
CA ASN A 45 51.20 16.57 -18.60
C ASN A 45 51.58 15.92 -17.29
N ARG A 46 52.89 15.83 -17.05
CA ARG A 46 53.41 15.22 -15.84
C ARG A 46 52.73 15.76 -14.61
N ARG A 47 52.71 17.08 -14.49
CA ARG A 47 52.10 17.71 -13.32
C ARG A 47 50.62 17.39 -13.10
N VAL A 48 49.80 17.58 -14.12
CA VAL A 48 48.38 17.26 -13.98
C VAL A 48 48.22 15.80 -13.57
N TRP A 49 48.91 14.91 -14.27
CA TRP A 49 48.85 13.48 -14.01
C TRP A 49 49.09 13.18 -12.52
N GLU A 50 50.13 13.77 -11.94
CA GLU A 50 50.39 13.51 -10.52
C GLU A 50 49.25 14.01 -9.67
N LEU A 51 48.86 15.26 -9.88
CA LEU A 51 47.78 15.82 -9.12
C LEU A 51 46.61 14.85 -9.12
N SER A 52 46.30 14.29 -10.29
CA SER A 52 45.19 13.36 -10.38
C SER A 52 45.47 12.14 -9.52
N LYS A 53 46.67 11.59 -9.66
CA LYS A 53 47.06 10.43 -8.87
C LYS A 53 46.73 10.72 -7.41
N ALA A 54 46.80 11.99 -7.03
CA ALA A 54 46.51 12.40 -5.65
C ALA A 54 45.01 12.35 -5.33
N ASN A 55 44.19 12.91 -6.22
CA ASN A 55 42.76 12.91 -6.00
C ASN A 55 42.20 11.49 -5.94
N SER A 56 42.67 10.62 -6.81
CA SER A 56 42.19 9.25 -6.82
C SER A 56 42.53 8.49 -5.55
N ARG A 57 43.54 8.98 -4.82
CA ARG A 57 43.91 8.35 -3.56
C ARG A 57 42.89 8.83 -2.54
N PHE A 58 42.71 10.13 -2.42
CA PHE A 58 41.71 10.63 -1.49
C PHE A 58 40.39 9.93 -1.79
N ALA A 59 40.10 9.73 -3.08
CA ALA A 59 38.85 9.11 -3.51
C ALA A 59 38.62 7.79 -2.81
N THR A 60 39.29 6.75 -3.28
CA THR A 60 39.14 5.40 -2.71
C THR A 60 39.25 5.43 -1.19
N THR A 61 40.21 6.20 -0.67
CA THR A 61 40.36 6.28 0.77
C THR A 61 39.02 6.68 1.37
N PHE A 62 38.61 7.91 1.06
CA PHE A 62 37.37 8.46 1.56
C PHE A 62 36.17 7.55 1.27
N TYR A 63 36.15 6.91 0.10
CA TYR A 63 35.00 6.04 -0.20
C TYR A 63 34.91 4.91 0.82
N GLN A 64 36.02 4.20 1.00
CA GLN A 64 36.08 3.09 1.93
C GLN A 64 35.67 3.48 3.35
N HIS A 65 36.22 4.59 3.84
CA HIS A 65 35.91 5.07 5.17
C HIS A 65 34.42 5.33 5.32
N LEU A 66 33.82 5.93 4.29
CA LEU A 66 32.41 6.24 4.28
C LEU A 66 31.62 4.95 4.22
N ALA A 67 32.06 4.02 3.39
CA ALA A 67 31.38 2.74 3.24
C ALA A 67 31.29 1.97 4.57
N ASP A 68 32.30 2.12 5.44
CA ASP A 68 32.25 1.44 6.73
C ASP A 68 31.11 1.99 7.57
N SER A 69 30.92 3.30 7.52
CA SER A 69 29.86 3.93 8.27
C SER A 69 28.47 3.53 7.78
N LYS A 70 28.32 3.32 6.49
CA LYS A 70 27.03 2.93 5.93
C LYS A 70 26.82 1.43 6.07
N ASN A 71 25.68 0.94 5.62
CA ASN A 71 25.35 -0.47 5.69
C ASN A 71 25.39 -1.06 4.28
N ASP A 72 26.03 -2.21 4.14
CA ASP A 72 26.15 -2.90 2.87
C ASP A 72 24.90 -2.92 1.98
N ASN A 73 23.76 -2.49 2.54
CA ASN A 73 22.50 -2.47 1.79
C ASN A 73 22.07 -1.07 1.36
N ASP A 74 22.91 -0.08 1.61
CA ASP A 74 22.59 1.28 1.22
C ASP A 74 23.38 1.68 -0.01
N ASN A 75 22.78 2.53 -0.82
CA ASN A 75 23.43 3.02 -2.01
C ASN A 75 24.38 4.12 -1.54
N ILE A 76 25.48 4.32 -2.25
CA ILE A 76 26.43 5.36 -1.89
C ILE A 76 26.69 6.20 -3.12
N PHE A 77 27.07 7.46 -2.88
CA PHE A 77 27.37 8.36 -3.98
C PHE A 77 27.93 9.69 -3.52
N LEU A 78 29.12 10.00 -3.99
CA LEU A 78 29.76 11.28 -3.68
C LEU A 78 30.48 11.74 -4.97
N SER A 79 31.34 12.74 -4.83
CA SER A 79 32.14 13.26 -5.92
C SER A 79 33.49 13.60 -5.32
N PRO A 80 34.39 12.62 -5.22
CA PRO A 80 35.69 12.91 -4.64
C PRO A 80 36.38 14.12 -5.23
N LEU A 81 36.18 14.35 -6.52
CA LEU A 81 36.81 15.47 -7.22
C LEU A 81 36.27 16.80 -6.71
N SER A 82 34.95 16.84 -6.52
CA SER A 82 34.28 18.03 -6.00
C SER A 82 34.90 18.46 -4.68
N ILE A 83 34.92 17.54 -3.71
CA ILE A 83 35.49 17.79 -2.40
C ILE A 83 37.00 18.10 -2.44
N SER A 84 37.77 17.26 -3.13
CA SER A 84 39.21 17.51 -3.24
C SER A 84 39.40 18.95 -3.69
N THR A 85 38.60 19.36 -4.66
CA THR A 85 38.64 20.70 -5.24
C THR A 85 38.24 21.79 -4.27
N ALA A 86 37.07 21.62 -3.65
CA ALA A 86 36.56 22.60 -2.70
C ALA A 86 37.52 22.84 -1.55
N PHE A 87 38.11 21.78 -1.02
CA PHE A 87 39.05 21.91 0.09
C PHE A 87 40.41 22.43 -0.34
N ALA A 88 40.78 22.21 -1.59
CA ALA A 88 42.06 22.72 -2.08
C ALA A 88 41.93 24.23 -1.96
N MET A 89 40.76 24.74 -2.34
CA MET A 89 40.47 26.17 -2.25
C MET A 89 40.76 26.62 -0.82
N THR A 90 40.10 25.96 0.13
CA THR A 90 40.31 26.27 1.53
C THR A 90 41.79 26.38 1.80
N LYS A 91 42.57 25.37 1.42
CA LYS A 91 44.00 25.39 1.66
C LYS A 91 44.79 26.43 0.85
N LEU A 92 44.10 27.27 0.07
CA LEU A 92 44.82 28.27 -0.71
C LEU A 92 45.46 29.25 0.28
N GLY A 93 44.80 29.45 1.42
CA GLY A 93 45.33 30.35 2.43
C GLY A 93 45.41 29.75 3.82
N ALA A 94 45.65 28.44 3.89
CA ALA A 94 45.76 27.77 5.18
C ALA A 94 47.19 27.82 5.66
N CYS A 95 47.46 27.26 6.85
CA CYS A 95 48.82 27.27 7.38
C CYS A 95 49.03 26.29 8.54
N ASN A 96 50.30 25.99 8.82
CA ASN A 96 50.64 25.08 9.91
C ASN A 96 49.84 23.79 9.88
N ASP A 97 49.33 23.39 11.04
CA ASP A 97 48.54 22.16 11.12
C ASP A 97 47.25 22.23 10.29
N THR A 98 46.68 23.43 10.19
CA THR A 98 45.47 23.63 9.39
C THR A 98 45.95 23.72 7.95
N LEU A 99 46.91 22.86 7.61
CA LEU A 99 47.49 22.79 6.28
C LEU A 99 48.10 21.41 6.14
N GLN A 100 49.01 21.08 7.06
CA GLN A 100 49.65 19.77 7.04
C GLN A 100 48.52 18.75 6.93
N GLN A 101 47.51 18.92 7.78
CA GLN A 101 46.36 18.03 7.79
C GLN A 101 45.69 17.96 6.41
N LEU A 102 45.43 19.12 5.80
CA LEU A 102 44.83 19.14 4.48
C LEU A 102 45.71 18.29 3.57
N MET A 103 46.94 18.75 3.35
CA MET A 103 47.88 18.02 2.50
C MET A 103 47.83 16.52 2.76
N GLU A 104 47.90 16.13 4.03
CA GLU A 104 47.90 14.72 4.39
C GLU A 104 46.60 14.02 4.08
N VAL A 105 45.50 14.59 4.53
CA VAL A 105 44.17 14.00 4.33
C VAL A 105 43.81 13.83 2.85
N PHE A 106 44.23 14.80 2.04
CA PHE A 106 43.94 14.76 0.62
C PHE A 106 45.05 14.19 -0.25
N LYS A 107 46.03 13.55 0.38
CA LYS A 107 47.12 12.92 -0.33
C LYS A 107 47.97 13.84 -1.20
N PHE A 108 47.93 15.15 -0.95
CA PHE A 108 48.74 16.04 -1.76
C PHE A 108 50.23 15.91 -1.43
N ASP A 109 50.52 15.26 -0.30
CA ASP A 109 51.88 15.06 0.16
C ASP A 109 52.46 13.73 -0.33
N THR A 110 51.79 13.11 -1.28
CA THR A 110 52.24 11.84 -1.85
C THR A 110 52.67 12.03 -3.29
N ILE A 111 53.00 13.27 -3.63
CA ILE A 111 53.44 13.62 -4.97
C ILE A 111 54.69 14.50 -4.86
N SER A 112 55.33 14.78 -5.99
CA SER A 112 56.55 15.58 -6.01
C SER A 112 56.37 16.94 -5.35
N GLU A 113 57.43 17.42 -4.72
CA GLU A 113 57.41 18.71 -4.06
C GLU A 113 57.03 19.76 -5.11
N LYS A 114 57.37 19.47 -6.36
CA LYS A 114 57.07 20.37 -7.48
C LYS A 114 55.57 20.55 -7.63
N THR A 115 54.85 19.43 -7.64
CA THR A 115 53.41 19.42 -7.78
C THR A 115 52.76 19.79 -6.44
N SER A 116 53.24 19.14 -5.38
CA SER A 116 52.73 19.39 -4.03
C SER A 116 52.82 20.86 -3.66
N ASP A 117 53.64 21.62 -4.38
CA ASP A 117 53.77 23.05 -4.12
C ASP A 117 52.70 23.77 -4.90
N GLN A 118 52.91 23.88 -6.20
CA GLN A 118 51.97 24.56 -7.08
C GLN A 118 50.68 23.76 -7.31
N ILE A 119 50.05 23.29 -6.24
CA ILE A 119 48.82 22.53 -6.37
C ILE A 119 47.65 23.33 -6.93
N HIS A 120 47.63 24.64 -6.68
CA HIS A 120 46.55 25.50 -7.18
C HIS A 120 46.72 25.74 -8.66
N PHE A 121 47.97 25.76 -9.11
CA PHE A 121 48.25 25.96 -10.52
C PHE A 121 47.73 24.74 -11.29
N PHE A 122 48.23 23.56 -10.91
CA PHE A 122 47.82 22.33 -11.58
C PHE A 122 46.34 22.04 -11.42
N PHE A 123 45.73 22.53 -10.35
CA PHE A 123 44.31 22.29 -10.20
C PHE A 123 43.61 23.17 -11.22
N ALA A 124 44.21 24.32 -11.48
CA ALA A 124 43.64 25.23 -12.47
C ALA A 124 43.73 24.53 -13.82
N LYS A 125 44.90 23.99 -14.14
CA LYS A 125 45.08 23.29 -15.41
C LYS A 125 44.07 22.15 -15.56
N LEU A 126 43.85 21.38 -14.51
CA LEU A 126 42.90 20.28 -14.59
C LEU A 126 41.52 20.84 -14.87
N ASN A 127 41.14 21.88 -14.16
CA ASN A 127 39.84 22.49 -14.34
C ASN A 127 39.66 23.01 -15.75
N CYS A 128 40.77 23.34 -16.39
CA CYS A 128 40.74 23.84 -17.75
C CYS A 128 40.36 22.74 -18.75
N ARG A 129 41.05 21.61 -18.69
CA ARG A 129 40.77 20.50 -19.58
C ARG A 129 39.44 19.86 -19.14
N LEU A 130 38.99 20.18 -17.93
CA LEU A 130 37.76 19.62 -17.37
C LEU A 130 36.45 20.30 -17.68
N TYR A 131 36.40 21.62 -17.52
CA TYR A 131 35.17 22.37 -17.75
C TYR A 131 35.02 23.09 -19.10
N ARG A 132 36.00 22.93 -19.99
CA ARG A 132 35.90 23.55 -21.31
C ARG A 132 34.76 22.74 -21.91
N LYS A 133 34.68 22.60 -23.23
CA LYS A 133 33.58 21.81 -23.77
C LYS A 133 33.43 21.56 -25.26
N ALA A 134 32.76 20.44 -25.52
CA ALA A 134 32.38 19.99 -26.84
C ALA A 134 30.87 20.09 -26.62
N ASN A 135 30.54 20.56 -25.42
CA ASN A 135 29.17 20.76 -24.92
C ASN A 135 28.14 19.99 -25.71
N LYS A 136 28.47 18.75 -26.06
CA LYS A 136 27.54 17.94 -26.81
C LYS A 136 26.48 17.59 -25.77
N ALA A 137 26.15 16.31 -25.68
CA ALA A 137 25.19 15.85 -24.70
C ALA A 137 26.06 15.48 -23.51
N SER A 138 27.28 16.02 -23.51
CA SER A 138 28.25 15.76 -22.46
C SER A 138 28.69 17.05 -21.77
N LYS A 139 27.89 17.47 -20.80
CA LYS A 139 28.13 18.68 -20.02
C LYS A 139 28.61 18.33 -18.61
N LEU A 140 29.36 19.23 -17.99
CA LEU A 140 29.85 18.99 -16.64
C LEU A 140 30.02 20.29 -15.89
N VAL A 141 29.02 20.66 -15.09
CA VAL A 141 29.09 21.92 -14.34
C VAL A 141 29.47 21.84 -12.86
N SER A 142 30.41 22.69 -12.49
CA SER A 142 30.92 22.77 -11.13
C SER A 142 30.21 23.87 -10.36
N ALA A 143 30.20 23.74 -9.03
CA ALA A 143 29.57 24.72 -8.16
C ALA A 143 30.21 24.67 -6.77
N ASN A 144 31.50 24.98 -6.70
CA ASN A 144 32.23 25.00 -5.43
C ASN A 144 32.42 26.45 -5.05
N ARG A 145 32.20 26.81 -3.78
CA ARG A 145 32.33 28.19 -3.35
C ARG A 145 32.52 28.34 -1.83
N LEU A 146 33.13 29.44 -1.40
CA LEU A 146 33.33 29.71 0.01
C LEU A 146 32.39 30.86 0.43
N PHE A 147 31.82 30.75 1.63
CA PHE A 147 30.92 31.78 2.15
C PHE A 147 31.36 32.16 3.57
N GLY A 148 31.77 33.41 3.74
CA GLY A 148 32.20 33.89 5.04
C GLY A 148 31.45 35.17 5.39
N ASP A 149 31.29 35.45 6.68
CA ASP A 149 30.56 36.64 7.09
C ASP A 149 31.16 37.96 6.64
N LYS A 150 30.27 38.90 6.32
CA LYS A 150 30.62 40.25 5.89
C LYS A 150 31.52 40.97 6.88
N SER A 151 31.27 40.74 8.17
CA SER A 151 32.04 41.39 9.23
C SER A 151 33.49 40.91 9.29
N LEU A 152 34.14 40.87 8.11
CA LEU A 152 35.53 40.45 7.98
C LEU A 152 36.09 40.98 6.67
N THR A 153 37.37 41.35 6.67
CA THR A 153 38.00 41.83 5.44
C THR A 153 38.86 40.68 4.91
N PHE A 154 38.47 40.17 3.75
CA PHE A 154 39.16 39.04 3.14
C PHE A 154 40.35 39.49 2.28
N ASN A 155 41.48 38.82 2.47
CA ASN A 155 42.68 39.13 1.70
C ASN A 155 42.34 39.15 0.21
N GLU A 156 42.59 40.27 -0.45
CA GLU A 156 42.28 40.38 -1.87
C GLU A 156 43.18 39.53 -2.76
N THR A 157 44.38 39.19 -2.27
CA THR A 157 45.29 38.33 -3.03
C THR A 157 44.53 37.04 -3.23
N TYR A 158 44.10 36.48 -2.09
CA TYR A 158 43.32 35.25 -2.07
C TYR A 158 42.22 35.40 -3.10
N GLN A 159 41.31 36.33 -2.85
CA GLN A 159 40.20 36.59 -3.73
C GLN A 159 40.54 36.47 -5.22
N ASP A 160 41.59 37.16 -5.64
CA ASP A 160 41.99 37.12 -7.04
C ASP A 160 42.43 35.73 -7.48
N ILE A 161 43.46 35.20 -6.81
CA ILE A 161 43.97 33.88 -7.15
C ILE A 161 42.86 32.84 -7.31
N SER A 162 41.90 32.86 -6.41
CA SER A 162 40.76 31.94 -6.45
C SER A 162 40.06 32.06 -7.79
N GLU A 163 39.50 33.24 -8.02
CA GLU A 163 38.78 33.56 -9.24
C GLU A 163 39.54 33.10 -10.48
N LEU A 164 40.86 33.14 -10.44
CA LEU A 164 41.64 32.74 -11.60
C LEU A 164 41.85 31.24 -11.66
N VAL A 165 42.16 30.66 -10.51
CA VAL A 165 42.42 29.23 -10.39
C VAL A 165 41.13 28.42 -10.32
N TYR A 166 40.24 28.81 -9.42
CA TYR A 166 38.98 28.10 -9.24
C TYR A 166 37.85 28.88 -9.87
N GLY A 167 38.01 30.20 -9.94
CA GLY A 167 37.00 31.03 -10.55
C GLY A 167 35.73 31.20 -9.75
N ALA A 168 35.85 31.84 -8.59
CA ALA A 168 34.68 32.04 -7.77
C ALA A 168 34.92 33.07 -6.68
N LYS A 169 36.16 33.16 -6.22
CA LYS A 169 36.48 34.09 -5.14
C LYS A 169 35.62 33.72 -3.93
N LEU A 170 35.90 34.32 -2.79
CA LEU A 170 35.13 34.05 -1.59
C LEU A 170 33.85 34.87 -1.73
N GLN A 171 32.88 34.62 -0.88
CA GLN A 171 31.64 35.35 -0.96
C GLN A 171 31.18 35.71 0.43
N PRO A 172 31.06 37.01 0.69
CA PRO A 172 30.61 37.47 2.00
C PRO A 172 29.09 37.51 2.10
N LEU A 173 28.57 36.93 3.17
CA LEU A 173 27.13 36.94 3.40
C LEU A 173 26.89 37.34 4.85
N ASP A 174 25.74 37.94 5.12
CA ASP A 174 25.44 38.35 6.47
C ASP A 174 24.90 37.18 7.27
N PHE A 175 25.81 36.41 7.86
CA PHE A 175 25.43 35.27 8.67
C PHE A 175 24.93 35.70 10.04
N LYS A 176 25.75 36.51 10.72
CA LYS A 176 25.46 37.01 12.07
C LYS A 176 24.11 37.66 12.26
N GLU A 177 23.62 38.36 11.24
CA GLU A 177 22.32 38.99 11.35
C GLU A 177 21.25 38.35 10.45
N ASN A 178 21.63 37.84 9.29
CA ASN A 178 20.68 37.21 8.37
C ASN A 178 21.06 35.81 7.90
N ALA A 179 21.02 34.86 8.83
CA ALA A 179 21.37 33.47 8.52
C ALA A 179 20.42 32.83 7.52
N GLU A 180 19.13 32.82 7.83
CA GLU A 180 18.15 32.21 6.96
C GLU A 180 18.09 32.88 5.59
N GLN A 181 18.55 34.12 5.53
CA GLN A 181 18.54 34.84 4.27
C GLN A 181 19.78 34.40 3.50
N SER A 182 20.91 34.35 4.21
CA SER A 182 22.16 33.93 3.59
C SER A 182 22.05 32.48 3.13
N ARG A 183 21.29 31.69 3.90
CA ARG A 183 21.08 30.28 3.59
C ARG A 183 20.40 30.23 2.22
N ALA A 184 19.36 31.04 2.07
CA ALA A 184 18.64 31.09 0.80
C ALA A 184 19.57 31.59 -0.31
N ALA A 185 20.47 32.50 0.04
CA ALA A 185 21.42 33.05 -0.90
C ALA A 185 22.27 31.91 -1.43
N ILE A 186 23.00 31.27 -0.51
CA ILE A 186 23.87 30.16 -0.87
C ILE A 186 23.08 29.11 -1.65
N ASN A 187 21.93 28.72 -1.10
CA ASN A 187 21.10 27.73 -1.76
C ASN A 187 20.72 28.17 -3.16
N LYS A 188 20.17 29.37 -3.31
CA LYS A 188 19.78 29.89 -4.61
C LYS A 188 20.96 30.14 -5.53
N TRP A 189 22.17 29.88 -5.05
CA TRP A 189 23.33 30.05 -5.92
C TRP A 189 23.63 28.71 -6.55
N VAL A 190 23.60 27.66 -5.73
CA VAL A 190 23.87 26.30 -6.21
C VAL A 190 22.75 25.76 -7.09
N SER A 191 21.50 26.03 -6.70
CA SER A 191 20.35 25.56 -7.49
C SER A 191 20.28 26.39 -8.77
N ASN A 192 21.40 27.03 -9.06
CA ASN A 192 21.54 27.83 -10.26
C ASN A 192 22.55 27.11 -11.12
N LYS A 193 23.80 27.20 -10.72
CA LYS A 193 24.89 26.56 -11.43
C LYS A 193 24.51 25.15 -11.86
N THR A 194 23.67 24.48 -11.08
CA THR A 194 23.25 23.13 -11.40
C THR A 194 21.96 23.07 -12.22
N GLU A 195 21.65 24.14 -12.93
CA GLU A 195 20.44 24.21 -13.74
C GLU A 195 19.24 23.79 -12.91
N GLY A 196 18.97 24.53 -11.84
CA GLY A 196 17.85 24.22 -10.97
C GLY A 196 17.71 22.75 -10.67
N ARG A 197 18.82 22.01 -10.68
CA ARG A 197 18.76 20.59 -10.38
C ARG A 197 19.20 20.23 -8.95
N ILE A 198 20.31 20.82 -8.47
CA ILE A 198 20.76 20.56 -7.10
C ILE A 198 20.07 21.57 -6.20
N THR A 199 18.96 21.14 -5.61
CA THR A 199 18.15 22.00 -4.77
C THR A 199 18.34 21.74 -3.26
N ASP A 200 18.32 22.82 -2.48
CA ASP A 200 18.49 22.76 -1.03
C ASP A 200 19.83 22.20 -0.59
N VAL A 201 20.92 22.87 -0.94
CA VAL A 201 22.24 22.37 -0.55
C VAL A 201 22.36 22.42 0.96
N ILE A 202 22.17 23.61 1.54
CA ILE A 202 22.24 23.77 2.98
C ILE A 202 20.83 23.70 3.57
N PRO A 203 20.62 22.79 4.53
CA PRO A 203 19.32 22.60 5.18
C PRO A 203 19.08 23.65 6.25
N SER A 204 17.83 23.82 6.66
CA SER A 204 17.52 24.80 7.69
C SER A 204 18.20 24.43 9.00
N GLU A 205 18.64 25.44 9.74
CA GLU A 205 19.30 25.22 11.02
C GLU A 205 20.71 24.68 10.85
N ALA A 206 21.24 24.74 9.63
CA ALA A 206 22.61 24.28 9.39
C ALA A 206 23.52 25.49 9.49
N ILE A 207 22.89 26.65 9.41
CA ILE A 207 23.61 27.92 9.48
C ILE A 207 22.82 28.81 10.43
N ASN A 208 23.51 29.38 11.40
CA ASN A 208 22.91 30.28 12.37
C ASN A 208 23.78 31.52 12.48
N GLU A 209 23.34 32.47 13.31
CA GLU A 209 24.07 33.72 13.51
C GLU A 209 25.49 33.52 14.02
N LEU A 210 25.87 32.27 14.26
CA LEU A 210 27.22 31.96 14.74
C LEU A 210 28.10 31.41 13.63
N THR A 211 27.52 31.20 12.45
CA THR A 211 28.31 30.67 11.35
C THR A 211 29.39 31.65 10.87
N VAL A 212 30.62 31.17 10.80
CA VAL A 212 31.74 31.99 10.37
C VAL A 212 32.07 31.79 8.90
N LEU A 213 32.58 30.61 8.60
CA LEU A 213 32.95 30.25 7.24
C LEU A 213 32.17 29.02 6.81
N VAL A 214 31.66 29.03 5.58
CA VAL A 214 30.90 27.89 5.10
C VAL A 214 31.41 27.42 3.75
N LEU A 215 31.52 26.11 3.60
CA LEU A 215 32.01 25.53 2.37
C LEU A 215 30.95 24.71 1.67
N VAL A 216 30.69 25.03 0.41
CA VAL A 216 29.71 24.29 -0.37
C VAL A 216 30.48 23.73 -1.57
N ASN A 217 30.00 22.63 -2.16
CA ASN A 217 30.67 22.01 -3.29
C ASN A 217 29.88 20.87 -3.91
N THR A 218 29.51 21.02 -5.18
CA THR A 218 28.74 19.99 -5.88
C THR A 218 29.09 19.97 -7.35
N ILE A 219 28.98 18.81 -7.98
CA ILE A 219 29.27 18.70 -9.39
C ILE A 219 28.07 18.07 -10.07
N TYR A 220 27.74 18.61 -11.24
CA TYR A 220 26.58 18.20 -12.01
C TYR A 220 26.99 17.65 -13.37
N PHE A 221 26.47 16.47 -13.72
CA PHE A 221 26.80 15.88 -15.02
C PHE A 221 25.59 15.41 -15.83
N LYS A 222 25.42 16.00 -17.01
CA LYS A 222 24.30 15.65 -17.90
C LYS A 222 24.91 15.01 -19.14
N GLY A 223 24.47 13.81 -19.49
CA GLY A 223 25.05 13.17 -20.66
C GLY A 223 24.26 12.06 -21.29
N LEU A 224 24.54 11.77 -22.56
CA LEU A 224 23.83 10.70 -23.25
C LEU A 224 24.79 9.58 -23.59
N TRP A 225 24.28 8.36 -23.49
CA TRP A 225 25.10 7.20 -23.81
C TRP A 225 25.57 7.34 -25.25
N LYS A 226 26.79 6.91 -25.50
CA LYS A 226 27.30 6.93 -26.86
C LYS A 226 26.51 5.82 -27.52
N SER A 227 26.11 4.84 -26.71
CA SER A 227 25.33 3.71 -27.17
C SER A 227 24.14 3.48 -26.23
N LYS A 228 23.05 4.20 -26.49
CA LYS A 228 21.83 4.16 -25.71
C LYS A 228 21.20 2.79 -25.66
N PHE A 229 20.27 2.59 -24.74
CA PHE A 229 19.58 1.31 -24.64
C PHE A 229 18.20 1.53 -25.25
N SER A 230 17.61 0.51 -25.85
CA SER A 230 16.28 0.65 -26.42
C SER A 230 15.24 0.36 -25.36
N PRO A 231 14.39 1.36 -25.05
CA PRO A 231 13.33 1.25 -24.05
C PRO A 231 12.51 0.00 -24.18
N GLU A 232 12.36 -0.49 -25.42
CA GLU A 232 11.58 -1.68 -25.74
C GLU A 232 12.25 -2.95 -25.25
N ASN A 233 13.51 -2.82 -24.84
CA ASN A 233 14.28 -3.95 -24.33
C ASN A 233 14.33 -3.92 -22.79
N THR A 234 14.05 -2.76 -22.21
CA THR A 234 14.04 -2.64 -20.76
C THR A 234 13.00 -3.63 -20.27
N ARG A 235 13.18 -4.17 -19.07
CA ARG A 235 12.24 -5.14 -18.55
C ARG A 235 12.29 -5.28 -17.03
N LYS A 236 11.20 -5.80 -16.48
CA LYS A 236 11.09 -6.00 -15.05
C LYS A 236 11.74 -7.34 -14.66
N GLU A 237 12.86 -7.24 -13.96
CA GLU A 237 13.60 -8.41 -13.51
C GLU A 237 14.05 -8.28 -12.07
N LEU A 238 14.46 -9.41 -11.49
CA LEU A 238 14.90 -9.45 -10.11
C LEU A 238 16.31 -8.97 -9.82
N PHE A 239 16.41 -8.05 -8.86
CA PHE A 239 17.72 -7.55 -8.44
C PHE A 239 17.85 -8.09 -7.02
N TYR A 240 18.92 -8.86 -6.78
CA TYR A 240 19.15 -9.47 -5.50
C TYR A 240 20.01 -8.62 -4.59
N LYS A 241 19.43 -8.14 -3.51
CA LYS A 241 20.14 -7.29 -2.54
C LYS A 241 21.06 -8.11 -1.64
N ALA A 242 21.92 -7.43 -0.90
CA ALA A 242 22.86 -8.10 -0.01
C ALA A 242 22.20 -8.91 1.10
N ASP A 243 21.12 -8.37 1.68
CA ASP A 243 20.41 -9.06 2.76
C ASP A 243 19.65 -10.30 2.28
N GLY A 244 20.06 -10.88 1.16
CA GLY A 244 19.42 -12.06 0.65
C GLY A 244 18.08 -11.82 -0.02
N GLU A 245 17.36 -10.80 0.43
CA GLU A 245 16.06 -10.45 -0.15
C GLU A 245 16.22 -9.86 -1.54
N SER A 246 15.28 -10.13 -2.42
CA SER A 246 15.36 -9.60 -3.77
C SER A 246 14.25 -8.58 -4.01
N CYS A 247 14.25 -7.98 -5.19
CA CYS A 247 13.22 -7.01 -5.54
C CYS A 247 13.23 -6.74 -7.03
N SER A 248 12.12 -6.22 -7.54
CA SER A 248 11.97 -5.94 -8.97
C SER A 248 12.63 -4.62 -9.35
N ALA A 249 13.25 -4.61 -10.54
CA ALA A 249 13.92 -3.43 -11.06
C ALA A 249 13.75 -3.38 -12.56
N SER A 250 13.83 -2.19 -13.12
CA SER A 250 13.70 -2.00 -14.56
C SER A 250 15.07 -2.32 -15.18
N MET A 251 15.22 -3.53 -15.69
CA MET A 251 16.48 -3.96 -16.26
C MET A 251 16.57 -3.54 -17.71
N MET A 252 17.59 -2.77 -18.04
CA MET A 252 17.79 -2.31 -19.41
C MET A 252 18.65 -3.34 -20.13
N TYR A 253 18.43 -3.49 -21.43
CA TYR A 253 19.16 -4.46 -22.23
C TYR A 253 19.87 -3.85 -23.42
N GLN A 254 20.96 -4.47 -23.82
CA GLN A 254 21.75 -3.97 -24.94
C GLN A 254 22.88 -4.93 -25.29
N GLU A 255 23.13 -5.07 -26.58
CA GLU A 255 24.18 -5.96 -27.05
C GLU A 255 25.05 -5.18 -28.02
N GLY A 256 26.35 -5.24 -27.80
CA GLY A 256 27.29 -4.54 -28.65
C GLY A 256 28.70 -4.82 -28.19
N LYS A 257 29.67 -4.11 -28.77
CA LYS A 257 31.05 -4.27 -28.37
C LYS A 257 31.29 -3.21 -27.29
N PHE A 258 31.85 -3.64 -26.16
CA PHE A 258 32.13 -2.76 -25.03
C PHE A 258 33.46 -3.15 -24.45
N ARG A 259 34.14 -2.21 -23.80
CA ARG A 259 35.42 -2.54 -23.17
C ARG A 259 35.08 -3.38 -21.94
N TYR A 260 35.59 -4.59 -21.89
CA TYR A 260 35.25 -5.46 -20.78
C TYR A 260 36.49 -6.06 -20.16
N ARG A 261 36.36 -6.58 -18.95
CA ARG A 261 37.49 -7.20 -18.28
C ARG A 261 37.05 -7.99 -17.07
N ARG A 262 37.25 -9.30 -17.15
CA ARG A 262 36.92 -10.19 -16.06
C ARG A 262 38.22 -10.29 -15.28
N VAL A 263 38.22 -9.81 -14.05
CA VAL A 263 39.42 -9.84 -13.24
C VAL A 263 39.44 -10.97 -12.22
N ALA A 264 40.07 -10.72 -11.07
CA ALA A 264 40.20 -11.72 -10.00
C ALA A 264 38.88 -12.16 -9.36
N GLU A 265 38.72 -13.46 -9.24
CA GLU A 265 37.54 -14.05 -8.61
C GLU A 265 36.22 -13.74 -9.30
N GLY A 266 36.26 -13.70 -10.63
CA GLY A 266 35.06 -13.46 -11.40
C GLY A 266 34.47 -12.06 -11.45
N THR A 267 35.10 -11.11 -10.77
CA THR A 267 34.61 -9.74 -10.77
C THR A 267 34.75 -9.17 -12.17
N GLN A 268 33.67 -8.63 -12.72
CA GLN A 268 33.69 -8.06 -14.07
C GLN A 268 33.73 -6.53 -14.09
N VAL A 269 34.53 -5.97 -14.98
CA VAL A 269 34.61 -4.52 -15.13
C VAL A 269 34.01 -4.22 -16.49
N LEU A 270 33.02 -3.34 -16.53
CA LEU A 270 32.34 -2.99 -17.77
C LEU A 270 32.34 -1.48 -17.95
N GLU A 271 32.74 -0.99 -19.13
CA GLU A 271 32.75 0.46 -19.36
C GLU A 271 31.75 0.89 -20.42
N LEU A 272 30.93 1.88 -20.08
CA LEU A 272 29.92 2.42 -21.00
C LEU A 272 30.25 3.91 -21.13
N PRO A 273 30.73 4.33 -22.32
CA PRO A 273 31.09 5.72 -22.57
C PRO A 273 29.92 6.64 -22.91
N PHE A 274 30.10 7.94 -22.66
CA PHE A 274 29.07 8.92 -22.99
C PHE A 274 29.45 9.52 -24.34
N LYS A 275 28.52 10.23 -24.97
CA LYS A 275 28.81 10.88 -26.25
C LYS A 275 30.03 11.78 -26.07
N GLY A 276 31.14 11.37 -26.65
CA GLY A 276 32.37 12.13 -26.52
C GLY A 276 33.55 11.24 -26.20
N ASP A 277 33.32 10.19 -25.41
CA ASP A 277 34.37 9.26 -25.02
C ASP A 277 35.37 9.88 -24.05
N ASP A 278 35.01 11.01 -23.48
CA ASP A 278 35.90 11.64 -22.53
C ASP A 278 35.41 11.32 -21.13
N ILE A 279 34.11 11.06 -21.04
CA ILE A 279 33.48 10.70 -19.78
C ILE A 279 32.78 9.35 -19.93
N THR A 280 33.00 8.47 -18.96
CA THR A 280 32.40 7.15 -19.02
C THR A 280 31.98 6.68 -17.66
N MET A 281 31.12 5.68 -17.64
CA MET A 281 30.70 5.09 -16.38
C MET A 281 31.34 3.71 -16.38
N VAL A 282 32.04 3.41 -15.30
CA VAL A 282 32.71 2.12 -15.17
C VAL A 282 32.00 1.33 -14.10
N LEU A 283 31.59 0.11 -14.41
CA LEU A 283 30.93 -0.74 -13.41
C LEU A 283 31.88 -1.83 -12.93
N ILE A 284 31.95 -2.02 -11.61
CA ILE A 284 32.76 -3.08 -11.03
C ILE A 284 31.73 -4.04 -10.40
N LEU A 285 31.46 -5.14 -11.09
CA LEU A 285 30.48 -6.12 -10.64
C LEU A 285 31.08 -7.45 -10.20
N PRO A 286 31.00 -7.76 -8.90
CA PRO A 286 31.52 -9.02 -8.33
C PRO A 286 30.54 -10.16 -8.64
N LYS A 287 31.04 -11.39 -8.78
CA LYS A 287 30.15 -12.50 -9.11
C LYS A 287 29.07 -12.74 -8.06
N PRO A 288 27.99 -13.42 -8.44
CA PRO A 288 26.87 -13.72 -7.53
C PRO A 288 27.23 -13.99 -6.06
N GLU A 289 28.11 -14.94 -5.82
CA GLU A 289 28.52 -15.28 -4.45
C GLU A 289 29.36 -14.22 -3.74
N LYS A 290 30.53 -13.88 -4.28
CA LYS A 290 31.42 -12.89 -3.67
C LYS A 290 30.72 -11.61 -3.21
N SER A 291 31.17 -11.07 -2.07
CA SER A 291 30.63 -9.86 -1.48
C SER A 291 31.29 -8.59 -2.03
N LEU A 292 30.52 -7.54 -2.17
CA LEU A 292 31.05 -6.29 -2.68
C LEU A 292 31.98 -5.71 -1.64
N ALA A 293 31.71 -6.05 -0.38
CA ALA A 293 32.51 -5.56 0.73
C ALA A 293 34.00 -5.89 0.56
N LYS A 294 34.31 -7.12 0.20
CA LYS A 294 35.70 -7.52 0.00
C LYS A 294 36.32 -6.65 -1.10
N VAL A 295 35.66 -6.61 -2.25
CA VAL A 295 36.12 -5.82 -3.37
C VAL A 295 36.39 -4.39 -2.94
N GLU A 296 35.42 -3.80 -2.24
CA GLU A 296 35.55 -2.45 -1.76
C GLU A 296 36.81 -2.28 -0.91
N LYS A 297 37.08 -3.28 -0.05
CA LYS A 297 38.26 -3.25 0.83
C LYS A 297 39.54 -3.40 0.03
N GLU A 298 39.46 -4.18 -1.05
CA GLU A 298 40.60 -4.44 -1.92
C GLU A 298 40.91 -3.23 -2.80
N LEU A 299 39.95 -2.33 -2.93
CA LEU A 299 40.09 -1.15 -3.78
C LEU A 299 41.22 -0.19 -3.42
N THR A 300 42.16 -0.04 -4.34
CA THR A 300 43.31 0.85 -4.19
C THR A 300 43.42 1.57 -5.53
N PRO A 301 44.02 2.77 -5.56
CA PRO A 301 44.16 3.51 -6.82
C PRO A 301 44.84 2.72 -7.92
N GLU A 302 45.93 2.03 -7.58
CA GLU A 302 46.65 1.25 -8.56
C GLU A 302 45.88 0.01 -9.05
N VAL A 303 45.07 -0.60 -8.18
CA VAL A 303 44.29 -1.76 -8.61
C VAL A 303 43.28 -1.31 -9.66
N LEU A 304 42.62 -0.19 -9.38
CA LEU A 304 41.63 0.34 -10.28
C LEU A 304 42.28 0.65 -11.61
N GLN A 305 43.47 1.23 -11.56
CA GLN A 305 44.21 1.58 -12.77
C GLN A 305 44.58 0.33 -13.57
N GLU A 306 45.09 -0.70 -12.91
CA GLU A 306 45.44 -1.93 -13.59
C GLU A 306 44.21 -2.41 -14.34
N TRP A 307 43.08 -2.47 -13.64
CA TRP A 307 41.84 -2.93 -14.27
C TRP A 307 41.45 -2.09 -15.48
N LEU A 308 41.50 -0.77 -15.34
CA LEU A 308 41.14 0.09 -16.46
C LEU A 308 42.00 -0.18 -17.69
N ASP A 309 43.31 -0.24 -17.51
CA ASP A 309 44.15 -0.50 -18.66
C ASP A 309 43.85 -1.87 -19.28
N GLU A 310 43.71 -2.89 -18.43
CA GLU A 310 43.45 -4.24 -18.90
C GLU A 310 42.25 -4.34 -19.81
N LEU A 311 41.35 -3.36 -19.72
CA LEU A 311 40.14 -3.38 -20.53
C LEU A 311 40.38 -3.62 -22.01
N GLU A 312 39.49 -4.40 -22.62
CA GLU A 312 39.55 -4.69 -24.04
C GLU A 312 38.16 -4.73 -24.63
N GLU A 313 37.98 -4.04 -25.74
CA GLU A 313 36.69 -4.01 -26.40
C GLU A 313 36.25 -5.45 -26.60
N MET A 314 34.96 -5.72 -26.40
CA MET A 314 34.44 -7.06 -26.57
C MET A 314 32.96 -7.04 -26.91
N MET A 315 32.53 -8.08 -27.60
CA MET A 315 31.14 -8.22 -28.03
C MET A 315 30.40 -8.97 -26.92
N LEU A 316 29.56 -8.25 -26.18
CA LEU A 316 28.81 -8.87 -25.11
C LEU A 316 27.35 -8.44 -25.00
N CYS A 317 26.65 -9.18 -24.14
CA CYS A 317 25.23 -9.05 -23.83
C CYS A 317 25.22 -8.32 -22.47
N VAL A 318 24.43 -7.24 -22.32
CA VAL A 318 24.43 -6.50 -21.05
C VAL A 318 23.09 -6.15 -20.39
N HIS A 319 22.94 -6.56 -19.13
CA HIS A 319 21.74 -6.28 -18.35
C HIS A 319 22.13 -5.22 -17.32
N MET A 320 21.54 -4.04 -17.39
CA MET A 320 21.83 -3.00 -16.40
C MET A 320 20.50 -2.35 -16.04
N PRO A 321 20.31 -2.04 -14.76
CA PRO A 321 19.03 -1.44 -14.36
C PRO A 321 19.00 0.09 -14.24
N ARG A 322 17.80 0.65 -14.36
CA ARG A 322 17.64 2.09 -14.20
C ARG A 322 17.93 2.32 -12.72
N PHE A 323 18.37 3.50 -12.34
CA PHE A 323 18.62 3.73 -10.94
C PHE A 323 18.98 5.16 -10.64
N ARG A 324 18.86 5.54 -9.39
CA ARG A 324 19.23 6.88 -8.98
C ARG A 324 19.84 6.79 -7.59
N ILE A 325 21.11 7.10 -7.48
CA ILE A 325 21.75 7.09 -6.19
C ILE A 325 22.12 8.54 -5.92
N GLU A 326 22.20 8.94 -4.67
CA GLU A 326 22.50 10.33 -4.36
C GLU A 326 22.72 10.53 -2.88
N ASP A 327 23.33 11.65 -2.53
CA ASP A 327 23.51 11.96 -1.12
C ASP A 327 24.04 13.34 -0.78
N GLY A 328 23.31 14.00 0.12
CA GLY A 328 23.67 15.31 0.62
C GLY A 328 24.59 15.05 1.80
N PHE A 329 25.85 15.43 1.64
CA PHE A 329 26.87 15.21 2.65
C PHE A 329 27.19 16.36 3.60
N SER A 330 27.65 15.97 4.79
CA SER A 330 28.07 16.89 5.85
C SER A 330 29.47 16.43 6.19
N LEU A 331 30.35 16.55 5.20
CA LEU A 331 31.74 16.15 5.30
C LEU A 331 32.43 16.41 6.65
N LYS A 332 32.11 17.53 7.28
CA LYS A 332 32.76 17.86 8.54
C LYS A 332 33.00 16.61 9.37
N GLU A 333 31.93 15.87 9.61
CA GLU A 333 32.01 14.66 10.41
C GLU A 333 33.06 13.71 9.87
N GLN A 334 32.76 13.09 8.73
CA GLN A 334 33.64 12.13 8.06
C GLN A 334 35.11 12.59 7.96
N LEU A 335 35.33 13.76 7.37
CA LEU A 335 36.68 14.28 7.21
C LEU A 335 37.51 14.35 8.47
N GLN A 336 37.02 15.06 9.48
CA GLN A 336 37.80 15.16 10.70
C GLN A 336 38.02 13.76 11.25
N ASP A 337 37.01 12.92 11.12
CA ASP A 337 37.09 11.55 11.58
C ASP A 337 38.24 10.86 10.86
N MET A 338 38.57 11.38 9.68
CA MET A 338 39.66 10.86 8.88
C MET A 338 40.97 11.57 9.22
N GLY A 339 40.90 12.58 10.08
CA GLY A 339 42.10 13.29 10.46
C GLY A 339 42.15 14.77 10.12
N LEU A 340 41.05 15.30 9.61
CA LEU A 340 40.99 16.71 9.25
C LEU A 340 40.37 17.42 10.47
N VAL A 341 41.23 17.91 11.36
CA VAL A 341 40.81 18.55 12.61
C VAL A 341 40.84 20.08 12.72
N ASP A 342 42.03 20.64 12.85
CA ASP A 342 42.20 22.09 13.01
C ASP A 342 41.27 22.99 12.19
N LEU A 343 41.10 22.65 10.91
CA LEU A 343 40.26 23.44 10.03
C LEU A 343 38.84 23.65 10.54
N PHE A 344 38.31 22.66 11.25
CA PHE A 344 36.95 22.75 11.78
C PHE A 344 36.91 23.30 13.21
N SER A 345 38.09 23.49 13.80
CA SER A 345 38.21 23.99 15.17
C SER A 345 38.56 25.48 15.25
N PRO A 346 37.69 26.29 15.88
CA PRO A 346 37.90 27.73 16.03
C PRO A 346 39.21 28.05 16.73
N GLU A 347 39.59 27.20 17.68
CA GLU A 347 40.81 27.40 18.44
C GLU A 347 42.06 27.00 17.67
N LYS A 348 42.04 25.80 17.09
CA LYS A 348 43.19 25.28 16.36
C LYS A 348 43.38 25.69 14.89
N SER A 349 42.29 26.00 14.18
CA SER A 349 42.39 26.39 12.77
C SER A 349 43.44 27.48 12.56
N LYS A 350 43.68 27.79 11.30
CA LYS A 350 44.64 28.83 10.95
C LYS A 350 44.62 29.09 9.45
N LEU A 351 43.84 30.08 9.05
CA LEU A 351 43.71 30.46 7.64
C LEU A 351 44.07 31.93 7.45
N PRO A 352 45.33 32.30 7.78
CA PRO A 352 45.78 33.69 7.64
C PRO A 352 45.64 34.17 6.21
N GLY A 353 45.50 33.23 5.27
CA GLY A 353 45.37 33.57 3.87
C GLY A 353 44.05 34.23 3.51
N ILE A 354 43.01 34.00 4.31
CA ILE A 354 41.69 34.59 4.04
C ILE A 354 41.46 35.85 4.88
N VAL A 355 41.76 35.75 6.17
CA VAL A 355 41.57 36.87 7.09
C VAL A 355 42.75 37.01 8.06
N ALA A 356 43.23 38.24 8.21
CA ALA A 356 44.34 38.52 9.13
C ALA A 356 43.91 38.22 10.56
N GLU A 357 42.69 38.65 10.91
CA GLU A 357 42.08 38.46 12.23
C GLU A 357 41.06 39.58 12.46
N GLY A 358 40.10 39.70 11.54
CA GLY A 358 39.07 40.74 11.61
C GLY A 358 38.22 40.71 12.87
N ARG A 359 37.59 39.58 13.14
CA ARG A 359 36.76 39.40 14.33
C ARG A 359 37.20 38.11 15.02
N ASP A 360 38.50 37.82 14.90
CA ASP A 360 39.15 36.64 15.48
C ASP A 360 38.96 35.34 14.70
N ASP A 361 39.62 34.30 15.21
CA ASP A 361 39.63 32.94 14.67
C ASP A 361 38.67 32.62 13.52
N LEU A 362 39.24 32.43 12.34
CA LEU A 362 38.48 32.09 11.15
C LEU A 362 38.63 30.59 10.92
N TYR A 363 37.52 29.92 10.73
CA TYR A 363 37.52 28.47 10.54
C TYR A 363 36.28 28.02 9.76
N VAL A 364 36.36 26.85 9.15
CA VAL A 364 35.24 26.32 8.39
C VAL A 364 34.16 25.77 9.32
N SER A 365 33.09 26.55 9.51
CA SER A 365 32.00 26.12 10.35
C SER A 365 31.53 24.75 9.89
N ASP A 366 31.17 24.66 8.62
CA ASP A 366 30.69 23.40 8.06
C ASP A 366 30.92 23.35 6.55
N ALA A 367 30.89 22.13 6.00
CA ALA A 367 31.09 21.92 4.57
C ALA A 367 29.95 21.05 4.07
N PHE A 368 29.28 21.50 3.02
CA PHE A 368 28.15 20.75 2.47
C PHE A 368 28.40 20.14 1.09
N HIS A 369 28.12 18.85 0.96
CA HIS A 369 28.30 18.13 -0.29
C HIS A 369 26.94 17.70 -0.84
N LYS A 370 26.86 17.51 -2.15
CA LYS A 370 25.62 17.06 -2.77
C LYS A 370 25.86 16.60 -4.19
N ALA A 371 25.68 15.30 -4.42
CA ALA A 371 25.88 14.73 -5.73
C ALA A 371 24.81 13.69 -5.94
N PHE A 372 24.49 13.41 -7.20
CA PHE A 372 23.47 12.41 -7.50
C PHE A 372 23.64 11.95 -8.93
N LEU A 373 23.21 10.72 -9.19
CA LEU A 373 23.32 10.13 -10.50
C LEU A 373 22.00 9.42 -10.79
N GLU A 374 21.47 9.62 -11.98
CA GLU A 374 20.22 9.00 -12.38
C GLU A 374 20.39 8.49 -13.79
N VAL A 375 20.60 7.19 -13.92
CA VAL A 375 20.86 6.53 -15.19
C VAL A 375 19.65 5.83 -15.80
N ASN A 376 19.54 5.85 -17.12
CA ASN A 376 18.45 5.17 -17.82
C ASN A 376 18.84 4.90 -19.26
N GLU A 377 17.88 4.47 -20.07
CA GLU A 377 18.16 4.16 -21.46
C GLU A 377 18.89 5.25 -22.23
N GLU A 378 18.53 6.51 -22.00
CA GLU A 378 19.15 7.64 -22.71
C GLU A 378 20.55 8.05 -22.28
N GLY A 379 20.77 8.12 -20.97
CA GLY A 379 22.06 8.52 -20.44
C GLY A 379 21.98 8.96 -19.00
N SER A 380 22.81 9.91 -18.62
CA SER A 380 22.83 10.41 -17.27
C SER A 380 22.05 11.70 -17.19
N GLU A 381 20.92 11.68 -16.49
CA GLU A 381 20.11 12.89 -16.35
C GLU A 381 19.46 13.15 -17.71
N ALA A 382 18.99 12.09 -18.36
CA ALA A 382 18.39 12.23 -19.67
C ALA A 382 16.87 12.03 -19.69
N ALA A 383 16.34 11.78 -20.88
CA ALA A 383 14.90 11.59 -21.06
C ALA A 383 14.40 10.27 -20.50
N ALA A 384 13.69 10.35 -19.36
CA ALA A 384 13.14 9.17 -18.72
C ALA A 384 11.98 8.69 -19.59
N SER A 385 11.72 7.37 -19.56
CA SER A 385 10.62 6.78 -20.33
C SER A 385 9.53 6.33 -19.35
N THR A 386 8.41 5.85 -19.87
CA THR A 386 7.34 5.41 -18.99
C THR A 386 6.63 4.17 -19.51
N ALA A 387 6.78 3.90 -20.81
CA ALA A 387 6.16 2.73 -21.41
C ALA A 387 6.15 1.58 -20.41
N VAL A 388 4.95 1.11 -20.07
CA VAL A 388 4.78 0.02 -19.11
C VAL A 388 5.82 -1.08 -19.32
N VAL A 389 6.69 -1.25 -18.34
CA VAL A 389 7.75 -2.25 -18.43
C VAL A 389 7.21 -3.68 -18.42
N ILE A 390 7.44 -4.38 -19.52
CA ILE A 390 7.02 -5.77 -19.68
C ILE A 390 7.78 -6.62 -18.67
N ALA A 391 7.35 -7.86 -18.51
CA ALA A 391 8.00 -8.76 -17.57
C ALA A 391 8.71 -9.87 -18.30
N GLY A 392 9.50 -10.63 -17.55
CA GLY A 392 10.24 -11.74 -18.11
C GLY A 392 11.23 -11.44 -19.21
N ARG A 393 12.19 -12.35 -19.36
CA ARG A 393 13.22 -12.24 -20.37
C ARG A 393 13.79 -13.62 -20.67
N SER A 394 13.50 -14.14 -21.85
CA SER A 394 14.01 -15.43 -22.24
C SER A 394 15.53 -15.33 -22.29
N LEU A 395 16.22 -16.46 -22.14
CA LEU A 395 17.69 -16.47 -22.18
C LEU A 395 18.19 -16.20 -23.58
N ASN A 396 19.21 -15.36 -23.68
CA ASN A 396 19.81 -15.03 -24.98
C ASN A 396 20.60 -16.26 -25.43
N PRO A 397 20.31 -16.79 -26.62
CA PRO A 397 21.08 -17.95 -27.04
C PRO A 397 22.52 -17.53 -27.35
N ASN A 398 23.27 -18.44 -27.96
CA ASN A 398 24.66 -18.19 -28.31
C ASN A 398 25.59 -17.51 -27.26
N ARG A 399 25.06 -16.87 -26.23
CA ARG A 399 25.95 -16.26 -25.24
C ARG A 399 25.27 -15.88 -23.92
N VAL A 400 26.00 -15.96 -22.80
CA VAL A 400 25.41 -15.61 -21.51
C VAL A 400 25.24 -14.11 -21.38
N CYS A 401 25.74 -13.48 -20.32
CA CYS A 401 25.43 -12.05 -20.22
C CYS A 401 25.91 -11.36 -18.95
N PHE A 402 26.45 -10.16 -19.10
CA PHE A 402 26.89 -9.38 -17.95
C PHE A 402 25.60 -8.89 -17.30
N LYS A 403 25.38 -9.24 -16.03
CA LYS A 403 24.14 -8.84 -15.36
C LYS A 403 24.36 -8.10 -14.04
N ALA A 404 24.00 -6.83 -13.99
CA ALA A 404 24.15 -6.09 -12.77
C ALA A 404 22.88 -6.29 -11.92
N ASN A 405 22.58 -7.54 -11.57
CA ASN A 405 21.39 -7.82 -10.75
C ASN A 405 21.79 -8.15 -9.31
N ARG A 406 22.83 -7.47 -8.84
CA ARG A 406 23.39 -7.60 -7.50
C ARG A 406 24.31 -6.38 -7.31
N PRO A 407 24.49 -5.92 -6.07
CA PRO A 407 25.33 -4.76 -5.78
C PRO A 407 26.60 -4.61 -6.61
N PHE A 408 26.76 -3.44 -7.22
CA PHE A 408 27.95 -3.20 -8.03
C PHE A 408 28.51 -1.82 -7.76
N LEU A 409 29.78 -1.63 -8.06
CA LEU A 409 30.40 -0.34 -7.87
C LEU A 409 30.16 0.51 -9.10
N VAL A 410 30.29 1.83 -8.96
CA VAL A 410 30.06 2.69 -10.11
C VAL A 410 30.98 3.92 -10.06
N PHE A 411 31.69 4.16 -11.16
CA PHE A 411 32.61 5.31 -11.26
C PHE A 411 32.31 6.13 -12.51
N ILE A 412 32.25 7.45 -12.35
CA ILE A 412 32.02 8.35 -13.49
C ILE A 412 33.36 9.03 -13.67
N ARG A 413 34.10 8.61 -14.71
CA ARG A 413 35.42 9.17 -14.94
C ARG A 413 35.63 10.02 -16.17
N GLU A 414 36.59 10.94 -16.04
CA GLU A 414 37.00 11.83 -17.12
C GLU A 414 38.25 11.07 -17.61
N VAL A 415 38.15 10.44 -18.76
CA VAL A 415 39.27 9.65 -19.25
C VAL A 415 40.56 10.37 -19.63
N PRO A 416 40.49 11.43 -20.45
CA PRO A 416 41.73 12.12 -20.80
C PRO A 416 42.59 12.52 -19.59
N LEU A 417 41.94 13.10 -18.58
CA LEU A 417 42.60 13.56 -17.35
C LEU A 417 42.71 12.46 -16.30
N ASN A 418 42.16 11.29 -16.61
CA ASN A 418 42.17 10.15 -15.70
C ASN A 418 41.73 10.57 -14.29
N THR A 419 40.59 11.26 -14.23
CA THR A 419 40.07 11.75 -12.97
C THR A 419 38.73 11.12 -12.60
N ILE A 420 38.60 10.69 -11.36
CA ILE A 420 37.34 10.12 -10.88
C ILE A 420 36.47 11.31 -10.48
N ILE A 421 35.40 11.54 -11.23
CA ILE A 421 34.49 12.67 -10.95
C ILE A 421 33.45 12.23 -9.94
N PHE A 422 32.90 11.03 -10.18
CA PHE A 422 31.89 10.47 -9.31
C PHE A 422 32.20 9.01 -9.01
N MET A 423 31.84 8.55 -7.82
CA MET A 423 32.00 7.16 -7.46
C MET A 423 30.89 6.83 -6.49
N GLY A 424 30.35 5.62 -6.59
CA GLY A 424 29.27 5.25 -5.70
C GLY A 424 28.98 3.76 -5.74
N ARG A 425 27.90 3.35 -5.08
CA ARG A 425 27.51 1.95 -5.04
C ARG A 425 26.03 1.80 -5.24
N VAL A 426 25.63 0.94 -6.15
CA VAL A 426 24.22 0.70 -6.39
C VAL A 426 23.94 -0.60 -5.64
N ALA A 427 23.51 -0.49 -4.40
CA ALA A 427 23.22 -1.66 -3.58
C ALA A 427 21.75 -2.02 -3.67
N ASN A 428 20.93 -1.05 -4.05
CA ASN A 428 19.50 -1.25 -4.17
C ASN A 428 18.89 -0.18 -5.07
N PRO A 429 18.55 -0.55 -6.31
CA PRO A 429 17.96 0.38 -7.27
C PRO A 429 16.45 0.23 -7.40
N CYS A 430 15.90 -0.73 -6.67
CA CYS A 430 14.48 -1.02 -6.74
C CYS A 430 13.42 0.05 -6.49
N VAL A 431 12.26 -0.21 -7.08
CA VAL A 431 11.07 0.62 -7.00
C VAL A 431 10.97 1.53 -5.75
N LYS A 432 11.14 2.82 -5.97
CA LYS A 432 11.09 3.82 -4.90
C LYS A 432 9.68 4.06 -4.32
N GLY B 2 -28.64 30.45 14.97
CA GLY B 2 -29.83 29.60 15.26
C GLY B 2 -31.00 30.35 15.85
N SER B 3 -31.91 29.63 16.50
CA SER B 3 -33.09 30.24 17.11
C SER B 3 -32.94 30.43 18.63
N PRO B 4 -32.73 29.34 19.39
CA PRO B 4 -32.59 29.47 20.84
C PRO B 4 -31.23 30.01 21.29
N VAL B 5 -31.01 29.97 22.60
CA VAL B 5 -29.78 30.44 23.21
C VAL B 5 -28.87 29.26 23.55
N ASP B 6 -27.56 29.50 23.47
CA ASP B 6 -26.60 28.46 23.80
C ASP B 6 -26.91 28.03 25.22
N ILE B 7 -27.36 26.78 25.35
CA ILE B 7 -27.75 26.22 26.62
C ILE B 7 -26.68 26.31 27.71
N CYS B 8 -25.42 26.11 27.33
CA CYS B 8 -24.32 26.16 28.28
C CYS B 8 -24.33 27.39 29.19
N THR B 9 -24.39 28.57 28.57
CA THR B 9 -24.40 29.81 29.33
C THR B 9 -25.74 30.06 29.99
N ALA B 10 -26.82 29.67 29.30
CA ALA B 10 -28.18 29.85 29.80
C ALA B 10 -28.42 29.17 31.15
N LYS B 11 -29.30 29.75 31.95
CA LYS B 11 -29.63 29.20 33.25
C LYS B 11 -31.04 28.59 33.24
N PRO B 12 -31.48 28.02 34.37
CA PRO B 12 -32.82 27.43 34.38
C PRO B 12 -33.87 28.52 34.19
N ARG B 13 -33.54 29.72 34.65
CA ARG B 13 -34.43 30.88 34.54
C ARG B 13 -34.40 31.33 33.07
N ASP B 14 -34.65 30.36 32.20
CA ASP B 14 -34.65 30.57 30.75
C ASP B 14 -34.85 29.19 30.16
N ILE B 15 -35.05 29.12 28.85
CA ILE B 15 -35.26 27.84 28.18
C ILE B 15 -36.33 27.01 28.87
N PRO B 16 -37.61 27.32 28.61
CA PRO B 16 -38.71 26.59 29.23
C PRO B 16 -38.61 25.09 28.97
N MET B 17 -38.30 24.33 30.00
CA MET B 17 -38.17 22.88 29.86
C MET B 17 -39.28 22.20 30.64
N ASN B 18 -40.26 21.65 29.92
CA ASN B 18 -41.40 21.00 30.54
C ASN B 18 -41.56 19.50 30.27
N PRO B 19 -41.24 18.67 31.27
CA PRO B 19 -41.35 17.22 31.13
C PRO B 19 -42.80 16.81 31.41
N MET B 20 -43.47 16.28 30.40
CA MET B 20 -44.86 15.87 30.53
C MET B 20 -45.15 15.12 31.85
N CYS B 21 -44.11 14.59 32.47
CA CYS B 21 -44.27 13.86 33.73
C CYS B 21 -43.22 14.24 34.76
N ILE B 22 -43.71 14.62 35.94
CA ILE B 22 -42.85 15.00 37.05
C ILE B 22 -42.71 13.82 37.98
N TYR B 23 -41.68 13.84 38.82
CA TYR B 23 -41.41 12.76 39.76
C TYR B 23 -41.30 13.23 41.20
N ARG B 24 -41.83 14.42 41.49
CA ARG B 24 -41.80 14.99 42.84
C ARG B 24 -43.00 14.53 43.68
N GLU B 37 -25.25 20.09 54.31
CA GLU B 37 -24.20 20.63 53.44
C GLU B 37 -23.58 19.56 52.54
N GLN B 38 -22.84 18.63 53.15
CA GLN B 38 -22.17 17.56 52.44
C GLN B 38 -20.92 18.07 51.72
N LYS B 39 -20.08 18.79 52.46
CA LYS B 39 -18.82 19.37 51.97
C LYS B 39 -18.57 19.27 50.47
N ILE B 40 -19.07 20.25 49.72
CA ILE B 40 -18.88 20.33 48.28
C ILE B 40 -17.68 21.26 48.11
N PRO B 41 -16.70 20.88 47.27
CA PRO B 41 -15.51 21.71 47.04
C PRO B 41 -15.79 23.14 46.60
N GLU B 42 -14.94 24.07 47.02
CA GLU B 42 -15.11 25.46 46.64
C GLU B 42 -15.07 25.55 45.12
N ALA B 43 -15.70 26.59 44.57
CA ALA B 43 -15.74 26.78 43.12
C ALA B 43 -16.43 25.60 42.45
N THR B 44 -17.67 25.34 42.83
CA THR B 44 -18.41 24.21 42.27
C THR B 44 -19.89 24.52 42.05
N ASN B 45 -20.44 24.00 40.96
CA ASN B 45 -21.84 24.19 40.62
C ASN B 45 -22.57 23.12 41.44
N ARG B 46 -23.32 23.57 42.43
CA ARG B 46 -24.05 22.67 43.30
C ARG B 46 -24.83 21.66 42.52
N ARG B 47 -25.63 22.12 41.57
CA ARG B 47 -26.47 21.23 40.78
C ARG B 47 -25.69 20.17 39.99
N VAL B 48 -24.70 20.59 39.21
CA VAL B 48 -23.91 19.62 38.45
C VAL B 48 -23.29 18.60 39.40
N TRP B 49 -22.69 19.09 40.48
CA TRP B 49 -22.05 18.23 41.46
C TRP B 49 -22.99 17.13 41.95
N GLU B 50 -24.23 17.48 42.29
CA GLU B 50 -25.15 16.45 42.74
C GLU B 50 -25.43 15.45 41.65
N LEU B 51 -25.79 15.96 40.48
CA LEU B 51 -26.07 15.08 39.36
C LEU B 51 -24.94 14.07 39.24
N SER B 52 -23.70 14.53 39.33
CA SER B 52 -22.57 13.63 39.21
C SER B 52 -22.62 12.61 40.33
N LYS B 53 -22.82 13.08 41.56
CA LYS B 53 -22.89 12.18 42.70
C LYS B 53 -23.87 11.05 42.37
N ALA B 54 -24.86 11.37 41.53
CA ALA B 54 -25.86 10.39 41.12
C ALA B 54 -25.30 9.35 40.13
N ASN B 55 -24.60 9.84 39.11
CA ASN B 55 -24.04 8.95 38.10
C ASN B 55 -23.02 8.00 38.74
N SER B 56 -22.19 8.51 39.62
CA SER B 56 -21.19 7.67 40.26
C SER B 56 -21.80 6.56 41.12
N ARG B 57 -23.05 6.76 41.51
CA ARG B 57 -23.73 5.74 42.31
C ARG B 57 -24.16 4.67 41.33
N PHE B 58 -24.88 5.06 40.28
CA PHE B 58 -25.28 4.07 39.29
C PHE B 58 -24.02 3.32 38.84
N ALA B 59 -22.92 4.04 38.69
CA ALA B 59 -21.66 3.45 38.23
C ALA B 59 -21.28 2.24 39.05
N THR B 60 -20.73 2.47 40.23
CA THR B 60 -20.30 1.39 41.13
C THR B 60 -21.38 0.34 41.28
N THR B 61 -22.63 0.78 41.44
CA THR B 61 -23.72 -0.19 41.57
C THR B 61 -23.67 -1.13 40.39
N PHE B 62 -23.94 -0.58 39.22
CA PHE B 62 -23.94 -1.34 37.98
C PHE B 62 -22.65 -2.13 37.78
N TYR B 63 -21.51 -1.56 38.14
CA TYR B 63 -20.26 -2.30 37.93
C TYR B 63 -20.28 -3.60 38.73
N GLN B 64 -20.56 -3.47 40.02
CA GLN B 64 -20.60 -4.63 40.92
C GLN B 64 -21.55 -5.71 40.45
N HIS B 65 -22.77 -5.31 40.08
CA HIS B 65 -23.77 -6.25 39.60
C HIS B 65 -23.27 -7.00 38.37
N LEU B 66 -22.61 -6.27 37.46
CA LEU B 66 -22.07 -6.86 36.25
C LEU B 66 -20.93 -7.78 36.62
N ALA B 67 -20.08 -7.34 37.53
CA ALA B 67 -18.93 -8.13 37.97
C ALA B 67 -19.35 -9.50 38.53
N ASP B 68 -20.51 -9.57 39.19
CA ASP B 68 -20.99 -10.85 39.72
C ASP B 68 -21.27 -11.81 38.58
N SER B 69 -21.87 -11.30 37.51
CA SER B 69 -22.20 -12.12 36.37
C SER B 69 -20.95 -12.64 35.65
N LYS B 70 -19.89 -11.84 35.61
CA LYS B 70 -18.66 -12.27 34.94
C LYS B 70 -17.83 -13.14 35.88
N ASN B 71 -16.69 -13.59 35.39
CA ASN B 71 -15.79 -14.42 36.17
C ASN B 71 -14.54 -13.62 36.52
N ASP B 72 -14.14 -13.69 37.78
CA ASP B 72 -12.97 -12.98 38.27
C ASP B 72 -11.74 -12.97 37.36
N ASN B 73 -11.77 -13.78 36.29
CA ASN B 73 -10.67 -13.85 35.34
C ASN B 73 -10.93 -13.15 34.02
N ASP B 74 -12.07 -12.47 33.92
CA ASP B 74 -12.39 -11.75 32.71
C ASP B 74 -12.20 -10.27 32.90
N ASN B 75 -11.81 -9.60 31.82
CA ASN B 75 -11.62 -8.17 31.85
C ASN B 75 -13.01 -7.56 31.77
N ILE B 76 -13.20 -6.38 32.35
CA ILE B 76 -14.48 -5.71 32.30
C ILE B 76 -14.26 -4.30 31.80
N PHE B 77 -15.29 -3.74 31.19
CA PHE B 77 -15.21 -2.37 30.71
C PHE B 77 -16.52 -1.86 30.17
N LEU B 78 -16.99 -0.76 30.75
CA LEU B 78 -18.21 -0.10 30.32
C LEU B 78 -17.96 1.42 30.41
N SER B 79 -19.04 2.19 30.32
CA SER B 79 -18.99 3.63 30.43
C SER B 79 -20.26 4.02 31.18
N PRO B 80 -20.23 3.98 32.51
CA PRO B 80 -21.43 4.34 33.26
C PRO B 80 -22.05 5.66 32.84
N LEU B 81 -21.21 6.61 32.45
CA LEU B 81 -21.67 7.94 32.03
C LEU B 81 -22.47 7.87 30.76
N SER B 82 -21.98 7.06 29.82
CA SER B 82 -22.63 6.86 28.53
C SER B 82 -24.07 6.38 28.75
N ILE B 83 -24.21 5.29 29.48
CA ILE B 83 -25.52 4.70 29.79
C ILE B 83 -26.40 5.64 30.63
N SER B 84 -25.88 6.18 31.72
CA SER B 84 -26.65 7.09 32.54
C SER B 84 -27.25 8.16 31.62
N THR B 85 -26.42 8.65 30.70
CA THR B 85 -26.80 9.69 29.74
C THR B 85 -27.84 9.23 28.74
N ALA B 86 -27.58 8.10 28.09
CA ALA B 86 -28.50 7.57 27.10
C ALA B 86 -29.89 7.32 27.67
N PHE B 87 -29.94 6.76 28.88
CA PHE B 87 -31.22 6.47 29.51
C PHE B 87 -31.91 7.71 30.07
N ALA B 88 -31.14 8.73 30.40
CA ALA B 88 -31.72 9.96 30.91
C ALA B 88 -32.57 10.46 29.75
N MET B 89 -32.02 10.37 28.54
CA MET B 89 -32.73 10.79 27.33
C MET B 89 -34.07 10.07 27.31
N THR B 90 -34.01 8.74 27.38
CA THR B 90 -35.22 7.95 27.39
C THR B 90 -36.20 8.56 28.36
N LYS B 91 -35.77 8.79 29.60
CA LYS B 91 -36.67 9.35 30.61
C LYS B 91 -37.08 10.80 30.36
N LEU B 92 -36.68 11.40 29.24
CA LEU B 92 -37.08 12.78 28.98
C LEU B 92 -38.60 12.80 28.81
N GLY B 93 -39.14 11.70 28.28
CA GLY B 93 -40.56 11.62 28.06
C GLY B 93 -41.21 10.37 28.63
N ALA B 94 -40.66 9.87 29.74
CA ALA B 94 -41.20 8.67 30.37
C ALA B 94 -42.27 9.07 31.39
N CYS B 95 -42.88 8.08 32.03
CA CYS B 95 -43.92 8.38 33.02
C CYS B 95 -44.26 7.21 33.94
N ASN B 96 -44.91 7.51 35.05
CA ASN B 96 -45.32 6.49 36.01
C ASN B 96 -44.18 5.53 36.36
N ASP B 97 -44.48 4.24 36.36
CA ASP B 97 -43.46 3.25 36.69
C ASP B 97 -42.30 3.23 35.69
N THR B 98 -42.61 3.54 34.43
CA THR B 98 -41.59 3.60 33.38
C THR B 98 -40.91 4.95 33.57
N LEU B 99 -40.69 5.31 34.83
CA LEU B 99 -40.05 6.56 35.20
C LEU B 99 -39.50 6.39 36.60
N GLN B 100 -40.38 6.02 37.53
CA GLN B 100 -39.97 5.78 38.90
C GLN B 100 -38.77 4.85 38.83
N GLN B 101 -38.93 3.78 38.06
CA GLN B 101 -37.86 2.80 37.88
C GLN B 101 -36.58 3.45 37.37
N LEU B 102 -36.69 4.28 36.34
CA LEU B 102 -35.52 4.96 35.81
C LEU B 102 -34.87 5.71 36.97
N MET B 103 -35.59 6.69 37.49
CA MET B 103 -35.10 7.49 38.61
C MET B 103 -34.41 6.61 39.67
N GLU B 104 -35.09 5.55 40.07
CA GLU B 104 -34.54 4.65 41.10
C GLU B 104 -33.30 3.92 40.67
N VAL B 105 -33.37 3.27 39.51
CA VAL B 105 -32.25 2.49 38.99
C VAL B 105 -31.00 3.33 38.76
N PHE B 106 -31.19 4.56 38.32
CA PHE B 106 -30.08 5.45 38.05
C PHE B 106 -29.74 6.41 39.18
N LYS B 107 -30.29 6.16 40.36
CA LYS B 107 -30.01 6.98 41.53
C LYS B 107 -30.36 8.45 41.41
N PHE B 108 -31.22 8.82 40.47
CA PHE B 108 -31.59 10.22 40.35
C PHE B 108 -32.48 10.67 41.50
N ASP B 109 -33.02 9.70 42.24
CA ASP B 109 -33.89 9.97 43.37
C ASP B 109 -33.13 10.03 44.69
N THR B 110 -31.80 10.14 44.60
CA THR B 110 -30.96 10.22 45.78
C THR B 110 -30.31 11.60 45.86
N ILE B 111 -30.93 12.57 45.18
CA ILE B 111 -30.44 13.94 45.16
C ILE B 111 -31.62 14.87 45.42
N SER B 112 -31.34 16.16 45.59
CA SER B 112 -32.38 17.15 45.88
C SER B 112 -33.48 17.17 44.83
N GLU B 113 -34.70 17.44 45.28
CA GLU B 113 -35.84 17.51 44.39
C GLU B 113 -35.53 18.55 43.31
N LYS B 114 -34.71 19.53 43.67
CA LYS B 114 -34.31 20.59 42.75
C LYS B 114 -33.56 20.02 41.55
N THR B 115 -32.58 19.18 41.86
CA THR B 115 -31.75 18.52 40.83
C THR B 115 -32.53 17.38 40.21
N SER B 116 -33.12 16.54 41.07
CA SER B 116 -33.91 15.39 40.62
C SER B 116 -35.01 15.80 39.66
N ASP B 117 -35.36 17.10 39.66
CA ASP B 117 -36.38 17.59 38.75
C ASP B 117 -35.72 17.93 37.43
N GLN B 118 -35.01 19.06 37.43
CA GLN B 118 -34.33 19.53 36.22
C GLN B 118 -33.10 18.69 35.86
N ILE B 119 -33.24 17.37 35.83
CA ILE B 119 -32.11 16.50 35.50
C ILE B 119 -31.60 16.67 34.08
N HIS B 120 -32.49 17.05 33.15
CA HIS B 120 -32.09 17.25 31.76
C HIS B 120 -31.31 18.54 31.60
N PHE B 121 -31.64 19.51 32.44
CA PHE B 121 -30.96 20.79 32.40
C PHE B 121 -29.51 20.56 32.86
N PHE B 122 -29.36 20.02 34.06
CA PHE B 122 -28.04 19.77 34.61
C PHE B 122 -27.24 18.77 33.79
N PHE B 123 -27.93 17.88 33.08
CA PHE B 123 -27.18 16.94 32.26
C PHE B 123 -26.64 17.73 31.09
N ALA B 124 -27.40 18.74 30.66
CA ALA B 124 -26.96 19.57 29.57
C ALA B 124 -25.71 20.31 30.04
N LYS B 125 -25.78 20.91 31.22
CA LYS B 125 -24.64 21.63 31.77
C LYS B 125 -23.41 20.74 31.86
N LEU B 126 -23.58 19.51 32.33
CA LEU B 126 -22.44 18.61 32.43
C LEU B 126 -21.86 18.35 31.05
N ASN B 127 -22.74 18.08 30.08
CA ASN B 127 -22.30 17.82 28.73
C ASN B 127 -21.56 19.01 28.15
N CYS B 128 -21.87 20.19 28.65
CA CYS B 128 -21.21 21.39 28.18
C CYS B 128 -19.76 21.47 28.63
N ARG B 129 -19.52 21.28 29.93
CA ARG B 129 -18.16 21.31 30.47
C ARG B 129 -17.44 20.03 30.01
N LEU B 130 -18.21 19.05 29.54
CA LEU B 130 -17.65 17.76 29.11
C LEU B 130 -17.17 17.61 27.69
N TYR B 131 -17.98 18.05 26.74
CA TYR B 131 -17.62 17.92 25.33
C TYR B 131 -17.05 19.15 24.62
N ARG B 132 -16.86 20.25 25.36
CA ARG B 132 -16.26 21.45 24.77
C ARG B 132 -14.84 20.96 24.51
N LYS B 133 -13.85 21.83 24.47
CA LYS B 133 -12.50 21.33 24.23
C LYS B 133 -11.30 22.24 24.19
N ALA B 134 -10.17 21.61 24.50
CA ALA B 134 -8.84 22.21 24.47
C ALA B 134 -8.31 21.32 23.36
N ASN B 135 -9.20 20.45 22.87
CA ASN B 135 -8.97 19.47 21.80
C ASN B 135 -7.49 19.20 21.59
N LYS B 136 -6.75 19.09 22.67
CA LYS B 136 -5.34 18.82 22.55
C LYS B 136 -5.31 17.36 22.12
N ALA B 137 -4.50 16.56 22.80
CA ALA B 137 -4.42 15.14 22.52
C ALA B 137 -5.44 14.55 23.46
N SER B 138 -6.35 15.40 23.93
CA SER B 138 -7.39 15.00 24.87
C SER B 138 -8.77 15.28 24.30
N LYS B 139 -9.26 14.34 23.51
CA LYS B 139 -10.56 14.40 22.86
C LYS B 139 -11.56 13.45 23.54
N LEU B 140 -12.84 13.76 23.46
CA LEU B 140 -13.86 12.91 24.07
C LEU B 140 -15.16 13.01 23.30
N VAL B 141 -15.40 12.07 22.39
CA VAL B 141 -16.62 12.10 21.60
C VAL B 141 -17.76 11.16 22.02
N SER B 142 -18.95 11.73 22.09
CA SER B 142 -20.15 11.02 22.48
C SER B 142 -20.92 10.57 21.25
N ALA B 143 -21.72 9.53 21.43
CA ALA B 143 -22.54 8.99 20.35
C ALA B 143 -23.76 8.26 20.91
N ASN B 144 -24.62 9.00 21.62
CA ASN B 144 -25.84 8.43 22.19
C ASN B 144 -26.99 8.89 21.31
N ARG B 145 -27.92 7.99 20.99
CA ARG B 145 -29.05 8.33 20.12
C ARG B 145 -30.24 7.38 20.26
N LEU B 146 -31.42 7.86 19.92
CA LEU B 146 -32.63 7.02 19.95
C LEU B 146 -33.07 6.73 18.51
N PHE B 147 -33.52 5.51 18.26
CA PHE B 147 -33.99 5.11 16.93
C PHE B 147 -35.36 4.45 17.06
N GLY B 148 -36.37 5.08 16.48
CA GLY B 148 -37.72 4.55 16.52
C GLY B 148 -38.29 4.46 15.11
N ASP B 149 -39.23 3.54 14.88
CA ASP B 149 -39.79 3.39 13.55
C ASP B 149 -40.53 4.61 13.00
N LYS B 150 -40.38 4.80 11.69
CA LYS B 150 -41.01 5.89 10.95
C LYS B 150 -42.52 5.92 11.13
N SER B 151 -43.13 4.74 11.21
CA SER B 151 -44.58 4.62 11.35
C SER B 151 -45.08 5.12 12.71
N LEU B 152 -44.59 6.30 13.11
CA LEU B 152 -44.97 6.92 14.38
C LEU B 152 -44.65 8.41 14.31
N THR B 153 -45.50 9.22 14.95
CA THR B 153 -45.26 10.66 14.98
C THR B 153 -44.70 10.99 16.35
N PHE B 154 -43.45 11.43 16.38
CA PHE B 154 -42.77 11.75 17.62
C PHE B 154 -43.03 13.17 18.08
N ASN B 155 -43.36 13.33 19.36
CA ASN B 155 -43.62 14.64 19.93
C ASN B 155 -42.46 15.58 19.57
N GLU B 156 -42.76 16.69 18.91
CA GLU B 156 -41.71 17.63 18.53
C GLU B 156 -41.09 18.38 19.72
N THR B 157 -41.83 18.48 20.81
CA THR B 157 -41.32 19.14 22.02
C THR B 157 -40.08 18.32 22.39
N TYR B 158 -40.33 17.02 22.55
CA TYR B 158 -39.27 16.07 22.88
C TYR B 158 -38.12 16.34 21.95
N GLN B 159 -38.35 16.09 20.67
CA GLN B 159 -37.34 16.30 19.64
C GLN B 159 -36.46 17.52 19.87
N ASP B 160 -37.08 18.67 20.09
CA ASP B 160 -36.33 19.89 20.31
C ASP B 160 -35.49 19.84 21.58
N ILE B 161 -36.14 19.63 22.71
CA ILE B 161 -35.44 19.57 24.00
C ILE B 161 -34.21 18.67 23.94
N SER B 162 -34.35 17.51 23.31
CA SER B 162 -33.24 16.57 23.17
C SER B 162 -32.07 17.26 22.51
N GLU B 163 -32.29 17.65 21.26
CA GLU B 163 -31.28 18.34 20.46
C GLU B 163 -30.58 19.44 21.22
N LEU B 164 -31.29 20.10 22.13
CA LEU B 164 -30.68 21.18 22.88
C LEU B 164 -29.92 20.68 24.09
N VAL B 165 -30.52 19.73 24.81
CA VAL B 165 -29.94 19.16 26.01
C VAL B 165 -28.90 18.09 25.68
N TYR B 166 -29.28 17.13 24.83
CA TYR B 166 -28.37 16.06 24.47
C TYR B 166 -27.81 16.29 23.08
N GLY B 167 -28.58 16.99 22.25
CA GLY B 167 -28.12 17.30 20.91
C GLY B 167 -28.13 16.14 19.95
N ALA B 168 -29.30 15.61 19.66
CA ALA B 168 -29.39 14.49 18.75
C ALA B 168 -30.79 14.25 18.26
N LYS B 169 -31.78 14.58 19.09
CA LYS B 169 -33.17 14.35 18.71
C LYS B 169 -33.34 12.86 18.46
N LEU B 170 -34.58 12.43 18.31
CA LEU B 170 -34.85 11.02 18.04
C LEU B 170 -34.57 10.84 16.55
N GLN B 171 -34.52 9.60 16.10
CA GLN B 171 -34.25 9.34 14.71
C GLN B 171 -35.13 8.24 14.22
N PRO B 172 -35.97 8.54 13.23
CA PRO B 172 -36.88 7.54 12.67
C PRO B 172 -36.21 6.72 11.59
N LEU B 173 -36.34 5.40 11.69
CA LEU B 173 -35.79 4.51 10.70
C LEU B 173 -36.86 3.48 10.34
N ASP B 174 -36.79 2.97 9.12
CA ASP B 174 -37.77 1.98 8.71
C ASP B 174 -37.39 0.60 9.21
N PHE B 175 -37.81 0.30 10.43
CA PHE B 175 -37.53 -1.00 11.02
C PHE B 175 -38.44 -2.08 10.46
N LYS B 176 -39.74 -1.82 10.51
CA LYS B 176 -40.78 -2.75 10.04
C LYS B 176 -40.60 -3.29 8.64
N GLU B 177 -40.05 -2.47 7.73
CA GLU B 177 -39.82 -2.95 6.38
C GLU B 177 -38.34 -3.11 6.02
N ASN B 178 -37.48 -2.26 6.59
CA ASN B 178 -36.04 -2.35 6.30
C ASN B 178 -35.14 -2.42 7.54
N ALA B 179 -35.21 -3.54 8.25
CA ALA B 179 -34.42 -3.74 9.45
C ALA B 179 -32.92 -3.76 9.18
N GLU B 180 -32.49 -4.66 8.30
CA GLU B 180 -31.07 -4.77 7.99
C GLU B 180 -30.51 -3.50 7.38
N GLN B 181 -31.38 -2.68 6.83
CA GLN B 181 -30.93 -1.43 6.22
C GLN B 181 -30.79 -0.42 7.35
N SER B 182 -31.78 -0.39 8.23
CA SER B 182 -31.78 0.51 9.36
C SER B 182 -30.62 0.17 10.29
N ARG B 183 -30.31 -1.13 10.37
CA ARG B 183 -29.21 -1.62 11.20
C ARG B 183 -27.94 -0.99 10.66
N ALA B 184 -27.77 -1.04 9.35
CA ALA B 184 -26.58 -0.45 8.73
C ALA B 184 -26.58 1.07 8.95
N ALA B 185 -27.77 1.66 8.97
CA ALA B 185 -27.93 3.09 9.19
C ALA B 185 -27.36 3.41 10.55
N ILE B 186 -27.99 2.83 11.58
CA ILE B 186 -27.57 3.04 12.95
C ILE B 186 -26.08 2.76 13.09
N ASN B 187 -25.64 1.61 12.61
CA ASN B 187 -24.25 1.24 12.69
C ASN B 187 -23.36 2.28 12.02
N LYS B 188 -23.66 2.63 10.77
CA LYS B 188 -22.87 3.62 10.04
C LYS B 188 -23.00 5.01 10.63
N TRP B 189 -23.77 5.16 11.69
CA TRP B 189 -23.87 6.47 12.33
C TRP B 189 -22.85 6.50 13.46
N VAL B 190 -22.80 5.43 14.24
CA VAL B 190 -21.87 5.32 15.35
C VAL B 190 -20.43 5.18 14.89
N SER B 191 -20.21 4.37 13.86
CA SER B 191 -18.86 4.16 13.33
C SER B 191 -18.42 5.43 12.62
N ASN B 192 -19.14 6.50 12.92
CA ASN B 192 -18.85 7.80 12.37
C ASN B 192 -18.38 8.64 13.54
N LYS B 193 -19.32 9.03 14.39
CA LYS B 193 -19.04 9.83 15.56
C LYS B 193 -17.78 9.34 16.26
N THR B 194 -17.52 8.04 16.20
CA THR B 194 -16.34 7.48 16.85
C THR B 194 -15.12 7.39 15.93
N GLU B 195 -15.09 8.23 14.90
CA GLU B 195 -13.98 8.24 13.95
C GLU B 195 -13.70 6.83 13.46
N GLY B 196 -14.69 6.23 12.81
CA GLY B 196 -14.54 4.88 12.31
C GLY B 196 -13.87 3.94 13.28
N ARG B 197 -14.01 4.19 14.58
CA ARG B 197 -13.40 3.31 15.56
C ARG B 197 -14.36 2.33 16.22
N ILE B 198 -15.55 2.79 16.60
CA ILE B 198 -16.55 1.89 17.20
C ILE B 198 -17.37 1.31 16.05
N THR B 199 -16.98 0.13 15.62
CA THR B 199 -17.62 -0.54 14.49
C THR B 199 -18.56 -1.67 14.91
N ASP B 200 -19.68 -1.78 14.19
CA ASP B 200 -20.70 -2.80 14.43
C ASP B 200 -21.35 -2.68 15.80
N VAL B 201 -22.03 -1.58 16.07
CA VAL B 201 -22.67 -1.41 17.36
C VAL B 201 -23.77 -2.45 17.50
N ILE B 202 -24.71 -2.45 16.57
CA ILE B 202 -25.81 -3.42 16.60
C ILE B 202 -25.45 -4.60 15.70
N PRO B 203 -25.49 -5.82 16.26
CA PRO B 203 -25.17 -7.05 15.52
C PRO B 203 -26.35 -7.51 14.68
N SER B 204 -26.08 -8.38 13.70
CA SER B 204 -27.16 -8.87 12.86
C SER B 204 -28.17 -9.66 13.69
N GLU B 205 -29.44 -9.54 13.32
CA GLU B 205 -30.50 -10.25 14.02
C GLU B 205 -30.80 -9.64 15.39
N ALA B 206 -30.28 -8.44 15.64
CA ALA B 206 -30.55 -7.76 16.90
C ALA B 206 -31.74 -6.85 16.69
N ILE B 207 -32.01 -6.59 15.42
CA ILE B 207 -33.11 -5.74 15.03
C ILE B 207 -33.84 -6.45 13.90
N ASN B 208 -35.16 -6.57 14.05
CA ASN B 208 -36.00 -7.20 13.05
C ASN B 208 -37.20 -6.31 12.78
N GLU B 209 -38.05 -6.73 11.85
CA GLU B 209 -39.23 -5.95 11.49
C GLU B 209 -40.18 -5.70 12.66
N LEU B 210 -39.84 -6.22 13.83
CA LEU B 210 -40.65 -6.03 15.03
C LEU B 210 -40.06 -5.00 15.97
N THR B 211 -38.86 -4.50 15.63
CA THR B 211 -38.22 -3.51 16.48
C THR B 211 -38.98 -2.19 16.51
N VAL B 212 -39.28 -1.73 17.72
CA VAL B 212 -40.01 -0.48 17.89
C VAL B 212 -39.08 0.69 18.17
N LEU B 213 -38.47 0.66 19.35
CA LEU B 213 -37.56 1.71 19.78
C LEU B 213 -36.21 1.09 20.07
N VAL B 214 -35.14 1.74 19.63
CA VAL B 214 -33.82 1.22 19.87
C VAL B 214 -32.91 2.27 20.47
N LEU B 215 -32.13 1.86 21.48
CA LEU B 215 -31.24 2.78 22.15
C LEU B 215 -29.78 2.39 21.94
N VAL B 216 -28.99 3.34 21.46
CA VAL B 216 -27.57 3.09 21.25
C VAL B 216 -26.85 4.13 22.11
N ASN B 217 -25.61 3.83 22.51
CA ASN B 217 -24.84 4.76 23.36
C ASN B 217 -23.40 4.31 23.57
N THR B 218 -22.46 5.13 23.12
CA THR B 218 -21.05 4.80 23.27
C THR B 218 -20.23 6.08 23.44
N ILE B 219 -19.10 5.97 24.14
CA ILE B 219 -18.24 7.13 24.33
C ILE B 219 -16.85 6.74 23.89
N TYR B 220 -16.21 7.67 23.22
CA TYR B 220 -14.88 7.48 22.63
C TYR B 220 -13.87 8.44 23.23
N PHE B 221 -12.73 7.94 23.67
CA PHE B 221 -11.70 8.79 24.24
C PHE B 221 -10.30 8.58 23.66
N LYS B 222 -9.74 9.63 23.06
CA LYS B 222 -8.40 9.56 22.48
C LYS B 222 -7.53 10.51 23.27
N GLY B 223 -6.41 10.03 23.80
CA GLY B 223 -5.57 10.91 24.58
C GLY B 223 -4.12 10.48 24.78
N LEU B 224 -3.27 11.44 25.09
CA LEU B 224 -1.86 11.13 25.32
C LEU B 224 -1.50 11.38 26.75
N TRP B 225 -0.64 10.51 27.28
CA TRP B 225 -0.19 10.66 28.65
C TRP B 225 0.46 12.02 28.80
N LYS B 226 0.25 12.65 29.94
CA LYS B 226 0.89 13.92 30.19
C LYS B 226 2.34 13.52 30.38
N SER B 227 2.53 12.30 30.85
CA SER B 227 3.87 11.74 31.07
C SER B 227 3.95 10.34 30.46
N LYS B 228 4.27 10.31 29.17
CA LYS B 228 4.39 9.08 28.40
C LYS B 228 5.43 8.12 28.94
N PHE B 229 5.38 6.87 28.49
CA PHE B 229 6.36 5.89 28.91
C PHE B 229 7.33 5.74 27.74
N SER B 230 8.59 5.44 28.04
CA SER B 230 9.56 5.25 26.96
C SER B 230 9.54 3.80 26.50
N PRO B 231 9.20 3.58 25.22
CA PRO B 231 9.11 2.24 24.62
C PRO B 231 10.31 1.37 24.93
N GLU B 232 11.47 2.01 25.09
CA GLU B 232 12.74 1.33 25.37
C GLU B 232 12.78 0.75 26.76
N ASN B 233 11.79 1.14 27.58
CA ASN B 233 11.69 0.67 28.96
C ASN B 233 10.63 -0.43 29.08
N THR B 234 9.75 -0.50 28.10
CA THR B 234 8.72 -1.53 28.09
C THR B 234 9.45 -2.86 28.09
N ARG B 235 8.85 -3.88 28.68
CA ARG B 235 9.51 -5.18 28.74
C ARG B 235 8.56 -6.34 28.98
N LYS B 236 9.01 -7.53 28.61
CA LYS B 236 8.22 -8.74 28.79
C LYS B 236 8.38 -9.27 30.20
N GLU B 237 7.29 -9.18 30.96
CA GLU B 237 7.28 -9.65 32.35
C GLU B 237 6.01 -10.43 32.66
N LEU B 238 6.04 -11.13 33.79
CA LEU B 238 4.92 -11.96 34.21
C LEU B 238 3.76 -11.24 34.87
N PHE B 239 2.56 -11.50 34.36
CA PHE B 239 1.35 -10.93 34.95
C PHE B 239 0.63 -12.15 35.52
N TYR B 240 0.37 -12.11 36.82
CA TYR B 240 -0.26 -13.22 37.50
C TYR B 240 -1.76 -13.07 37.57
N LYS B 241 -2.46 -13.97 36.87
CA LYS B 241 -3.93 -13.95 36.84
C LYS B 241 -4.54 -14.52 38.12
N ALA B 242 -5.84 -14.33 38.29
CA ALA B 242 -6.53 -14.80 39.48
C ALA B 242 -6.50 -16.32 39.66
N ASP B 243 -6.65 -17.05 38.57
CA ASP B 243 -6.63 -18.51 38.63
C ASP B 243 -5.25 -19.10 38.95
N GLY B 244 -4.39 -18.29 39.57
CA GLY B 244 -3.07 -18.78 39.93
C GLY B 244 -2.09 -18.85 38.77
N GLU B 245 -2.59 -19.10 37.57
CA GLU B 245 -1.76 -19.18 36.38
C GLU B 245 -1.23 -17.82 35.98
N SER B 246 -0.02 -17.76 35.46
CA SER B 246 0.55 -16.49 35.05
C SER B 246 0.69 -16.43 33.53
N CYS B 247 1.15 -15.30 33.02
CA CYS B 247 1.35 -15.13 31.60
C CYS B 247 2.21 -13.91 31.31
N SER B 248 2.81 -13.86 30.14
CA SER B 248 3.68 -12.76 29.75
C SER B 248 2.89 -11.57 29.24
N ALA B 249 3.37 -10.37 29.59
CA ALA B 249 2.73 -9.12 29.20
C ALA B 249 3.79 -8.08 28.94
N SER B 250 3.46 -7.10 28.11
CA SER B 250 4.39 -6.02 27.80
C SER B 250 4.29 -5.01 28.94
N MET B 251 5.22 -5.08 29.88
CA MET B 251 5.22 -4.19 31.03
C MET B 251 5.91 -2.89 30.69
N MET B 252 5.19 -1.79 30.85
CA MET B 252 5.75 -0.47 30.57
C MET B 252 6.38 0.05 31.86
N TYR B 253 7.45 0.83 31.72
CA TYR B 253 8.15 1.37 32.88
C TYR B 253 8.25 2.89 32.86
N GLN B 254 8.30 3.47 34.05
CA GLN B 254 8.39 4.92 34.18
C GLN B 254 8.60 5.33 35.62
N GLU B 255 9.42 6.36 35.82
CA GLU B 255 9.70 6.85 37.15
C GLU B 255 9.47 8.36 37.14
N GLY B 256 8.71 8.83 38.11
CA GLY B 256 8.42 10.25 38.22
C GLY B 256 7.56 10.50 39.43
N LYS B 257 7.09 11.73 39.57
CA LYS B 257 6.21 12.07 40.68
C LYS B 257 4.78 11.84 40.16
N PHE B 258 3.99 11.11 40.94
CA PHE B 258 2.61 10.80 40.58
C PHE B 258 1.76 10.87 41.83
N ARG B 259 0.48 11.15 41.67
CA ARG B 259 -0.39 11.20 42.84
C ARG B 259 -0.58 9.74 43.27
N TYR B 260 -0.20 9.43 44.50
CA TYR B 260 -0.30 8.07 44.95
C TYR B 260 -1.00 7.98 46.29
N ARG B 261 -1.45 6.78 46.64
CA ARG B 261 -2.12 6.59 47.92
C ARG B 261 -2.28 5.12 48.25
N ARG B 262 -1.60 4.71 49.32
CA ARG B 262 -1.67 3.34 49.79
C ARG B 262 -2.78 3.39 50.81
N VAL B 263 -3.87 2.69 50.56
CA VAL B 263 -5.00 2.68 51.47
C VAL B 263 -5.06 1.44 52.35
N ALA B 264 -6.28 1.02 52.69
CA ALA B 264 -6.50 -0.13 53.56
C ALA B 264 -6.04 -1.46 52.99
N GLU B 265 -5.32 -2.21 53.82
CA GLU B 265 -4.82 -3.53 53.44
C GLU B 265 -3.88 -3.57 52.25
N GLY B 266 -3.03 -2.55 52.17
CA GLY B 266 -2.05 -2.48 51.10
C GLY B 266 -2.50 -2.13 49.70
N THR B 267 -3.79 -1.90 49.50
CA THR B 267 -4.30 -1.55 48.19
C THR B 267 -3.74 -0.19 47.79
N GLN B 268 -3.14 -0.10 46.62
CA GLN B 268 -2.57 1.15 46.14
C GLN B 268 -3.41 1.85 45.08
N VAL B 269 -3.52 3.17 45.19
CA VAL B 269 -4.26 3.95 44.20
C VAL B 269 -3.22 4.79 43.47
N LEU B 270 -3.19 4.70 42.15
CA LEU B 270 -2.22 5.43 41.35
C LEU B 270 -2.93 6.22 40.27
N GLU B 271 -2.61 7.51 40.13
CA GLU B 271 -3.26 8.32 39.09
C GLU B 271 -2.29 8.79 38.01
N LEU B 272 -2.65 8.54 36.75
CA LEU B 272 -1.84 8.96 35.60
C LEU B 272 -2.73 9.86 34.77
N PRO B 273 -2.41 11.17 34.73
CA PRO B 273 -3.19 12.16 33.98
C PRO B 273 -2.89 12.20 32.49
N PHE B 274 -3.85 12.68 31.71
CA PHE B 274 -3.67 12.82 30.28
C PHE B 274 -3.29 14.28 30.02
N LYS B 275 -2.80 14.59 28.82
CA LYS B 275 -2.44 15.97 28.47
C LYS B 275 -3.66 16.84 28.71
N GLY B 276 -3.60 17.67 29.74
CA GLY B 276 -4.73 18.53 30.07
C GLY B 276 -5.05 18.50 31.56
N ASP B 277 -4.87 17.34 32.18
CA ASP B 277 -5.14 17.19 33.61
C ASP B 277 -6.63 17.25 33.94
N ASP B 278 -7.46 17.13 32.91
CA ASP B 278 -8.89 17.15 33.15
C ASP B 278 -9.39 15.73 33.12
N ILE B 279 -8.66 14.88 32.40
CA ILE B 279 -8.98 13.47 32.30
C ILE B 279 -7.80 12.64 32.76
N THR B 280 -8.07 11.65 33.59
CA THR B 280 -7.01 10.81 34.11
C THR B 280 -7.45 9.38 34.24
N MET B 281 -6.49 8.50 34.35
CA MET B 281 -6.78 7.08 34.56
C MET B 281 -6.33 6.80 35.97
N VAL B 282 -7.25 6.24 36.76
CA VAL B 282 -6.96 5.92 38.14
C VAL B 282 -6.88 4.41 38.27
N LEU B 283 -5.80 3.91 38.84
CA LEU B 283 -5.66 2.46 39.05
C LEU B 283 -5.86 2.11 40.52
N ILE B 284 -6.67 1.09 40.79
CA ILE B 284 -6.88 0.60 42.15
C ILE B 284 -6.26 -0.80 42.14
N LEU B 285 -5.05 -0.91 42.69
CA LEU B 285 -4.33 -2.17 42.73
C LEU B 285 -4.18 -2.77 44.13
N PRO B 286 -4.84 -3.92 44.37
CA PRO B 286 -4.79 -4.61 45.66
C PRO B 286 -3.47 -5.39 45.77
N LYS B 287 -2.94 -5.56 46.98
CA LYS B 287 -1.66 -6.26 47.12
C LYS B 287 -1.69 -7.69 46.61
N PRO B 288 -0.53 -8.26 46.31
CA PRO B 288 -0.41 -9.63 45.80
C PRO B 288 -1.42 -10.65 46.33
N GLU B 289 -1.51 -10.81 47.65
CA GLU B 289 -2.43 -11.76 48.26
C GLU B 289 -3.91 -11.39 48.14
N LYS B 290 -4.32 -10.25 48.69
CA LYS B 290 -5.71 -9.83 48.64
C LYS B 290 -6.38 -9.96 47.27
N SER B 291 -7.65 -10.34 47.28
CA SER B 291 -8.45 -10.51 46.07
C SER B 291 -9.12 -9.23 45.62
N LEU B 292 -9.23 -9.05 44.30
CA LEU B 292 -9.84 -7.86 43.76
C LEU B 292 -11.31 -7.90 44.07
N ALA B 293 -11.82 -9.12 44.20
CA ALA B 293 -13.24 -9.33 44.49
C ALA B 293 -13.69 -8.57 45.75
N LYS B 294 -12.92 -8.69 46.82
CA LYS B 294 -13.26 -8.00 48.06
C LYS B 294 -13.32 -6.51 47.81
N VAL B 295 -12.24 -5.97 47.25
CA VAL B 295 -12.14 -4.55 46.94
C VAL B 295 -13.36 -4.11 46.13
N GLU B 296 -13.67 -4.86 45.09
CA GLU B 296 -14.81 -4.56 44.25
C GLU B 296 -16.10 -4.49 45.06
N LYS B 297 -16.26 -5.41 46.01
CA LYS B 297 -17.45 -5.46 46.87
C LYS B 297 -17.46 -4.28 47.84
N GLU B 298 -16.28 -3.87 48.26
CA GLU B 298 -16.12 -2.75 49.18
C GLU B 298 -16.36 -1.41 48.49
N LEU B 299 -16.28 -1.41 47.16
CA LEU B 299 -16.44 -0.19 46.37
C LEU B 299 -17.77 0.53 46.50
N THR B 300 -17.71 1.77 47.00
CA THR B 300 -18.88 2.62 47.17
C THR B 300 -18.44 3.99 46.66
N PRO B 301 -19.38 4.84 46.23
CA PRO B 301 -19.01 6.17 45.71
C PRO B 301 -18.17 6.99 46.69
N GLU B 302 -18.58 6.99 47.96
CA GLU B 302 -17.85 7.73 48.96
C GLU B 302 -16.46 7.18 49.27
N VAL B 303 -16.28 5.86 49.18
CA VAL B 303 -14.97 5.27 49.44
C VAL B 303 -14.02 5.72 48.34
N LEU B 304 -14.50 5.66 47.11
CA LEU B 304 -13.69 6.06 45.97
C LEU B 304 -13.30 7.51 46.12
N GLN B 305 -14.25 8.33 46.55
CA GLN B 305 -14.01 9.77 46.74
C GLN B 305 -12.95 10.01 47.84
N GLU B 306 -13.09 9.31 48.97
CA GLU B 306 -12.13 9.47 50.05
C GLU B 306 -10.76 9.19 49.48
N TRP B 307 -10.62 8.06 48.77
CA TRP B 307 -9.32 7.70 48.19
C TRP B 307 -8.78 8.76 47.25
N LEU B 308 -9.62 9.27 46.35
CA LEU B 308 -9.18 10.29 45.42
C LEU B 308 -8.65 11.52 46.13
N ASP B 309 -9.38 12.02 47.10
CA ASP B 309 -8.88 13.20 47.81
C ASP B 309 -7.57 12.90 48.52
N GLU B 310 -7.50 11.75 49.21
CA GLU B 310 -6.31 11.37 49.96
C GLU B 310 -5.05 11.39 49.12
N LEU B 311 -5.21 11.30 47.81
CA LEU B 311 -4.05 11.27 46.92
C LEU B 311 -3.03 12.39 47.16
N GLU B 312 -1.76 12.05 47.05
CA GLU B 312 -0.68 13.00 47.22
C GLU B 312 0.43 12.71 46.23
N GLU B 313 0.88 13.75 45.54
CA GLU B 313 1.93 13.59 44.57
C GLU B 313 3.09 12.89 45.27
N MET B 314 3.75 11.97 44.57
CA MET B 314 4.86 11.24 45.16
C MET B 314 5.81 10.75 44.08
N MET B 315 7.07 10.59 44.47
CA MET B 315 8.12 10.14 43.57
C MET B 315 8.15 8.62 43.66
N LEU B 316 7.70 7.95 42.60
CA LEU B 316 7.68 6.51 42.58
C LEU B 316 8.11 5.86 41.27
N CYS B 317 8.28 4.56 41.35
CA CYS B 317 8.71 3.65 40.28
C CYS B 317 7.42 2.96 39.84
N VAL B 318 7.11 2.92 38.55
CA VAL B 318 5.86 2.30 38.09
C VAL B 318 5.88 1.27 36.95
N HIS B 319 5.34 0.09 37.22
CA HIS B 319 5.27 -0.98 36.22
C HIS B 319 3.80 -1.08 35.81
N MET B 320 3.49 -0.82 34.55
CA MET B 320 2.11 -0.94 34.08
C MET B 320 2.18 -1.61 32.72
N PRO B 321 1.25 -2.52 32.44
CA PRO B 321 1.28 -3.20 31.14
C PRO B 321 0.38 -2.64 30.05
N ARG B 322 0.74 -2.92 28.80
CA ARG B 322 -0.08 -2.49 27.67
C ARG B 322 -1.34 -3.34 27.82
N PHE B 323 -2.46 -2.88 27.30
CA PHE B 323 -3.65 -3.70 27.40
C PHE B 323 -4.81 -3.11 26.66
N ARG B 324 -5.80 -3.93 26.39
CA ARG B 324 -7.00 -3.46 25.72
C ARG B 324 -8.17 -4.23 26.29
N ILE B 325 -9.05 -3.51 26.97
CA ILE B 325 -10.24 -4.16 27.51
C ILE B 325 -11.39 -3.52 26.76
N GLU B 326 -12.49 -4.24 26.61
CA GLU B 326 -13.62 -3.72 25.85
C GLU B 326 -14.82 -4.62 25.97
N ASP B 327 -15.98 -4.08 25.62
CA ASP B 327 -17.17 -4.89 25.62
C ASP B 327 -18.43 -4.28 25.03
N GLY B 328 -19.03 -5.02 24.10
CA GLY B 328 -20.27 -4.63 23.47
C GLY B 328 -21.37 -5.16 24.37
N PHE B 329 -22.10 -4.22 24.97
CA PHE B 329 -23.16 -4.55 25.90
C PHE B 329 -24.60 -4.60 25.38
N SER B 330 -25.41 -5.41 26.05
CA SER B 330 -26.82 -5.58 25.75
C SER B 330 -27.50 -5.32 27.09
N LEU B 331 -27.35 -4.09 27.55
CA LEU B 331 -27.88 -3.63 28.82
C LEU B 331 -29.26 -4.16 29.20
N LYS B 332 -30.15 -4.30 28.22
CA LYS B 332 -31.50 -4.76 28.53
C LYS B 332 -31.48 -5.81 29.63
N GLU B 333 -30.71 -6.85 29.43
CA GLU B 333 -30.61 -7.92 30.39
C GLU B 333 -30.24 -7.41 31.77
N GLN B 334 -28.99 -6.98 31.92
CA GLN B 334 -28.46 -6.46 33.19
C GLN B 334 -29.39 -5.44 33.87
N LEU B 335 -29.74 -4.37 33.17
CA LEU B 335 -30.59 -3.34 33.73
C LEU B 335 -31.89 -3.83 34.34
N GLN B 336 -32.71 -4.50 33.56
CA GLN B 336 -33.96 -4.98 34.12
C GLN B 336 -33.68 -5.88 35.29
N ASP B 337 -32.61 -6.67 35.18
CA ASP B 337 -32.21 -7.57 36.24
C ASP B 337 -31.92 -6.74 37.48
N MET B 338 -31.58 -5.47 37.27
CA MET B 338 -31.30 -4.55 38.36
C MET B 338 -32.58 -3.83 38.79
N GLY B 339 -33.68 -4.06 38.07
CA GLY B 339 -34.92 -3.42 38.44
C GLY B 339 -35.54 -2.50 37.40
N LEU B 340 -34.93 -2.45 36.22
CA LEU B 340 -35.45 -1.60 35.16
C LEU B 340 -36.34 -2.50 34.29
N VAL B 341 -37.63 -2.52 34.60
CA VAL B 341 -38.61 -3.37 33.93
C VAL B 341 -39.54 -2.79 32.88
N ASP B 342 -40.54 -2.03 33.32
CA ASP B 342 -41.52 -1.42 32.43
C ASP B 342 -41.00 -0.89 31.09
N LEU B 343 -39.88 -0.18 31.11
CA LEU B 343 -39.31 0.39 29.91
C LEU B 343 -39.06 -0.62 28.80
N PHE B 344 -38.71 -1.85 29.18
CA PHE B 344 -38.44 -2.89 28.20
C PHE B 344 -39.69 -3.73 27.87
N SER B 345 -40.78 -3.49 28.59
CA SER B 345 -42.03 -4.23 28.41
C SER B 345 -43.07 -3.45 27.60
N PRO B 346 -43.51 -4.01 26.47
CA PRO B 346 -44.51 -3.39 25.60
C PRO B 346 -45.81 -3.10 26.33
N GLU B 347 -46.17 -3.98 27.26
CA GLU B 347 -47.38 -3.84 28.03
C GLU B 347 -47.27 -2.80 29.14
N LYS B 348 -46.21 -2.90 29.93
CA LYS B 348 -46.02 -2.01 31.07
C LYS B 348 -45.35 -0.65 30.81
N SER B 349 -44.51 -0.54 29.79
CA SER B 349 -43.83 0.72 29.48
C SER B 349 -44.82 1.89 29.43
N LYS B 350 -44.27 3.09 29.29
CA LYS B 350 -45.09 4.29 29.21
C LYS B 350 -44.22 5.51 28.93
N LEU B 351 -44.11 5.84 27.64
CA LEU B 351 -43.32 6.97 27.19
C LEU B 351 -44.18 7.95 26.39
N PRO B 352 -45.22 8.50 27.03
CA PRO B 352 -46.11 9.45 26.35
C PRO B 352 -45.35 10.64 25.81
N GLY B 353 -44.15 10.86 26.32
CA GLY B 353 -43.34 11.98 25.89
C GLY B 353 -42.80 11.86 24.48
N ILE B 354 -42.69 10.64 23.97
CA ILE B 354 -42.18 10.42 22.61
C ILE B 354 -43.31 10.23 21.61
N VAL B 355 -44.27 9.39 21.97
CA VAL B 355 -45.41 9.10 21.11
C VAL B 355 -46.72 9.04 21.89
N ALA B 356 -47.74 9.70 21.37
CA ALA B 356 -49.05 9.71 22.00
C ALA B 356 -49.64 8.30 22.01
N GLU B 357 -49.50 7.62 20.87
CA GLU B 357 -49.97 6.24 20.65
C GLU B 357 -50.23 6.05 19.16
N GLY B 358 -49.21 6.28 18.35
CA GLY B 358 -49.31 6.16 16.90
C GLY B 358 -49.72 4.79 16.40
N ARG B 359 -48.97 3.76 16.77
CA ARG B 359 -49.24 2.38 16.40
C ARG B 359 -49.22 1.53 17.68
N ASP B 360 -49.61 2.16 18.78
CA ASP B 360 -49.67 1.54 20.11
C ASP B 360 -48.35 1.44 20.85
N ASP B 361 -48.45 0.96 22.08
CA ASP B 361 -47.32 0.78 23.01
C ASP B 361 -45.91 1.00 22.50
N LEU B 362 -45.30 2.07 22.97
CA LEU B 362 -43.94 2.44 22.59
C LEU B 362 -43.05 2.02 23.75
N TYR B 363 -41.98 1.30 23.43
CA TYR B 363 -41.06 0.81 24.45
C TYR B 363 -39.68 0.56 23.85
N VAL B 364 -38.66 0.54 24.70
CA VAL B 364 -37.30 0.30 24.24
C VAL B 364 -37.09 -1.17 23.94
N SER B 365 -37.11 -1.51 22.65
CA SER B 365 -36.89 -2.89 22.24
C SER B 365 -35.59 -3.39 22.85
N ASP B 366 -34.51 -2.67 22.59
CA ASP B 366 -33.20 -3.05 23.11
C ASP B 366 -32.28 -1.83 23.21
N ALA B 367 -31.23 -1.97 24.02
CA ALA B 367 -30.25 -0.90 24.22
C ALA B 367 -28.88 -1.49 24.01
N PHE B 368 -28.09 -0.85 23.15
CA PHE B 368 -26.75 -1.35 22.85
C PHE B 368 -25.61 -0.46 23.37
N HIS B 369 -24.66 -1.08 24.08
CA HIS B 369 -23.52 -0.37 24.64
C HIS B 369 -22.24 -0.84 23.96
N LYS B 370 -21.22 0.00 23.96
CA LYS B 370 -19.95 -0.37 23.36
C LYS B 370 -18.87 0.61 23.77
N ALA B 371 -17.91 0.12 24.55
CA ALA B 371 -16.81 0.95 25.02
C ALA B 371 -15.56 0.10 24.99
N PHE B 372 -14.41 0.75 24.88
CA PHE B 372 -13.15 0.02 24.86
C PHE B 372 -12.03 0.96 25.21
N LEU B 373 -10.97 0.40 25.77
CA LEU B 373 -9.81 1.16 26.18
C LEU B 373 -8.58 0.39 25.74
N GLU B 374 -7.62 1.10 25.15
CA GLU B 374 -6.39 0.49 24.69
C GLU B 374 -5.25 1.40 25.09
N VAL B 375 -4.56 1.04 26.15
CA VAL B 375 -3.46 1.82 26.71
C VAL B 375 -2.07 1.35 26.32
N ASN B 376 -1.15 2.28 26.15
CA ASN B 376 0.25 1.95 25.82
C ASN B 376 1.16 3.09 26.19
N GLU B 377 2.41 3.02 25.77
CA GLU B 377 3.37 4.05 26.10
C GLU B 377 2.92 5.47 25.79
N GLU B 378 2.25 5.66 24.66
CA GLU B 378 1.80 7.00 24.25
C GLU B 378 0.59 7.58 24.96
N GLY B 379 -0.44 6.75 25.15
CA GLY B 379 -1.66 7.20 25.80
C GLY B 379 -2.82 6.27 25.53
N SER B 380 -4.01 6.84 25.46
CA SER B 380 -5.21 6.05 25.20
C SER B 380 -5.58 6.16 23.74
N GLU B 381 -5.47 5.06 23.01
CA GLU B 381 -5.83 5.07 21.60
C GLU B 381 -4.74 5.86 20.86
N ALA B 382 -3.49 5.64 21.26
CA ALA B 382 -2.38 6.36 20.64
C ALA B 382 -1.51 5.52 19.72
N ALA B 383 -0.31 6.02 19.45
CA ALA B 383 0.64 5.34 18.57
C ALA B 383 1.23 4.08 19.18
N ALA B 384 0.78 2.93 18.71
CA ALA B 384 1.29 1.65 19.20
C ALA B 384 2.70 1.49 18.68
N SER B 385 3.55 0.77 19.43
CA SER B 385 4.93 0.52 19.02
C SER B 385 5.07 -0.95 18.64
N THR B 386 6.24 -1.35 18.18
CA THR B 386 6.42 -2.74 17.79
C THR B 386 7.81 -3.26 18.13
N ALA B 387 8.75 -2.35 18.35
CA ALA B 387 10.12 -2.71 18.71
C ALA B 387 10.08 -3.97 19.59
N VAL B 388 10.72 -5.03 19.10
CA VAL B 388 10.76 -6.31 19.82
C VAL B 388 10.99 -6.09 21.31
N VAL B 389 9.99 -6.46 22.11
CA VAL B 389 10.07 -6.30 23.55
C VAL B 389 11.12 -7.20 24.19
N ILE B 390 12.13 -6.57 24.79
CA ILE B 390 13.22 -7.27 25.46
C ILE B 390 12.62 -8.01 26.67
N ALA B 391 13.42 -8.89 27.26
CA ALA B 391 12.97 -9.64 28.42
C ALA B 391 13.71 -9.21 29.65
N GLY B 392 13.24 -9.71 30.79
CA GLY B 392 13.86 -9.40 32.06
C GLY B 392 13.94 -7.95 32.47
N ARG B 393 14.05 -7.75 33.78
CA ARG B 393 14.15 -6.43 34.36
C ARG B 393 14.83 -6.52 35.72
N SER B 394 16.06 -6.02 35.80
CA SER B 394 16.77 -6.03 37.06
C SER B 394 15.99 -5.18 38.05
N LEU B 395 16.17 -5.43 39.36
CA LEU B 395 15.47 -4.65 40.38
C LEU B 395 16.00 -3.24 40.45
N ASN B 396 15.10 -2.27 40.56
CA ASN B 396 15.49 -0.87 40.67
C ASN B 396 16.07 -0.67 42.06
N PRO B 397 17.31 -0.17 42.15
CA PRO B 397 17.84 0.03 43.50
C PRO B 397 17.10 1.18 44.19
N ASN B 398 17.64 1.61 45.32
CA ASN B 398 17.03 2.69 46.09
C ASN B 398 15.50 2.69 46.33
N ARG B 399 14.72 1.92 45.57
CA ARG B 399 13.27 1.92 45.81
C ARG B 399 12.52 0.75 45.16
N VAL B 400 11.46 0.27 45.80
CA VAL B 400 10.70 -0.84 45.22
C VAL B 400 9.87 -0.37 44.05
N CYS B 401 8.57 -0.62 44.01
CA CYS B 401 7.86 -0.24 42.79
C CYS B 401 6.39 -0.63 42.71
N PHE B 402 5.56 0.28 42.23
CA PHE B 402 4.14 -0.01 42.07
C PHE B 402 4.08 -0.94 40.85
N LYS B 403 3.54 -2.14 41.02
CA LYS B 403 3.49 -3.09 39.92
C LYS B 403 2.09 -3.63 39.63
N ALA B 404 1.54 -3.30 38.48
CA ALA B 404 0.23 -3.81 38.14
C ALA B 404 0.42 -5.16 37.45
N ASN B 405 1.01 -6.13 38.14
CA ASN B 405 1.22 -7.46 37.56
C ASN B 405 0.24 -8.47 38.16
N ARG B 406 -0.97 -7.99 38.44
CA ARG B 406 -2.06 -8.76 39.02
C ARG B 406 -3.33 -7.91 38.81
N PRO B 407 -4.50 -8.53 38.69
CA PRO B 407 -5.76 -7.80 38.47
C PRO B 407 -5.92 -6.48 39.19
N PHE B 408 -6.24 -5.43 38.45
CA PHE B 408 -6.42 -4.12 39.05
C PHE B 408 -7.64 -3.44 38.48
N LEU B 409 -8.18 -2.48 39.22
CA LEU B 409 -9.33 -1.75 38.75
C LEU B 409 -8.85 -0.59 37.89
N VAL B 410 -9.74 -0.04 37.06
CA VAL B 410 -9.34 1.07 36.21
C VAL B 410 -10.49 2.02 35.99
N PHE B 411 -10.25 3.31 36.24
CA PHE B 411 -11.27 4.36 36.07
C PHE B 411 -10.74 5.50 35.19
N ILE B 412 -11.54 5.92 34.22
CA ILE B 412 -11.18 7.03 33.34
C ILE B 412 -12.09 8.15 33.80
N ARG B 413 -11.54 9.11 34.54
CA ARG B 413 -12.35 10.20 35.07
C ARG B 413 -12.11 11.60 34.52
N GLU B 414 -13.18 12.39 34.55
CA GLU B 414 -13.16 13.79 34.13
C GLU B 414 -13.03 14.45 35.51
N VAL B 415 -11.86 14.98 35.82
CA VAL B 415 -11.64 15.57 37.14
C VAL B 415 -12.45 16.82 37.51
N PRO B 416 -12.45 17.85 36.65
CA PRO B 416 -13.21 19.05 37.01
C PRO B 416 -14.66 18.76 37.40
N LEU B 417 -15.33 17.94 36.60
CA LEU B 417 -16.74 17.57 36.81
C LEU B 417 -16.89 16.36 37.73
N ASN B 418 -15.76 15.81 38.16
CA ASN B 418 -15.74 14.63 39.03
C ASN B 418 -16.70 13.56 38.52
N THR B 419 -16.56 13.23 37.24
CA THR B 419 -17.41 12.24 36.61
C THR B 419 -16.63 11.01 36.14
N ILE B 420 -17.17 9.83 36.42
CA ILE B 420 -16.54 8.59 35.98
C ILE B 420 -17.03 8.36 34.56
N ILE B 421 -16.13 8.48 33.59
CA ILE B 421 -16.48 8.30 32.17
C ILE B 421 -16.39 6.82 31.82
N PHE B 422 -15.31 6.20 32.26
CA PHE B 422 -15.07 4.80 32.02
C PHE B 422 -14.61 4.10 33.29
N MET B 423 -14.98 2.82 33.43
CA MET B 423 -14.54 2.04 34.57
C MET B 423 -14.44 0.62 34.08
N GLY B 424 -13.44 -0.12 34.55
CA GLY B 424 -13.30 -1.49 34.13
C GLY B 424 -12.30 -2.26 34.98
N ARG B 425 -11.98 -3.47 34.55
CA ARG B 425 -11.03 -4.31 35.28
C ARG B 425 -10.08 -4.99 34.33
N VAL B 426 -8.79 -4.90 34.61
CA VAL B 426 -7.80 -5.54 33.77
C VAL B 426 -7.44 -6.80 34.55
N ALA B 427 -8.14 -7.89 34.24
CA ALA B 427 -7.89 -9.15 34.93
C ALA B 427 -6.89 -10.00 34.15
N ASN B 428 -6.77 -9.71 32.86
CA ASN B 428 -5.85 -10.45 31.99
C ASN B 428 -5.55 -9.61 30.75
N PRO B 429 -4.35 -9.03 30.69
CA PRO B 429 -3.93 -8.21 29.57
C PRO B 429 -3.01 -8.95 28.60
N CYS B 430 -2.68 -10.19 28.93
CA CYS B 430 -1.76 -10.99 28.14
C CYS B 430 -2.00 -11.25 26.67
N VAL B 431 -0.88 -11.51 26.00
CA VAL B 431 -0.80 -11.82 24.57
C VAL B 431 -2.08 -12.39 23.95
N LYS B 432 -2.73 -11.58 23.12
CA LYS B 432 -3.97 -11.97 22.45
C LYS B 432 -3.80 -13.01 21.33
N GLY C 2 -12.51 -0.88 -49.51
CA GLY C 2 -11.64 -2.07 -49.71
C GLY C 2 -11.86 -2.76 -51.04
N SER C 3 -11.44 -4.03 -51.13
CA SER C 3 -11.59 -4.82 -52.34
C SER C 3 -12.79 -5.78 -52.30
N PRO C 4 -12.82 -6.72 -51.33
CA PRO C 4 -13.93 -7.67 -51.23
C PRO C 4 -15.21 -7.06 -50.65
N VAL C 5 -16.18 -7.94 -50.39
CA VAL C 5 -17.46 -7.54 -49.83
C VAL C 5 -17.50 -7.85 -48.33
N ASP C 6 -18.24 -7.02 -47.59
CA ASP C 6 -18.37 -7.23 -46.16
C ASP C 6 -18.94 -8.63 -45.99
N ILE C 7 -18.11 -9.50 -45.41
CA ILE C 7 -18.47 -10.89 -45.20
C ILE C 7 -19.79 -11.10 -44.46
N CYS C 8 -20.05 -10.27 -43.46
CA CYS C 8 -21.28 -10.39 -42.67
C CYS C 8 -22.54 -10.52 -43.50
N THR C 9 -22.75 -9.58 -44.42
CA THR C 9 -23.94 -9.60 -45.27
C THR C 9 -23.84 -10.66 -46.35
N ALA C 10 -22.63 -10.87 -46.86
CA ALA C 10 -22.37 -11.85 -47.91
C ALA C 10 -22.78 -13.27 -47.52
N LYS C 11 -23.20 -14.06 -48.50
CA LYS C 11 -23.61 -15.43 -48.27
C LYS C 11 -22.56 -16.40 -48.81
N PRO C 12 -22.78 -17.71 -48.64
CA PRO C 12 -21.79 -18.67 -49.16
C PRO C 12 -21.73 -18.59 -50.69
N ARG C 13 -22.87 -18.24 -51.29
CA ARG C 13 -22.98 -18.10 -52.74
C ARG C 13 -22.26 -16.80 -53.12
N ASP C 14 -21.02 -16.71 -52.67
CA ASP C 14 -20.16 -15.55 -52.90
C ASP C 14 -18.91 -15.82 -52.09
N ILE C 15 -17.89 -14.98 -52.25
CA ILE C 15 -16.63 -15.16 -51.51
C ILE C 15 -16.10 -16.59 -51.64
N PRO C 16 -15.46 -16.91 -52.77
CA PRO C 16 -14.92 -18.25 -52.98
C PRO C 16 -13.98 -18.66 -51.85
N MET C 17 -14.41 -19.60 -51.03
CA MET C 17 -13.60 -20.07 -49.93
C MET C 17 -13.19 -21.52 -50.17
N ASN C 18 -11.92 -21.72 -50.49
CA ASN C 18 -11.40 -23.05 -50.80
C ASN C 18 -10.33 -23.58 -49.85
N PRO C 19 -10.71 -24.53 -48.97
CA PRO C 19 -9.77 -25.12 -48.03
C PRO C 19 -9.00 -26.25 -48.73
N MET C 20 -7.70 -26.08 -48.87
CA MET C 20 -6.86 -27.07 -49.55
C MET C 20 -7.20 -28.51 -49.15
N CYS C 21 -7.84 -28.68 -47.99
CA CYS C 21 -8.22 -30.01 -47.53
C CYS C 21 -9.64 -30.07 -47.00
N ILE C 22 -10.40 -31.02 -47.54
CA ILE C 22 -11.78 -31.23 -47.15
C ILE C 22 -11.84 -32.38 -46.15
N TYR C 23 -12.92 -32.45 -45.40
CA TYR C 23 -13.10 -33.48 -44.38
C TYR C 23 -14.38 -34.29 -44.57
N ARG C 24 -14.96 -34.26 -45.77
CA ARG C 24 -16.19 -34.98 -46.07
C ARG C 24 -15.90 -36.41 -46.54
N GLU C 37 -34.99 -32.75 -37.49
CA GLU C 37 -35.22 -31.34 -37.18
C GLU C 37 -34.35 -30.83 -36.04
N GLN C 38 -34.63 -31.32 -34.84
CA GLN C 38 -33.89 -30.92 -33.63
C GLN C 38 -34.32 -29.52 -33.16
N LYS C 39 -35.63 -29.32 -33.05
CA LYS C 39 -36.25 -28.06 -32.62
C LYS C 39 -35.32 -26.86 -32.45
N ILE C 40 -35.11 -26.14 -33.55
CA ILE C 40 -34.27 -24.95 -33.56
C ILE C 40 -35.26 -23.80 -33.39
N PRO C 41 -34.99 -22.85 -32.48
CA PRO C 41 -35.88 -21.70 -32.25
C PRO C 41 -36.22 -20.89 -33.50
N GLU C 42 -37.44 -20.36 -33.54
CA GLU C 42 -37.86 -19.55 -34.68
C GLU C 42 -36.89 -18.37 -34.81
N ALA C 43 -36.78 -17.83 -36.02
CA ALA C 43 -35.90 -16.70 -36.26
C ALA C 43 -34.45 -17.07 -35.95
N THR C 44 -33.93 -18.10 -36.61
CA THR C 44 -32.57 -18.56 -36.35
C THR C 44 -31.86 -19.02 -37.61
N ASN C 45 -30.56 -18.71 -37.68
CA ASN C 45 -29.73 -19.11 -38.82
C ASN C 45 -29.34 -20.54 -38.53
N ARG C 46 -29.87 -21.47 -39.31
CA ARG C 46 -29.60 -22.88 -39.13
C ARG C 46 -28.13 -23.15 -38.99
N ARG C 47 -27.35 -22.65 -39.94
CA ARG C 47 -25.90 -22.87 -39.93
C ARG C 47 -25.19 -22.37 -38.68
N VAL C 48 -25.39 -21.10 -38.33
CA VAL C 48 -24.74 -20.58 -37.13
C VAL C 48 -25.13 -21.40 -35.92
N TRP C 49 -26.43 -21.67 -35.78
CA TRP C 49 -26.95 -22.45 -34.67
C TRP C 49 -26.20 -23.77 -34.51
N GLU C 50 -25.99 -24.50 -35.60
CA GLU C 50 -25.29 -25.77 -35.49
C GLU C 50 -23.87 -25.54 -35.03
N LEU C 51 -23.17 -24.64 -35.71
CA LEU C 51 -21.80 -24.34 -35.34
C LEU C 51 -21.73 -24.11 -33.85
N SER C 52 -22.67 -23.35 -33.30
CA SER C 52 -22.67 -23.08 -31.88
C SER C 52 -22.84 -24.38 -31.11
N LYS C 53 -23.81 -25.18 -31.52
CA LYS C 53 -24.06 -26.46 -30.87
C LYS C 53 -22.73 -27.21 -30.76
N ALA C 54 -21.84 -26.95 -31.72
CA ALA C 54 -20.53 -27.60 -31.75
C ALA C 54 -19.59 -27.03 -30.67
N ASN C 55 -19.50 -25.71 -30.59
CA ASN C 55 -18.64 -25.07 -29.62
C ASN C 55 -19.05 -25.44 -28.20
N SER C 56 -20.34 -25.44 -27.92
CA SER C 56 -20.81 -25.78 -26.59
C SER C 56 -20.48 -27.20 -26.18
N ARG C 57 -20.22 -28.06 -27.17
CA ARG C 57 -19.86 -29.43 -26.88
C ARG C 57 -18.40 -29.40 -26.47
N PHE C 58 -17.56 -28.82 -27.31
CA PHE C 58 -16.15 -28.73 -26.94
C PHE C 58 -16.06 -28.09 -25.55
N ALA C 59 -16.91 -27.09 -25.31
CA ALA C 59 -16.91 -26.38 -24.03
C ALA C 59 -16.99 -27.31 -22.85
N THR C 60 -18.19 -27.80 -22.57
CA THR C 60 -18.42 -28.71 -21.44
C THR C 60 -17.39 -29.85 -21.44
N THR C 61 -17.12 -30.41 -22.61
CA THR C 61 -16.14 -31.48 -22.68
C THR C 61 -14.85 -31.01 -22.03
N PHE C 62 -14.22 -30.03 -22.69
CA PHE C 62 -12.98 -29.46 -22.22
C PHE C 62 -13.06 -29.00 -20.76
N TYR C 63 -14.19 -28.43 -20.35
CA TYR C 63 -14.27 -27.97 -18.97
C TYR C 63 -14.10 -29.13 -18.01
N GLN C 64 -14.88 -30.18 -18.22
CA GLN C 64 -14.84 -31.36 -17.37
C GLN C 64 -13.45 -31.98 -17.29
N HIS C 65 -12.82 -32.15 -18.44
CA HIS C 65 -11.48 -32.72 -18.51
C HIS C 65 -10.50 -31.89 -17.69
N LEU C 66 -10.61 -30.57 -17.80
CA LEU C 66 -9.75 -29.66 -17.07
C LEU C 66 -10.07 -29.74 -15.59
N ALA C 67 -11.35 -29.79 -15.26
CA ALA C 67 -11.77 -29.87 -13.87
C ALA C 67 -11.20 -31.10 -13.15
N ASP C 68 -11.02 -32.22 -13.87
CA ASP C 68 -10.44 -33.42 -13.26
C ASP C 68 -9.01 -33.15 -12.85
N SER C 69 -8.28 -32.44 -13.69
CA SER C 69 -6.89 -32.12 -13.39
C SER C 69 -6.76 -31.18 -12.19
N LYS C 70 -7.70 -30.26 -12.02
CA LYS C 70 -7.63 -29.33 -10.91
C LYS C 70 -8.20 -29.97 -9.65
N ASN C 71 -8.20 -29.23 -8.55
CA ASN C 71 -8.72 -29.72 -7.29
C ASN C 71 -10.02 -28.99 -6.97
N ASP C 72 -11.03 -29.74 -6.56
CA ASP C 72 -12.34 -29.19 -6.22
C ASP C 72 -12.34 -27.88 -5.43
N ASN C 73 -11.18 -27.47 -4.94
CA ASN C 73 -11.06 -26.23 -4.17
C ASN C 73 -10.41 -25.09 -4.93
N ASP C 74 -10.14 -25.29 -6.21
CA ASP C 74 -9.56 -24.24 -7.01
C ASP C 74 -10.60 -23.63 -7.93
N ASN C 75 -10.42 -22.35 -8.20
CA ASN C 75 -11.33 -21.65 -9.08
C ASN C 75 -10.91 -22.03 -10.49
N ILE C 76 -11.84 -22.03 -11.43
CA ILE C 76 -11.53 -22.35 -12.82
C ILE C 76 -12.07 -21.25 -13.69
N PHE C 77 -11.45 -21.08 -14.85
CA PHE C 77 -11.91 -20.07 -15.79
C PHE C 77 -11.17 -20.13 -17.12
N LEU C 78 -11.94 -20.31 -18.19
CA LEU C 78 -11.38 -20.33 -19.54
C LEU C 78 -12.40 -19.61 -20.44
N SER C 79 -12.22 -19.74 -21.75
CA SER C 79 -13.10 -19.17 -22.75
C SER C 79 -13.18 -20.19 -23.86
N PRO C 80 -14.08 -21.18 -23.73
CA PRO C 80 -14.17 -22.18 -24.78
C PRO C 80 -14.29 -21.61 -26.19
N LEU C 81 -14.98 -20.47 -26.30
CA LEU C 81 -15.18 -19.83 -27.59
C LEU C 81 -13.89 -19.32 -28.18
N SER C 82 -13.07 -18.73 -27.32
CA SER C 82 -11.76 -18.21 -27.71
C SER C 82 -10.92 -19.31 -28.35
N ILE C 83 -10.75 -20.41 -27.63
CA ILE C 83 -9.98 -21.55 -28.11
C ILE C 83 -10.61 -22.21 -29.35
N SER C 84 -11.90 -22.50 -29.30
CA SER C 84 -12.56 -23.12 -30.45
C SER C 84 -12.23 -22.27 -31.67
N THR C 85 -12.30 -20.95 -31.50
CA THR C 85 -12.03 -19.97 -32.56
C THR C 85 -10.58 -19.97 -33.02
N ALA C 86 -9.66 -19.86 -32.07
CA ALA C 86 -8.25 -19.83 -32.39
C ALA C 86 -7.79 -21.06 -33.14
N PHE C 87 -8.26 -22.24 -32.72
CA PHE C 87 -7.90 -23.49 -33.37
C PHE C 87 -8.60 -23.70 -34.71
N ALA C 88 -9.78 -23.10 -34.87
CA ALA C 88 -10.50 -23.23 -36.13
C ALA C 88 -9.56 -22.59 -37.15
N MET C 89 -8.98 -21.46 -36.77
CA MET C 89 -8.03 -20.74 -37.63
C MET C 89 -6.95 -21.73 -38.05
N THR C 90 -6.31 -22.33 -37.06
CA THR C 90 -5.27 -23.31 -37.34
C THR C 90 -5.77 -24.26 -38.40
N LYS C 91 -6.94 -24.85 -38.20
CA LYS C 91 -7.47 -25.80 -39.17
C LYS C 91 -7.90 -25.20 -40.50
N LEU C 92 -7.67 -23.91 -40.72
CA LEU C 92 -8.04 -23.31 -42.00
C LEU C 92 -7.17 -23.95 -43.08
N GLY C 93 -5.95 -24.31 -42.71
CA GLY C 93 -5.05 -24.92 -43.65
C GLY C 93 -4.42 -26.22 -43.17
N ALA C 94 -5.16 -26.97 -42.38
CA ALA C 94 -4.67 -28.24 -41.86
C ALA C 94 -5.03 -29.36 -42.83
N CYS C 95 -4.62 -30.59 -42.53
CA CYS C 95 -4.92 -31.71 -43.40
C CYS C 95 -4.73 -33.09 -42.76
N ASN C 96 -5.32 -34.11 -43.36
CA ASN C 96 -5.20 -35.47 -42.85
C ASN C 96 -5.49 -35.58 -41.36
N ASP C 97 -4.63 -36.29 -40.64
CA ASP C 97 -4.81 -36.45 -39.20
C ASP C 97 -4.71 -35.13 -38.45
N THR C 98 -3.88 -34.22 -38.95
CA THR C 98 -3.73 -32.91 -38.35
C THR C 98 -4.93 -32.09 -38.82
N LEU C 99 -6.08 -32.75 -38.86
CA LEU C 99 -7.34 -32.15 -39.28
C LEU C 99 -8.46 -32.98 -38.69
N GLN C 100 -8.44 -34.28 -38.98
CA GLN C 100 -9.44 -35.19 -38.45
C GLN C 100 -9.48 -34.94 -36.96
N GLN C 101 -8.30 -34.92 -36.34
CA GLN C 101 -8.19 -34.67 -34.91
C GLN C 101 -8.84 -33.35 -34.50
N LEU C 102 -8.54 -32.27 -35.23
CA LEU C 102 -9.15 -31.00 -34.92
C LEU C 102 -10.66 -31.19 -34.94
N MET C 103 -11.20 -31.50 -36.11
CA MET C 103 -12.62 -31.74 -36.28
C MET C 103 -13.20 -32.56 -35.12
N GLU C 104 -12.55 -33.66 -34.80
CA GLU C 104 -13.02 -34.53 -33.72
C GLU C 104 -12.96 -33.91 -32.35
N VAL C 105 -11.79 -33.38 -32.00
CA VAL C 105 -11.59 -32.76 -30.70
C VAL C 105 -12.52 -31.59 -30.44
N PHE C 106 -12.79 -30.81 -31.48
CA PHE C 106 -13.66 -29.65 -31.36
C PHE C 106 -15.10 -29.89 -31.73
N LYS C 107 -15.49 -31.15 -31.87
CA LYS C 107 -16.86 -31.51 -32.18
C LYS C 107 -17.41 -30.96 -33.50
N PHE C 108 -16.55 -30.55 -34.41
CA PHE C 108 -17.04 -30.02 -35.67
C PHE C 108 -17.62 -31.14 -36.56
N ASP C 109 -17.31 -32.38 -36.19
CA ASP C 109 -17.78 -33.55 -36.93
C ASP C 109 -19.09 -34.10 -36.37
N THR C 110 -19.74 -33.31 -35.53
CA THR C 110 -21.01 -33.71 -34.93
C THR C 110 -22.14 -32.83 -35.46
N ILE C 111 -21.90 -32.22 -36.61
CA ILE C 111 -22.88 -31.35 -37.26
C ILE C 111 -22.96 -31.74 -38.73
N SER C 112 -23.93 -31.16 -39.44
CA SER C 112 -24.14 -31.47 -40.86
C SER C 112 -22.89 -31.25 -41.70
N GLU C 113 -22.74 -32.08 -42.73
CA GLU C 113 -21.59 -31.96 -43.62
C GLU C 113 -21.60 -30.56 -44.21
N LYS C 114 -22.78 -29.97 -44.30
CA LYS C 114 -22.95 -28.62 -44.84
C LYS C 114 -22.20 -27.61 -43.98
N THR C 115 -22.44 -27.70 -42.67
CA THR C 115 -21.81 -26.81 -41.69
C THR C 115 -20.38 -27.25 -41.45
N SER C 116 -20.21 -28.56 -41.22
CA SER C 116 -18.89 -29.13 -40.97
C SER C 116 -17.90 -28.81 -42.09
N ASP C 117 -18.43 -28.42 -43.26
CA ASP C 117 -17.58 -28.05 -44.39
C ASP C 117 -17.21 -26.59 -44.24
N GLN C 118 -18.18 -25.73 -44.55
CA GLN C 118 -17.96 -24.29 -44.47
C GLN C 118 -17.89 -23.75 -43.03
N ILE C 119 -17.07 -24.39 -42.19
CA ILE C 119 -16.95 -23.96 -40.81
C ILE C 119 -16.35 -22.56 -40.66
N HIS C 120 -15.48 -22.17 -41.59
CA HIS C 120 -14.85 -20.84 -41.54
C HIS C 120 -15.84 -19.77 -41.92
N PHE C 121 -16.77 -20.12 -42.81
CA PHE C 121 -17.78 -19.19 -43.24
C PHE C 121 -18.69 -18.88 -42.05
N PHE C 122 -19.28 -19.93 -41.48
CA PHE C 122 -20.18 -19.77 -40.35
C PHE C 122 -19.48 -19.20 -39.12
N PHE C 123 -18.17 -19.41 -39.00
CA PHE C 123 -17.48 -18.85 -37.86
C PHE C 123 -17.40 -17.36 -38.11
N ALA C 124 -17.28 -16.99 -39.38
CA ALA C 124 -17.22 -15.58 -39.73
C ALA C 124 -18.56 -14.97 -39.36
N LYS C 125 -19.66 -15.61 -39.77
CA LYS C 125 -20.98 -15.12 -39.46
C LYS C 125 -21.18 -14.95 -37.96
N LEU C 126 -20.73 -15.92 -37.17
CA LEU C 126 -20.88 -15.81 -35.72
C LEU C 126 -20.11 -14.62 -35.22
N ASN C 127 -18.87 -14.47 -35.69
CA ASN C 127 -18.04 -13.36 -35.28
C ASN C 127 -18.66 -12.02 -35.64
N CYS C 128 -19.50 -12.03 -36.67
CA CYS C 128 -20.17 -10.82 -37.11
C CYS C 128 -21.24 -10.38 -36.11
N ARG C 129 -22.13 -11.30 -35.74
CA ARG C 129 -23.19 -10.99 -34.77
C ARG C 129 -22.55 -10.86 -33.38
N LEU C 130 -21.31 -11.32 -33.25
CA LEU C 130 -20.59 -11.30 -31.97
C LEU C 130 -19.81 -10.07 -31.61
N TYR C 131 -19.00 -9.59 -32.54
CA TYR C 131 -18.16 -8.41 -32.28
C TYR C 131 -18.64 -7.06 -32.81
N ARG C 132 -19.83 -7.02 -33.40
CA ARG C 132 -20.38 -5.75 -33.87
C ARG C 132 -20.66 -5.05 -32.55
N LYS C 133 -21.60 -4.13 -32.47
CA LYS C 133 -21.85 -3.48 -31.20
C LYS C 133 -22.93 -2.44 -31.01
N ALA C 134 -23.35 -2.37 -29.75
CA ALA C 134 -24.32 -1.41 -29.25
C ALA C 134 -23.36 -0.71 -28.29
N ASN C 135 -22.11 -1.18 -28.33
CA ASN C 135 -20.98 -0.71 -27.53
C ASN C 135 -21.42 0.08 -26.33
N LYS C 136 -22.47 -0.39 -25.66
CA LYS C 136 -22.95 0.31 -24.49
C LYS C 136 -21.87 -0.01 -23.45
N ALA C 137 -22.30 -0.45 -22.28
CA ALA C 137 -21.38 -0.81 -21.22
C ALA C 137 -21.18 -2.30 -21.46
N SER C 138 -21.51 -2.74 -22.68
CA SER C 138 -21.40 -4.13 -23.06
C SER C 138 -20.47 -4.30 -24.27
N LYS C 139 -19.17 -4.37 -23.98
CA LYS C 139 -18.13 -4.53 -24.98
C LYS C 139 -17.57 -5.97 -24.95
N LEU C 140 -17.04 -6.43 -26.07
CA LEU C 140 -16.47 -7.76 -26.14
C LEU C 140 -15.36 -7.83 -27.17
N VAL C 141 -14.11 -7.68 -26.72
CA VAL C 141 -12.97 -7.70 -27.64
C VAL C 141 -12.18 -9.01 -27.73
N SER C 142 -11.94 -9.42 -28.98
CA SER C 142 -11.22 -10.64 -29.28
C SER C 142 -9.76 -10.31 -29.56
N ALA C 143 -8.89 -11.32 -29.38
CA ALA C 143 -7.47 -11.17 -29.62
C ALA C 143 -6.84 -12.54 -29.92
N ASN C 144 -7.28 -13.17 -31.01
CA ASN C 144 -6.74 -14.46 -31.43
C ASN C 144 -5.83 -14.20 -32.60
N ARG C 145 -4.66 -14.83 -32.64
CA ARG C 145 -3.70 -14.62 -33.72
C ARG C 145 -2.67 -15.74 -33.86
N LEU C 146 -2.10 -15.89 -35.05
CA LEU C 146 -1.08 -16.90 -35.29
C LEU C 146 0.28 -16.19 -35.48
N PHE C 147 1.34 -16.77 -34.93
CA PHE C 147 2.69 -16.20 -35.05
C PHE C 147 3.65 -17.29 -35.53
N GLY C 148 4.20 -17.10 -36.73
CA GLY C 148 5.15 -18.05 -37.28
C GLY C 148 6.43 -17.34 -37.70
N ASP C 149 7.55 -18.06 -37.72
CA ASP C 149 8.81 -17.42 -38.07
C ASP C 149 8.88 -16.86 -39.49
N LYS C 150 9.59 -15.73 -39.60
CA LYS C 150 9.81 -15.02 -40.87
C LYS C 150 10.42 -15.92 -41.93
N SER C 151 11.33 -16.80 -41.51
CA SER C 151 12.02 -17.70 -42.43
C SER C 151 11.08 -18.74 -43.06
N LEU C 152 9.93 -18.27 -43.53
CA LEU C 152 8.92 -19.12 -44.16
C LEU C 152 8.00 -18.27 -45.01
N THR C 153 7.56 -18.81 -46.15
CA THR C 153 6.64 -18.08 -47.00
C THR C 153 5.25 -18.65 -46.78
N PHE C 154 4.36 -17.84 -46.21
CA PHE C 154 3.01 -18.27 -45.89
C PHE C 154 2.05 -18.12 -47.07
N ASN C 155 1.27 -19.16 -47.33
CA ASN C 155 0.31 -19.13 -48.41
C ASN C 155 -0.55 -17.87 -48.29
N GLU C 156 -0.56 -17.05 -49.33
CA GLU C 156 -1.34 -15.82 -49.30
C GLU C 156 -2.86 -16.05 -49.34
N THR C 157 -3.28 -17.19 -49.85
CA THR C 157 -4.71 -17.53 -49.89
C THR C 157 -5.13 -17.54 -48.43
N TYR C 158 -4.41 -18.35 -47.65
CA TYR C 158 -4.64 -18.48 -46.23
C TYR C 158 -4.73 -17.07 -45.67
N GLN C 159 -3.62 -16.36 -45.72
CA GLN C 159 -3.55 -14.99 -45.22
C GLN C 159 -4.82 -14.18 -45.47
N ASP C 160 -5.28 -14.15 -46.70
CA ASP C 160 -6.47 -13.38 -47.04
C ASP C 160 -7.71 -13.92 -46.34
N ILE C 161 -8.05 -15.18 -46.59
CA ILE C 161 -9.21 -15.81 -45.98
C ILE C 161 -9.31 -15.52 -44.49
N SER C 162 -8.19 -15.64 -43.79
CA SER C 162 -8.13 -15.39 -42.36
C SER C 162 -8.65 -13.99 -42.06
N GLU C 163 -7.92 -13.01 -42.57
CA GLU C 163 -8.25 -11.61 -42.40
C GLU C 163 -9.73 -11.33 -42.65
N LEU C 164 -10.34 -12.07 -43.56
CA LEU C 164 -11.73 -11.85 -43.87
C LEU C 164 -12.66 -12.56 -42.92
N VAL C 165 -12.32 -13.82 -42.62
CA VAL C 165 -13.10 -14.66 -41.73
C VAL C 165 -12.82 -14.36 -40.26
N TYR C 166 -11.55 -14.34 -39.88
CA TYR C 166 -11.17 -14.08 -38.50
C TYR C 166 -10.64 -12.67 -38.36
N GLY C 167 -10.09 -12.14 -39.45
CA GLY C 167 -9.58 -10.78 -39.42
C GLY C 167 -8.30 -10.60 -38.65
N ALA C 168 -7.23 -11.21 -39.12
CA ALA C 168 -5.96 -11.07 -38.44
C ALA C 168 -4.80 -11.53 -39.27
N LYS C 169 -5.04 -12.49 -40.15
CA LYS C 169 -3.97 -13.03 -40.98
C LYS C 169 -2.89 -13.59 -40.04
N LEU C 170 -1.92 -14.31 -40.61
CA LEU C 170 -0.85 -14.86 -39.80
C LEU C 170 0.11 -13.70 -39.56
N GLN C 171 1.06 -13.89 -38.67
CA GLN C 171 2.01 -12.83 -38.39
C GLN C 171 3.39 -13.41 -38.24
N PRO C 172 4.30 -12.97 -39.10
CA PRO C 172 5.67 -13.46 -39.06
C PRO C 172 6.52 -12.69 -38.06
N LEU C 173 7.23 -13.41 -37.21
CA LEU C 173 8.11 -12.79 -36.24
C LEU C 173 9.44 -13.51 -36.27
N ASP C 174 10.52 -12.80 -35.93
CA ASP C 174 11.82 -13.44 -35.94
C ASP C 174 12.04 -14.22 -34.66
N PHE C 175 11.60 -15.46 -34.67
CA PHE C 175 11.77 -16.33 -33.51
C PHE C 175 13.19 -16.86 -33.40
N LYS C 176 13.67 -17.44 -34.51
CA LYS C 176 15.01 -18.04 -34.59
C LYS C 176 16.16 -17.14 -34.15
N GLU C 177 16.05 -15.84 -34.41
CA GLU C 177 17.11 -14.94 -33.98
C GLU C 177 16.69 -13.99 -32.86
N ASN C 178 15.42 -13.59 -32.82
CA ASN C 178 14.93 -12.68 -31.77
C ASN C 178 13.69 -13.17 -31.03
N ALA C 179 13.86 -14.22 -30.23
CA ALA C 179 12.76 -14.79 -29.48
C ALA C 179 12.20 -13.84 -28.42
N GLU C 180 13.06 -13.36 -27.53
CA GLU C 180 12.62 -12.46 -26.47
C GLU C 180 12.06 -11.16 -27.02
N GLN C 181 12.41 -10.83 -28.25
CA GLN C 181 11.91 -9.61 -28.85
C GLN C 181 10.54 -9.93 -29.42
N SER C 182 10.44 -11.08 -30.09
CA SER C 182 9.17 -11.51 -30.66
C SER C 182 8.15 -11.76 -29.55
N ARG C 183 8.65 -12.22 -28.40
CA ARG C 183 7.82 -12.49 -27.24
C ARG C 183 7.19 -11.17 -26.83
N ALA C 184 8.01 -10.13 -26.75
CA ALA C 184 7.51 -8.81 -26.39
C ALA C 184 6.53 -8.31 -27.45
N ALA C 185 6.80 -8.67 -28.71
CA ALA C 185 5.95 -8.28 -29.82
C ALA C 185 4.57 -8.86 -29.58
N ILE C 186 4.52 -10.19 -29.54
CA ILE C 186 3.27 -10.89 -29.33
C ILE C 186 2.58 -10.37 -28.07
N ASN C 187 3.31 -10.29 -26.98
CA ASN C 187 2.76 -9.79 -25.73
C ASN C 187 2.20 -8.40 -25.89
N LYS C 188 3.00 -7.48 -26.42
CA LYS C 188 2.56 -6.10 -26.63
C LYS C 188 1.46 -5.98 -27.67
N TRP C 189 1.05 -7.09 -28.26
CA TRP C 189 -0.04 -7.04 -29.22
C TRP C 189 -1.33 -7.33 -28.46
N VAL C 190 -1.29 -8.36 -27.61
CA VAL C 190 -2.45 -8.76 -26.83
C VAL C 190 -2.78 -7.74 -25.74
N SER C 191 -1.75 -7.22 -25.07
CA SER C 191 -1.97 -6.24 -24.00
C SER C 191 -2.40 -4.93 -24.66
N ASN C 192 -2.83 -5.05 -25.90
CA ASN C 192 -3.32 -3.93 -26.66
C ASN C 192 -4.79 -4.17 -26.86
N LYS C 193 -5.10 -5.11 -27.75
CA LYS C 193 -6.46 -5.48 -28.05
C LYS C 193 -7.31 -5.57 -26.79
N THR C 194 -6.68 -5.96 -25.68
CA THR C 194 -7.40 -6.09 -24.41
C THR C 194 -7.36 -4.83 -23.56
N GLU C 195 -7.14 -3.68 -24.19
CA GLU C 195 -7.05 -2.41 -23.48
C GLU C 195 -6.10 -2.52 -22.30
N GLY C 196 -4.84 -2.82 -22.60
CA GLY C 196 -3.84 -2.96 -21.56
C GLY C 196 -4.32 -3.75 -20.37
N ARG C 197 -5.26 -4.67 -20.57
CA ARG C 197 -5.75 -5.46 -19.46
C ARG C 197 -5.17 -6.88 -19.39
N ILE C 198 -5.08 -7.57 -20.54
CA ILE C 198 -4.49 -8.91 -20.55
C ILE C 198 -2.99 -8.73 -20.78
N THR C 199 -2.24 -8.74 -19.69
CA THR C 199 -0.81 -8.52 -19.72
C THR C 199 0.00 -9.82 -19.55
N ASP C 200 1.11 -9.90 -20.29
CA ASP C 200 2.01 -11.05 -20.27
C ASP C 200 1.36 -12.35 -20.72
N VAL C 201 0.91 -12.40 -21.97
CA VAL C 201 0.28 -13.62 -22.46
C VAL C 201 1.30 -14.74 -22.48
N ILE C 202 2.40 -14.53 -23.20
CA ILE C 202 3.45 -15.54 -23.27
C ILE C 202 4.53 -15.21 -22.23
N PRO C 203 4.84 -16.17 -21.34
CA PRO C 203 5.84 -16.01 -20.29
C PRO C 203 7.25 -16.19 -20.84
N SER C 204 8.25 -15.72 -20.09
CA SER C 204 9.62 -15.86 -20.54
C SER C 204 10.00 -17.33 -20.64
N GLU C 205 10.82 -17.66 -21.63
CA GLU C 205 11.26 -19.02 -21.82
C GLU C 205 10.17 -19.92 -22.39
N ALA C 206 9.09 -19.32 -22.88
CA ALA C 206 8.00 -20.09 -23.45
C ALA C 206 8.24 -20.13 -24.96
N ILE C 207 9.09 -19.22 -25.41
CA ILE C 207 9.44 -19.13 -26.81
C ILE C 207 10.95 -18.97 -26.88
N ASN C 208 11.58 -19.80 -27.70
CA ASN C 208 13.03 -19.78 -27.89
C ASN C 208 13.31 -19.80 -29.38
N GLU C 209 14.59 -19.73 -29.73
CA GLU C 209 15.01 -19.72 -31.14
C GLU C 209 14.56 -20.97 -31.91
N LEU C 210 13.89 -21.89 -31.24
CA LEU C 210 13.39 -23.10 -31.87
C LEU C 210 11.90 -23.04 -32.13
N THR C 211 11.25 -21.97 -31.67
CA THR C 211 9.81 -21.83 -31.88
C THR C 211 9.46 -21.66 -33.36
N VAL C 212 8.54 -22.49 -33.84
CA VAL C 212 8.11 -22.44 -35.22
C VAL C 212 6.82 -21.66 -35.39
N LEU C 213 5.74 -22.23 -34.87
CA LEU C 213 4.42 -21.62 -34.95
C LEU C 213 3.88 -21.42 -33.55
N VAL C 214 3.29 -20.26 -33.30
CA VAL C 214 2.74 -19.98 -31.98
C VAL C 214 1.31 -19.52 -32.06
N LEU C 215 0.47 -20.04 -31.18
CA LEU C 215 -0.93 -19.69 -31.17
C LEU C 215 -1.31 -18.95 -29.89
N VAL C 216 -1.90 -17.78 -30.04
CA VAL C 216 -2.33 -17.00 -28.88
C VAL C 216 -3.84 -16.82 -29.06
N ASN C 217 -4.58 -16.60 -27.97
CA ASN C 217 -6.03 -16.43 -28.04
C ASN C 217 -6.65 -16.05 -26.70
N THR C 218 -7.27 -14.88 -26.65
CA THR C 218 -7.90 -14.41 -25.42
C THR C 218 -9.12 -13.55 -25.74
N ILE C 219 -10.10 -13.55 -24.85
CA ILE C 219 -11.29 -12.74 -25.05
C ILE C 219 -11.47 -11.89 -23.83
N TYR C 220 -11.86 -10.64 -24.09
CA TYR C 220 -12.02 -9.62 -23.06
C TYR C 220 -13.46 -9.11 -23.01
N PHE C 221 -14.05 -9.09 -21.82
CA PHE C 221 -15.43 -8.60 -21.68
C PHE C 221 -15.62 -7.55 -20.58
N LYS C 222 -16.06 -6.36 -20.98
CA LYS C 222 -16.31 -5.28 -20.04
C LYS C 222 -17.80 -5.00 -20.05
N GLY C 223 -18.45 -5.03 -18.89
CA GLY C 223 -19.88 -4.80 -18.89
C GLY C 223 -20.50 -4.39 -17.57
N LEU C 224 -21.67 -3.76 -17.63
CA LEU C 224 -22.36 -3.34 -16.41
C LEU C 224 -23.64 -4.11 -16.25
N TRP C 225 -23.95 -4.44 -15.01
CA TRP C 225 -25.18 -5.16 -14.72
C TRP C 225 -26.35 -4.33 -15.23
N LYS C 226 -27.35 -5.01 -15.75
CA LYS C 226 -28.54 -4.30 -16.20
C LYS C 226 -29.17 -3.89 -14.90
N SER C 227 -28.91 -4.67 -13.85
CA SER C 227 -29.43 -4.40 -12.52
C SER C 227 -28.30 -4.52 -11.49
N LYS C 228 -27.58 -3.43 -11.32
CA LYS C 228 -26.45 -3.33 -10.40
C LYS C 228 -26.81 -3.62 -8.96
N PHE C 229 -25.80 -3.86 -8.13
CA PHE C 229 -26.04 -4.11 -6.71
C PHE C 229 -25.66 -2.82 -5.99
N SER C 230 -26.33 -2.52 -4.89
CA SER C 230 -25.98 -1.32 -4.14
C SER C 230 -24.87 -1.62 -3.15
N PRO C 231 -23.72 -0.95 -3.30
CA PRO C 231 -22.55 -1.15 -2.44
C PRO C 231 -22.88 -1.13 -0.96
N GLU C 232 -23.92 -0.38 -0.60
CA GLU C 232 -24.37 -0.24 0.79
C GLU C 232 -25.01 -1.51 1.31
N ASN C 233 -25.28 -2.44 0.39
CA ASN C 233 -25.91 -3.72 0.73
C ASN C 233 -24.85 -4.83 0.78
N THR C 234 -23.70 -4.59 0.16
CA THR C 234 -22.62 -5.55 0.17
C THR C 234 -22.27 -5.77 1.63
N ARG C 235 -21.82 -6.96 1.99
CA ARG C 235 -21.48 -7.25 3.37
C ARG C 235 -20.51 -8.41 3.54
N LYS C 236 -19.85 -8.43 4.69
CA LYS C 236 -18.92 -9.50 5.01
C LYS C 236 -19.66 -10.70 5.58
N GLU C 237 -19.66 -11.78 4.80
CA GLU C 237 -20.33 -13.01 5.21
C GLU C 237 -19.48 -14.24 4.89
N LEU C 238 -19.87 -15.36 5.49
CA LEU C 238 -19.15 -16.61 5.32
C LEU C 238 -19.39 -17.37 4.03
N PHE C 239 -18.31 -17.72 3.35
CA PHE C 239 -18.41 -18.53 2.14
C PHE C 239 -17.77 -19.85 2.53
N TYR C 240 -18.53 -20.92 2.39
CA TYR C 240 -18.06 -22.24 2.79
C TYR C 240 -17.43 -23.00 1.64
N LYS C 241 -16.13 -23.23 1.74
CA LYS C 241 -15.38 -23.94 0.71
C LYS C 241 -15.63 -25.46 0.76
N ALA C 242 -15.18 -26.16 -0.28
CA ALA C 242 -15.39 -27.60 -0.36
C ALA C 242 -14.70 -28.38 0.76
N ASP C 243 -13.48 -27.97 1.12
CA ASP C 243 -12.74 -28.65 2.17
C ASP C 243 -13.33 -28.44 3.58
N GLY C 244 -14.61 -28.11 3.64
CA GLY C 244 -15.25 -27.91 4.93
C GLY C 244 -14.94 -26.58 5.60
N GLU C 245 -13.73 -26.07 5.36
CA GLU C 245 -13.30 -24.80 5.94
C GLU C 245 -14.05 -23.63 5.30
N SER C 246 -14.34 -22.60 6.08
CA SER C 246 -15.03 -21.45 5.54
C SER C 246 -14.12 -20.24 5.51
N CYS C 247 -14.63 -19.13 4.99
CA CYS C 247 -13.87 -17.90 4.94
C CYS C 247 -14.77 -16.71 4.64
N SER C 248 -14.30 -15.51 4.97
CA SER C 248 -15.08 -14.30 4.77
C SER C 248 -15.00 -13.81 3.33
N ALA C 249 -16.12 -13.30 2.83
CA ALA C 249 -16.22 -12.77 1.47
C ALA C 249 -17.15 -11.59 1.46
N SER C 250 -16.96 -10.71 0.47
CA SER C 250 -17.81 -9.53 0.34
C SER C 250 -19.08 -9.98 -0.40
N MET C 251 -20.13 -10.23 0.37
CA MET C 251 -21.39 -10.69 -0.20
C MET C 251 -22.22 -9.52 -0.67
N MET C 252 -22.57 -9.52 -1.95
CA MET C 252 -23.38 -8.44 -2.51
C MET C 252 -24.85 -8.84 -2.37
N TYR C 253 -25.71 -7.85 -2.19
CA TYR C 253 -27.14 -8.11 -2.02
C TYR C 253 -28.00 -7.38 -3.03
N GLN C 254 -29.15 -7.98 -3.34
CA GLN C 254 -30.06 -7.39 -4.30
C GLN C 254 -31.36 -8.16 -4.37
N GLU C 255 -32.47 -7.44 -4.53
CA GLU C 255 -33.78 -8.07 -4.60
C GLU C 255 -34.47 -7.52 -5.83
N GLY C 256 -35.00 -8.41 -6.65
CA GLY C 256 -35.71 -8.00 -7.86
C GLY C 256 -36.23 -9.24 -8.57
N LYS C 257 -36.75 -9.04 -9.77
CA LYS C 257 -37.24 -10.16 -10.56
C LYS C 257 -36.06 -10.59 -11.43
N PHE C 258 -35.78 -11.90 -11.42
CA PHE C 258 -34.68 -12.47 -12.18
C PHE C 258 -35.13 -13.80 -12.75
N ARG C 259 -34.54 -14.21 -13.85
CA ARG C 259 -34.90 -15.51 -14.44
C ARG C 259 -34.31 -16.56 -13.49
N TYR C 260 -35.16 -17.41 -12.95
CA TYR C 260 -34.66 -18.40 -12.01
C TYR C 260 -35.16 -19.78 -12.35
N ARG C 261 -34.51 -20.80 -11.80
CA ARG C 261 -34.94 -22.17 -12.05
C ARG C 261 -34.29 -23.14 -11.10
N ARG C 262 -35.11 -23.76 -10.27
CA ARG C 262 -34.66 -24.75 -9.32
C ARG C 262 -34.81 -26.05 -10.07
N VAL C 263 -33.70 -26.73 -10.34
CA VAL C 263 -33.75 -27.97 -11.08
C VAL C 263 -33.64 -29.22 -10.18
N ALA C 264 -33.02 -30.26 -10.72
CA ALA C 264 -32.85 -31.52 -10.00
C ALA C 264 -31.98 -31.45 -8.75
N GLU C 265 -32.49 -32.02 -7.66
CA GLU C 265 -31.77 -32.08 -6.40
C GLU C 265 -31.42 -30.73 -5.79
N GLY C 266 -32.36 -29.79 -5.92
CA GLY C 266 -32.17 -28.47 -5.35
C GLY C 266 -31.19 -27.51 -6.00
N THR C 267 -30.53 -27.93 -7.07
CA THR C 267 -29.58 -27.06 -7.76
C THR C 267 -30.34 -25.88 -8.36
N GLN C 268 -29.90 -24.67 -8.06
CA GLN C 268 -30.55 -23.47 -8.59
C GLN C 268 -29.80 -22.81 -9.75
N VAL C 269 -30.54 -22.37 -10.76
CA VAL C 269 -29.92 -21.67 -11.88
C VAL C 269 -30.41 -20.24 -11.81
N LEU C 270 -29.50 -19.29 -11.79
CA LEU C 270 -29.85 -17.88 -11.68
C LEU C 270 -29.19 -17.09 -12.80
N GLU C 271 -29.95 -16.26 -13.51
CA GLU C 271 -29.37 -15.46 -14.60
C GLU C 271 -29.39 -13.97 -14.32
N LEU C 272 -28.23 -13.34 -14.47
CA LEU C 272 -28.09 -11.89 -14.26
C LEU C 272 -27.58 -11.33 -15.58
N PRO C 273 -28.43 -10.56 -16.28
CA PRO C 273 -28.07 -9.97 -17.57
C PRO C 273 -27.24 -8.69 -17.49
N PHE C 274 -26.50 -8.40 -18.55
CA PHE C 274 -25.70 -7.18 -18.60
C PHE C 274 -26.52 -6.16 -19.39
N LYS C 275 -26.13 -4.89 -19.34
CA LYS C 275 -26.82 -3.84 -20.10
C LYS C 275 -26.84 -4.27 -21.55
N GLY C 276 -28.03 -4.62 -22.05
CA GLY C 276 -28.15 -5.06 -23.43
C GLY C 276 -28.97 -6.33 -23.54
N ASP C 277 -28.85 -7.22 -22.56
CA ASP C 277 -29.59 -8.47 -22.55
C ASP C 277 -29.09 -9.45 -23.62
N ASP C 278 -27.92 -9.17 -24.17
CA ASP C 278 -27.38 -10.07 -25.17
C ASP C 278 -26.33 -10.92 -24.51
N ILE C 279 -25.76 -10.40 -23.44
CA ILE C 279 -24.75 -11.10 -22.66
C ILE C 279 -25.20 -11.21 -21.21
N THR C 280 -25.09 -12.40 -20.65
CA THR C 280 -25.51 -12.61 -19.28
C THR C 280 -24.59 -13.56 -18.57
N MET C 281 -24.67 -13.53 -17.24
CA MET C 281 -23.88 -14.46 -16.43
C MET C 281 -24.92 -15.40 -15.84
N VAL C 282 -24.68 -16.70 -16.03
CA VAL C 282 -25.57 -17.72 -15.52
C VAL C 282 -24.88 -18.43 -14.39
N LEU C 283 -25.54 -18.51 -13.24
CA LEU C 283 -24.95 -19.23 -12.09
C LEU C 283 -25.65 -20.59 -11.90
N ILE C 284 -24.86 -21.64 -11.72
CA ILE C 284 -25.41 -22.97 -11.43
C ILE C 284 -24.95 -23.26 -10.00
N LEU C 285 -25.86 -23.11 -9.05
CA LEU C 285 -25.56 -23.31 -7.64
C LEU C 285 -26.24 -24.53 -7.03
N PRO C 286 -25.46 -25.56 -6.66
CA PRO C 286 -25.97 -26.80 -6.05
C PRO C 286 -26.29 -26.53 -4.57
N LYS C 287 -27.27 -27.24 -4.01
CA LYS C 287 -27.62 -27.00 -2.61
C LYS C 287 -26.49 -27.28 -1.64
N PRO C 288 -26.56 -26.69 -0.43
CA PRO C 288 -25.53 -26.87 0.59
C PRO C 288 -24.81 -28.22 0.64
N GLU C 289 -25.58 -29.31 0.78
CA GLU C 289 -25.01 -30.65 0.84
C GLU C 289 -24.38 -31.16 -0.46
N LYS C 290 -25.18 -31.26 -1.53
CA LYS C 290 -24.67 -31.76 -2.81
C LYS C 290 -23.34 -31.14 -3.26
N SER C 291 -22.50 -31.97 -3.87
CA SER C 291 -21.19 -31.56 -4.38
C SER C 291 -21.25 -31.00 -5.79
N LEU C 292 -20.42 -30.01 -6.06
CA LEU C 292 -20.39 -29.39 -7.37
C LEU C 292 -19.84 -30.39 -8.36
N ALA C 293 -19.00 -31.28 -7.84
CA ALA C 293 -18.37 -32.31 -8.66
C ALA C 293 -19.40 -33.14 -9.44
N LYS C 294 -20.44 -33.60 -8.75
CA LYS C 294 -21.49 -34.38 -9.41
C LYS C 294 -22.10 -33.57 -10.55
N VAL C 295 -22.56 -32.37 -10.20
CA VAL C 295 -23.17 -31.46 -11.17
C VAL C 295 -22.26 -31.29 -12.38
N GLU C 296 -20.98 -31.01 -12.11
CA GLU C 296 -20.01 -30.84 -13.17
C GLU C 296 -19.96 -32.07 -14.08
N LYS C 297 -20.02 -33.26 -13.47
CA LYS C 297 -19.97 -34.52 -14.22
C LYS C 297 -21.26 -34.73 -15.03
N GLU C 298 -22.36 -34.25 -14.46
CA GLU C 298 -23.67 -34.35 -15.10
C GLU C 298 -23.82 -33.39 -16.27
N LEU C 299 -22.96 -32.36 -16.29
CA LEU C 299 -23.01 -31.33 -17.32
C LEU C 299 -22.83 -31.78 -18.76
N THR C 300 -23.86 -31.57 -19.56
CA THR C 300 -23.87 -31.92 -20.98
C THR C 300 -24.49 -30.71 -21.68
N PRO C 301 -24.18 -30.50 -22.96
CA PRO C 301 -24.76 -29.35 -23.68
C PRO C 301 -26.27 -29.28 -23.64
N GLU C 302 -26.92 -30.42 -23.84
CA GLU C 302 -28.38 -30.46 -23.80
C GLU C 302 -28.97 -30.23 -22.41
N VAL C 303 -28.28 -30.67 -21.36
CA VAL C 303 -28.79 -30.44 -20.01
C VAL C 303 -28.78 -28.94 -19.72
N LEU C 304 -27.68 -28.30 -20.09
CA LEU C 304 -27.53 -26.87 -19.88
C LEU C 304 -28.64 -26.14 -20.63
N GLN C 305 -28.89 -26.58 -21.85
CA GLN C 305 -29.91 -25.97 -22.69
C GLN C 305 -31.31 -26.13 -22.07
N GLU C 306 -31.62 -27.34 -21.60
CA GLU C 306 -32.92 -27.58 -20.99
C GLU C 306 -33.07 -26.58 -19.85
N TRP C 307 -32.05 -26.49 -18.99
CA TRP C 307 -32.10 -25.55 -17.86
C TRP C 307 -32.34 -24.11 -18.30
N LEU C 308 -31.58 -23.67 -19.29
CA LEU C 308 -31.73 -22.30 -19.78
C LEU C 308 -33.15 -22.01 -20.24
N ASP C 309 -33.72 -22.89 -21.06
CA ASP C 309 -35.07 -22.63 -21.51
C ASP C 309 -36.05 -22.62 -20.33
N GLU C 310 -35.92 -23.59 -19.43
CA GLU C 310 -36.81 -23.71 -18.29
C GLU C 310 -36.89 -22.44 -17.46
N LEU C 311 -35.89 -21.59 -17.58
CA LEU C 311 -35.85 -20.35 -16.80
C LEU C 311 -37.13 -19.52 -16.88
N GLU C 312 -37.51 -18.94 -15.75
CA GLU C 312 -38.68 -18.09 -15.68
C GLU C 312 -38.43 -16.92 -14.74
N GLU C 313 -38.75 -15.73 -15.21
CA GLU C 313 -38.54 -14.54 -14.41
C GLU C 313 -39.21 -14.78 -13.06
N MET C 314 -38.57 -14.34 -11.99
CA MET C 314 -39.12 -14.51 -10.66
C MET C 314 -38.61 -13.45 -9.71
N MET C 315 -39.42 -13.17 -8.69
CA MET C 315 -39.09 -12.17 -7.69
C MET C 315 -38.33 -12.88 -6.57
N LEU C 316 -37.04 -12.63 -6.48
CA LEU C 316 -36.23 -13.26 -5.44
C LEU C 316 -35.20 -12.35 -4.77
N CYS C 317 -34.64 -12.89 -3.71
CA CYS C 317 -33.65 -12.29 -2.82
C CYS C 317 -32.31 -12.94 -3.26
N VAL C 318 -31.27 -12.15 -3.52
CA VAL C 318 -29.99 -12.72 -3.98
C VAL C 318 -28.69 -12.32 -3.30
N HIS C 319 -27.95 -13.31 -2.82
CA HIS C 319 -26.66 -13.08 -2.16
C HIS C 319 -25.59 -13.57 -3.13
N MET C 320 -24.73 -12.68 -3.61
CA MET C 320 -23.66 -13.10 -4.52
C MET C 320 -22.41 -12.36 -4.07
N PRO C 321 -21.26 -13.03 -4.09
CA PRO C 321 -20.03 -12.35 -3.65
C PRO C 321 -19.15 -11.75 -4.75
N ARG C 322 -18.35 -10.76 -4.37
CA ARG C 322 -17.41 -10.17 -5.31
C ARG C 322 -16.41 -11.29 -5.57
N PHE C 323 -15.75 -11.28 -6.72
CA PHE C 323 -14.77 -12.32 -6.95
C PHE C 323 -14.01 -12.10 -8.24
N ARG C 324 -12.88 -12.78 -8.35
CA ARG C 324 -12.10 -12.68 -9.56
C ARG C 324 -11.47 -14.04 -9.80
N ILE C 325 -11.87 -14.68 -10.90
CA ILE C 325 -11.29 -15.97 -11.23
C ILE C 325 -10.55 -15.72 -12.53
N GLU C 326 -9.50 -16.49 -12.79
CA GLU C 326 -8.72 -16.28 -14.00
C GLU C 326 -7.70 -17.37 -14.19
N ASP C 327 -7.17 -17.47 -15.41
CA ASP C 327 -6.14 -18.43 -15.67
C ASP C 327 -5.44 -18.37 -17.02
N GLY C 328 -4.11 -18.32 -16.94
CA GLY C 328 -3.28 -18.31 -18.13
C GLY C 328 -3.04 -19.76 -18.49
N PHE C 329 -3.58 -20.18 -19.62
CA PHE C 329 -3.50 -21.55 -20.08
C PHE C 329 -2.40 -21.92 -21.08
N SER C 330 -2.00 -23.19 -21.02
CA SER C 330 -1.00 -23.77 -21.91
C SER C 330 -1.71 -24.98 -22.49
N LEU C 331 -2.77 -24.70 -23.24
CA LEU C 331 -3.60 -25.71 -23.87
C LEU C 331 -2.88 -26.93 -24.43
N LYS C 332 -1.69 -26.73 -25.00
CA LYS C 332 -0.97 -27.84 -25.60
C LYS C 332 -1.16 -29.11 -24.78
N GLU C 333 -0.83 -29.02 -23.50
CA GLU C 333 -0.95 -30.15 -22.61
C GLU C 333 -2.34 -30.76 -22.64
N GLN C 334 -3.30 -30.04 -22.07
CA GLN C 334 -4.70 -30.47 -22.00
C GLN C 334 -5.26 -31.01 -23.33
N LEU C 335 -5.19 -30.19 -24.39
CA LEU C 335 -5.70 -30.59 -25.69
C LEU C 335 -5.19 -31.91 -26.21
N GLN C 336 -3.88 -32.07 -26.34
CA GLN C 336 -3.37 -33.32 -26.85
C GLN C 336 -3.81 -34.45 -25.93
N ASP C 337 -3.83 -34.16 -24.63
CA ASP C 337 -4.27 -35.14 -23.65
C ASP C 337 -5.70 -35.54 -23.97
N MET C 338 -6.41 -34.65 -24.65
CA MET C 338 -7.80 -34.91 -25.05
C MET C 338 -7.84 -35.56 -26.43
N GLY C 339 -6.67 -35.69 -27.07
CA GLY C 339 -6.65 -36.31 -28.38
C GLY C 339 -6.15 -35.46 -29.52
N LEU C 340 -5.67 -34.25 -29.21
CA LEU C 340 -5.16 -33.36 -30.24
C LEU C 340 -3.65 -33.58 -30.26
N VAL C 341 -3.20 -34.47 -31.14
CA VAL C 341 -1.79 -34.85 -31.25
C VAL C 341 -0.93 -34.28 -32.38
N ASP C 342 -1.15 -34.78 -33.59
CA ASP C 342 -0.38 -34.37 -34.76
C ASP C 342 -0.03 -32.89 -34.86
N LEU C 343 -1.00 -32.02 -34.58
CA LEU C 343 -0.79 -30.58 -34.66
C LEU C 343 0.38 -30.08 -33.83
N PHE C 344 0.62 -30.72 -32.69
CA PHE C 344 1.72 -30.32 -31.81
C PHE C 344 3.02 -31.09 -32.10
N SER C 345 2.94 -32.06 -32.99
CA SER C 345 4.10 -32.89 -33.35
C SER C 345 4.75 -32.49 -34.68
N PRO C 346 6.04 -32.12 -34.65
CA PRO C 346 6.78 -31.71 -35.84
C PRO C 346 6.78 -32.80 -36.92
N GLU C 347 6.82 -34.05 -36.48
CA GLU C 347 6.83 -35.18 -37.40
C GLU C 347 5.47 -35.49 -37.99
N LYS C 348 4.45 -35.58 -37.13
CA LYS C 348 3.11 -35.91 -37.57
C LYS C 348 2.20 -34.78 -38.09
N SER C 349 2.42 -33.55 -37.64
CA SER C 349 1.58 -32.43 -38.08
C SER C 349 1.48 -32.38 -39.59
N LYS C 350 0.64 -31.47 -40.09
CA LYS C 350 0.46 -31.30 -41.52
C LYS C 350 -0.45 -30.11 -41.80
N LEU C 351 0.17 -28.95 -42.03
CA LEU C 351 -0.54 -27.72 -42.31
C LEU C 351 -0.11 -27.15 -43.66
N PRO C 352 -0.31 -27.90 -44.75
CA PRO C 352 0.07 -27.44 -46.08
C PRO C 352 -0.59 -26.12 -46.43
N GLY C 353 -1.66 -25.80 -45.72
CA GLY C 353 -2.39 -24.57 -45.97
C GLY C 353 -1.64 -23.30 -45.60
N ILE C 354 -0.69 -23.40 -44.67
CA ILE C 354 0.08 -22.24 -44.24
C ILE C 354 1.43 -22.16 -44.95
N VAL C 355 2.13 -23.30 -45.00
CA VAL C 355 3.43 -23.37 -45.64
C VAL C 355 3.60 -24.64 -46.47
N ALA C 356 4.11 -24.48 -47.70
CA ALA C 356 4.33 -25.62 -48.58
C ALA C 356 5.39 -26.54 -47.98
N GLU C 357 6.46 -25.93 -47.45
CA GLU C 357 7.59 -26.62 -46.82
C GLU C 357 8.84 -25.73 -46.94
N GLY C 358 8.73 -24.49 -46.44
CA GLY C 358 9.83 -23.54 -46.51
C GLY C 358 11.12 -23.98 -45.84
N ARG C 359 11.04 -24.32 -44.56
CA ARG C 359 12.20 -24.80 -43.79
C ARG C 359 11.78 -26.09 -43.10
N ASP C 360 10.90 -26.84 -43.77
CA ASP C 360 10.37 -28.13 -43.28
C ASP C 360 9.26 -28.04 -42.25
N ASP C 361 8.75 -29.22 -41.90
CA ASP C 361 7.66 -29.42 -40.93
C ASP C 361 7.18 -28.21 -40.13
N LEU C 362 5.96 -27.77 -40.45
CA LEU C 362 5.34 -26.64 -39.78
C LEU C 362 4.34 -27.22 -38.79
N TYR C 363 4.41 -26.77 -37.55
CA TYR C 363 3.52 -27.25 -36.49
C TYR C 363 3.38 -26.21 -35.38
N VAL C 364 2.31 -26.33 -34.61
CA VAL C 364 2.06 -25.40 -33.51
C VAL C 364 2.96 -25.72 -32.33
N SER C 365 4.02 -24.94 -32.18
CA SER C 365 4.94 -25.13 -31.06
C SER C 365 4.15 -25.13 -29.76
N ASP C 366 3.38 -24.06 -29.54
CA ASP C 366 2.60 -23.94 -28.32
C ASP C 366 1.40 -23.02 -28.54
N ALA C 367 0.41 -23.15 -27.67
CA ALA C 367 -0.80 -22.33 -27.73
C ALA C 367 -1.04 -21.73 -26.36
N PHE C 368 -1.20 -20.40 -26.31
CA PHE C 368 -1.40 -19.71 -25.05
C PHE C 368 -2.81 -19.13 -24.85
N HIS C 369 -3.42 -19.45 -23.71
CA HIS C 369 -4.76 -18.97 -23.38
C HIS C 369 -4.68 -18.02 -22.20
N LYS C 370 -5.66 -17.12 -22.08
CA LYS C 370 -5.69 -16.20 -20.95
C LYS C 370 -7.03 -15.51 -20.87
N ALA C 371 -7.78 -15.81 -19.82
CA ALA C 371 -9.09 -15.23 -19.61
C ALA C 371 -9.24 -14.95 -18.13
N PHE C 372 -10.10 -14.00 -17.80
CA PHE C 372 -10.31 -13.66 -16.40
C PHE C 372 -11.64 -12.93 -16.27
N LEU C 373 -12.24 -13.05 -15.09
CA LEU C 373 -13.51 -12.43 -14.80
C LEU C 373 -13.42 -11.81 -13.42
N GLU C 374 -13.88 -10.58 -13.29
CA GLU C 374 -13.86 -9.88 -12.02
C GLU C 374 -15.19 -9.18 -11.85
N VAL C 375 -16.06 -9.78 -11.05
CA VAL C 375 -17.41 -9.28 -10.81
C VAL C 375 -17.59 -8.50 -9.51
N ASN C 376 -18.45 -7.49 -9.55
CA ASN C 376 -18.74 -6.69 -8.36
C ASN C 376 -20.07 -5.99 -8.51
N GLU C 377 -20.38 -5.06 -7.61
CA GLU C 377 -21.65 -4.36 -7.66
C GLU C 377 -21.99 -3.75 -9.01
N GLU C 378 -21.00 -3.16 -9.68
CA GLU C 378 -21.22 -2.50 -10.97
C GLU C 378 -21.41 -3.39 -12.19
N GLY C 379 -20.57 -4.42 -12.31
CA GLY C 379 -20.64 -5.33 -13.43
C GLY C 379 -19.37 -6.13 -13.60
N SER C 380 -19.03 -6.43 -14.84
CA SER C 380 -17.84 -7.20 -15.13
C SER C 380 -16.72 -6.26 -15.56
N GLU C 381 -15.68 -6.15 -14.74
CA GLU C 381 -14.57 -5.28 -15.07
C GLU C 381 -15.05 -3.83 -14.92
N ALA C 382 -15.81 -3.59 -13.87
CA ALA C 382 -16.35 -2.25 -13.65
C ALA C 382 -15.72 -1.50 -12.48
N ALA C 383 -16.41 -0.46 -12.01
CA ALA C 383 -15.92 0.38 -10.93
C ALA C 383 -15.95 -0.33 -9.58
N ALA C 384 -14.77 -0.72 -9.09
CA ALA C 384 -14.65 -1.39 -7.80
C ALA C 384 -14.94 -0.34 -6.73
N SER C 385 -15.45 -0.80 -5.59
CA SER C 385 -15.74 0.10 -4.46
C SER C 385 -14.76 -0.20 -3.33
N THR C 386 -14.81 0.57 -2.26
CA THR C 386 -13.89 0.35 -1.16
C THR C 386 -14.54 0.57 0.21
N ALA C 387 -15.65 1.29 0.21
CA ALA C 387 -16.38 1.56 1.46
C ALA C 387 -16.26 0.35 2.38
N VAL C 388 -15.67 0.55 3.56
CA VAL C 388 -15.48 -0.52 4.53
C VAL C 388 -16.72 -1.40 4.63
N VAL C 389 -16.56 -2.66 4.23
CA VAL C 389 -17.66 -3.61 4.26
C VAL C 389 -18.11 -3.95 5.68
N ILE C 390 -19.37 -3.59 5.97
CA ILE C 390 -19.98 -3.85 7.27
C ILE C 390 -20.10 -5.37 7.45
N ALA C 391 -20.41 -5.79 8.67
CA ALA C 391 -20.55 -7.20 8.95
C ALA C 391 -21.99 -7.55 9.24
N GLY C 392 -22.24 -8.84 9.33
CA GLY C 392 -23.57 -9.34 9.62
C GLY C 392 -24.69 -8.96 8.65
N ARG C 393 -25.74 -9.78 8.67
CA ARG C 393 -26.90 -9.57 7.83
C ARG C 393 -28.10 -10.27 8.44
N SER C 394 -29.04 -9.49 8.96
CA SER C 394 -30.24 -10.06 9.53
C SER C 394 -30.98 -10.81 8.43
N LEU C 395 -31.81 -11.78 8.81
CA LEU C 395 -32.57 -12.57 7.84
C LEU C 395 -33.65 -11.72 7.19
N ASN C 396 -33.80 -11.84 5.89
CA ASN C 396 -34.83 -11.10 5.17
C ASN C 396 -36.17 -11.74 5.50
N PRO C 397 -37.14 -10.96 6.01
CA PRO C 397 -38.41 -11.60 6.32
C PRO C 397 -39.13 -11.98 5.03
N ASN C 398 -40.39 -12.35 5.15
CA ASN C 398 -41.20 -12.76 4.00
C ASN C 398 -40.59 -13.72 2.95
N ARG C 399 -39.27 -13.89 2.90
CA ARG C 399 -38.71 -14.81 1.92
C ARG C 399 -37.25 -15.22 2.18
N VAL C 400 -36.88 -16.45 1.82
CA VAL C 400 -35.51 -16.90 2.06
C VAL C 400 -34.55 -16.25 1.06
N CYS C 401 -33.74 -17.00 0.33
CA CYS C 401 -32.78 -16.29 -0.50
C CYS C 401 -31.77 -17.16 -1.25
N PHE C 402 -31.53 -16.82 -2.51
CA PHE C 402 -30.55 -17.55 -3.30
C PHE C 402 -29.19 -17.09 -2.76
N LYS C 403 -28.39 -18.03 -2.26
CA LYS C 403 -27.09 -17.65 -1.69
C LYS C 403 -25.90 -18.40 -2.29
N ALA C 404 -25.03 -17.68 -2.98
CA ALA C 404 -23.87 -18.32 -3.55
C ALA C 404 -22.77 -18.31 -2.50
N ASN C 405 -23.00 -18.94 -1.35
CA ASN C 405 -21.99 -18.99 -0.28
C ASN C 405 -21.36 -20.39 -0.22
N ARG C 406 -21.19 -20.99 -1.39
CA ARG C 406 -20.62 -22.33 -1.58
C ARG C 406 -20.31 -22.44 -3.08
N PRO C 407 -19.29 -23.22 -3.46
CA PRO C 407 -18.91 -23.37 -4.87
C PRO C 407 -20.04 -23.42 -5.88
N PHE C 408 -19.95 -22.56 -6.90
CA PHE C 408 -20.97 -22.52 -7.93
C PHE C 408 -20.35 -22.42 -9.30
N LEU C 409 -21.11 -22.83 -10.31
CA LEU C 409 -20.61 -22.75 -11.67
C LEU C 409 -20.91 -21.36 -12.22
N VAL C 410 -20.20 -20.96 -13.27
CA VAL C 410 -20.45 -19.63 -13.84
C VAL C 410 -20.23 -19.64 -15.34
N PHE C 411 -21.23 -19.14 -16.07
CA PHE C 411 -21.16 -19.06 -17.54
C PHE C 411 -21.46 -17.65 -18.03
N ILE C 412 -20.63 -17.16 -18.95
CA ILE C 412 -20.84 -15.83 -19.54
C ILE C 412 -21.29 -16.14 -20.95
N ARG C 413 -22.59 -15.99 -21.21
CA ARG C 413 -23.14 -16.31 -22.52
C ARG C 413 -23.65 -15.16 -23.38
N GLU C 414 -23.57 -15.38 -24.69
CA GLU C 414 -24.06 -14.45 -25.70
C GLU C 414 -25.42 -15.12 -26.00
N VAL C 415 -26.50 -14.52 -25.54
CA VAL C 415 -27.81 -15.12 -25.74
C VAL C 415 -28.34 -15.25 -27.17
N PRO C 416 -28.33 -14.16 -27.95
CA PRO C 416 -28.84 -14.29 -29.33
C PRO C 416 -28.21 -15.45 -30.11
N LEU C 417 -26.89 -15.57 -30.05
CA LEU C 417 -26.12 -16.59 -30.75
C LEU C 417 -26.01 -17.89 -29.94
N ASN C 418 -26.56 -17.88 -28.72
CA ASN C 418 -26.52 -19.02 -27.83
C ASN C 418 -25.10 -19.60 -27.76
N THR C 419 -24.14 -18.73 -27.49
CA THR C 419 -22.75 -19.14 -27.43
C THR C 419 -22.15 -18.93 -26.04
N ILE C 420 -21.43 -19.93 -25.55
CA ILE C 420 -20.78 -19.84 -24.24
C ILE C 420 -19.44 -19.13 -24.50
N ILE C 421 -19.31 -17.91 -24.02
CA ILE C 421 -18.09 -17.12 -24.22
C ILE C 421 -17.09 -17.46 -23.13
N PHE C 422 -17.59 -17.50 -21.90
CA PHE C 422 -16.78 -17.82 -20.74
C PHE C 422 -17.48 -18.84 -19.85
N MET C 423 -16.70 -19.69 -19.19
CA MET C 423 -17.26 -20.65 -18.26
C MET C 423 -16.20 -20.87 -17.20
N GLY C 424 -16.62 -21.02 -15.95
CA GLY C 424 -15.65 -21.24 -14.89
C GLY C 424 -16.31 -21.70 -13.60
N ARG C 425 -15.52 -21.76 -12.53
CA ARG C 425 -16.02 -22.18 -11.23
C ARG C 425 -15.49 -21.29 -10.14
N VAL C 426 -16.38 -20.79 -9.29
CA VAL C 426 -15.96 -19.96 -8.18
C VAL C 426 -15.98 -20.89 -6.99
N ALA C 427 -14.84 -21.51 -6.70
CA ALA C 427 -14.73 -22.45 -5.59
C ALA C 427 -14.24 -21.73 -4.34
N ASN C 428 -13.60 -20.59 -4.54
CA ASN C 428 -13.07 -19.80 -3.42
C ASN C 428 -12.84 -18.36 -3.88
N PRO C 429 -13.72 -17.46 -3.45
CA PRO C 429 -13.63 -16.05 -3.81
C PRO C 429 -13.04 -15.19 -2.69
N CYS C 430 -12.75 -15.81 -1.56
CA CYS C 430 -12.24 -15.12 -0.39
C CYS C 430 -10.98 -14.26 -0.46
N VAL C 431 -10.96 -13.31 0.47
CA VAL C 431 -9.87 -12.35 0.66
C VAL C 431 -8.49 -12.80 0.15
N LYS C 432 -8.05 -12.16 -0.93
CA LYS C 432 -6.77 -12.47 -1.57
C LYS C 432 -5.53 -12.01 -0.77
C1 NAG D . 53.05 27.84 13.07
C2 NAG D . 52.72 29.26 13.57
C3 NAG D . 53.99 29.95 14.10
C4 NAG D . 54.66 29.06 15.14
C5 NAG D . 54.98 27.71 14.50
C6 NAG D . 55.67 26.74 15.45
C7 NAG D . 51.06 30.80 12.74
C8 NAG D . 51.25 32.15 13.42
N2 NAG D . 52.15 30.07 12.52
O3 NAG D . 53.65 31.21 14.68
O4 NAG D . 55.87 29.69 15.64
O5 NAG D . 53.76 27.08 14.06
O6 NAG D . 54.74 25.87 16.07
O7 NAG D . 49.93 30.43 12.44
C1 NAG D . 55.86 30.07 16.97
C2 NAG D . 57.16 30.83 17.30
C3 NAG D . 57.11 31.43 18.72
C4 NAG D . 55.82 32.23 18.91
C5 NAG D . 54.61 31.36 18.56
C6 NAG D . 53.29 32.11 18.69
C7 NAG D . 58.81 29.31 18.24
C8 NAG D . 60.16 29.81 18.77
N2 NAG D . 58.30 29.93 17.17
O3 NAG D . 58.23 32.28 18.93
O4 NAG D . 55.73 32.68 20.27
O5 NAG D . 54.71 30.91 17.19
O6 NAG D . 52.25 31.24 19.13
O7 NAG D . 58.24 28.37 18.79
C1 NAG E . 47.38 37.83 1.02
C2 NAG E . 48.60 38.58 1.57
C3 NAG E . 49.82 38.24 0.69
C4 NAG E . 50.04 36.71 0.65
C5 NAG E . 48.73 36.04 0.17
C6 NAG E . 48.78 34.52 0.16
C7 NAG E . 48.01 40.61 2.72
C8 NAG E . 47.54 42.05 2.61
N2 NAG E . 48.37 40.02 1.59
O3 NAG E . 50.99 38.88 1.21
O4 NAG E . 51.10 36.38 -0.26
O5 NAG E . 47.62 36.42 1.03
O6 NAG E . 47.47 33.96 0.16
O7 NAG E . 48.05 40.06 3.82
C1 NAG E . 52.43 36.72 0.01
C2 NAG E . 52.92 35.98 1.28
C3 NAG E . 54.46 36.02 1.42
C4 NAG E . 55.14 35.60 0.11
C5 NAG E . 54.61 36.51 -1.00
C6 NAG E . 55.25 36.21 -2.35
C7 NAG E . 53.07 37.05 3.46
C8 NAG E . 53.58 38.49 3.36
N2 NAG E . 52.32 36.59 2.46
O3 NAG E . 54.86 35.13 2.46
O4 NAG E . 56.57 35.75 0.20
O5 NAG E . 53.20 36.30 -1.14
O6 NAG E . 56.64 36.54 -2.35
O7 NAG E . 53.36 36.37 4.43
C1 BMA E . 57.33 34.83 0.92
C2 BMA E . 56.67 33.44 0.94
C3 BMA E . 57.57 32.45 1.70
C4 BMA E . 59.00 32.47 1.13
C5 BMA E . 59.54 33.91 1.06
C6 BMA E . 60.88 33.99 0.36
O2 BMA E . 56.46 32.98 -0.39
O3 BMA E . 57.03 31.14 1.61
O4 BMA E . 59.84 31.69 1.96
O5 BMA E . 58.63 34.75 0.32
O6 BMA E . 61.94 33.70 1.26
C1 NAG F . 21.06 31.80 -10.84
C2 NAG F . 21.90 33.06 -10.96
C3 NAG F . 21.19 34.15 -11.78
C4 NAG F . 20.51 33.50 -13.02
C5 NAG F . 19.47 32.45 -12.59
C6 NAG F . 19.46 31.19 -13.45
C7 NAG F . 21.61 33.63 -8.57
C8 NAG F . 22.21 34.32 -7.35
N2 NAG F . 22.37 33.58 -9.67
O3 NAG F . 22.15 35.12 -12.18
O4 NAG F . 19.86 34.48 -13.87
O5 NAG F . 19.66 32.03 -11.20
O6 NAG F . 18.15 30.74 -13.71
O7 NAG F . 20.46 33.18 -8.51
C1 NAG F . 20.25 35.80 -13.69
C2 NAG F . 19.95 36.66 -14.92
C3 NAG F . 20.47 38.08 -14.62
C4 NAG F . 19.85 38.62 -13.32
C5 NAG F . 20.06 37.63 -12.16
C6 NAG F . 19.34 38.01 -10.89
C7 NAG F . 21.87 35.90 -16.19
C8 NAG F . 22.77 37.09 -16.50
N2 NAG F . 20.55 36.12 -16.13
O3 NAG F . 20.15 38.94 -15.71
O4 NAG F . 20.45 39.86 -12.98
O5 NAG F . 19.57 36.32 -12.54
O6 NAG F . 19.61 37.08 -9.85
O7 NAG F . 22.37 34.78 -16.03
C1 NAG G . -50.14 6.57 35.95
C2 NAG G . -51.11 6.65 34.74
C3 NAG G . -52.47 7.20 35.17
C4 NAG G . -53.02 6.39 36.34
C5 NAG G . -52.00 6.44 37.48
C6 NAG G . -52.44 5.66 38.71
C7 NAG G . -50.57 7.08 32.42
C8 NAG G . -51.86 7.28 31.64
N2 NAG G . -50.55 7.49 33.68
O3 NAG G . -53.37 7.14 34.08
O4 NAG G . -54.28 6.90 36.77
O5 NAG G . -50.74 5.86 37.04
O6 NAG G . -51.90 4.34 38.72
O7 NAG G . -49.60 6.58 31.87
C1 NAG G . -55.39 6.08 36.59
C2 NAG G . -56.67 6.84 36.98
C3 NAG G . -57.93 6.03 36.60
C4 NAG G . -57.86 5.57 35.14
C5 NAG G . -56.54 4.83 34.90
C6 NAG G . -56.38 4.39 33.44
C7 NAG G . -57.28 6.33 39.26
C8 NAG G . -58.58 6.84 39.89
N2 NAG G . -56.66 7.12 38.40
O3 NAG G . -59.10 6.81 36.79
O4 NAG G . -58.96 4.71 34.85
O5 NAG G . -55.43 5.70 35.19
O6 NAG G . -55.68 3.16 33.36
O7 NAG G . -56.85 5.21 39.58
C1 NAG H . -44.78 16.97 24.10
C2 NAG H . -46.17 17.52 24.46
C3 NAG H . -46.00 18.64 25.50
C4 NAG H . -45.24 18.12 26.72
C5 NAG H . -43.90 17.51 26.26
C6 NAG H . -43.08 16.88 27.37
C7 NAG H . -47.77 17.26 22.68
C8 NAG H . -48.26 17.72 21.31
N2 NAG H . -46.85 18.00 23.28
O3 NAG H . -47.28 19.13 25.89
O4 NAG H . -44.98 19.20 27.66
O5 NAG H . -44.13 16.48 25.27
O6 NAG H . -42.11 15.97 26.86
O7 NAG H . -48.22 16.22 23.17
C1 NAG H . -46.01 19.81 28.37
C2 NAG H . -46.70 18.80 29.32
C3 NAG H . -47.57 19.49 30.38
C4 NAG H . -46.81 20.63 31.06
C5 NAG H . -46.31 21.58 29.98
C6 NAG H . -45.56 22.77 30.55
C7 NAG H . -48.82 17.73 28.79
C8 NAG H . -49.79 18.68 28.12
N2 NAG H . -47.52 17.88 28.54
O3 NAG H . -47.98 18.54 31.35
O4 NAG H . -47.66 21.36 31.97
O5 NAG H . -45.40 20.88 29.12
O6 NAG H . -46.43 23.62 31.29
O7 NAG H . -49.25 16.86 29.55
C1 BMA H . -48.01 20.80 33.20
C2 BMA H . -46.92 19.85 33.72
C3 BMA H . -47.34 19.31 35.10
C4 BMA H . -47.68 20.47 36.06
C5 BMA H . -48.70 21.42 35.42
C6 BMA H . -48.95 22.67 36.26
O2 BMA H . -45.68 20.54 33.81
O3 BMA H . -46.28 18.54 35.65
O4 BMA H . -48.23 19.94 37.26
O5 BMA H . -48.23 21.88 34.12
O6 BMA H . -49.93 22.41 37.26
C1 NAG I . -20.42 9.73 9.18
C2 NAG I . -21.47 10.79 8.87
C3 NAG I . -21.16 11.52 7.55
C4 NAG I . -19.62 11.80 7.45
C5 NAG I . -18.82 10.50 7.50
C6 NAG I . -17.55 10.58 8.32
C7 NAG I . -23.21 9.13 8.40
C8 NAG I . -24.71 8.82 8.45
N2 NAG I . -22.84 10.30 8.91
O3 NAG I . -21.89 12.74 7.50
O4 NAG I . -19.28 12.54 6.26
O5 NAG I . -19.62 9.39 8.02
O6 NAG I . -16.47 9.89 7.70
O7 NAG I . -22.44 8.30 7.93
C1 NAG I . -20.32 13.18 5.59
C2 NAG I . -19.82 14.31 4.69
C3 NAG I . -21.05 14.98 4.06
C4 NAG I . -21.92 13.93 3.33
C5 NAG I . -22.25 12.75 4.26
C6 NAG I . -22.96 11.60 3.56
C7 NAG I . -19.51 15.90 6.50
C8 NAG I . -20.40 17.11 6.26
N2 NAG I . -19.02 15.28 5.42
O3 NAG I . -20.65 16.00 3.16
O4 NAG I . -23.13 14.53 2.89
O5 NAG I . -21.03 12.20 4.82
O6 NAG I . -23.24 10.55 4.48
O7 NAG I . -19.24 15.56 7.65
C1 NAG J . -2.78 -37.85 -46.30
C2 NAG J . -1.53 -37.42 -47.09
C3 NAG J . -1.44 -38.18 -48.42
C4 NAG J . -1.50 -39.69 -48.14
C5 NAG J . -2.80 -39.99 -47.40
C6 NAG J . -2.99 -41.47 -47.09
C7 NAG J . -0.48 -35.24 -47.16
C8 NAG J . 0.59 -35.24 -48.25
N2 NAG J . -1.56 -36.00 -47.36
O3 NAG J . -0.21 -37.87 -49.07
O4 NAG J . -1.44 -40.43 -49.39
O5 NAG J . -2.83 -39.28 -46.14
O6 NAG J . -2.54 -41.78 -45.78
O7 NAG J . -0.32 -34.56 -46.15
C1 NAG J . -0.31 -41.21 -49.58
C2 NAG J . -0.34 -41.83 -50.99
C3 NAG J . 0.99 -42.55 -51.31
C4 NAG J . 2.18 -41.64 -51.02
C5 NAG J . 2.09 -41.11 -49.58
C6 NAG J . 3.22 -40.15 -49.24
C7 NAG J . -1.30 -44.06 -50.91
C8 NAG J . -1.34 -44.95 -52.15
N2 NAG J . -1.46 -42.76 -51.11
O3 NAG J . 1.01 -42.95 -52.67
O4 NAG J . 3.40 -42.36 -51.20
O5 NAG J . 0.86 -40.38 -49.42
O6 NAG J . 3.60 -40.27 -47.87
O7 NAG J . -1.11 -44.56 -49.80
C1 NAG K . -3.18 -21.78 -50.65
C2 NAG K . -3.03 -22.52 -51.99
C3 NAG K . -4.42 -22.71 -52.62
C4 NAG K . -5.35 -23.46 -51.64
C5 NAG K . -5.37 -22.69 -50.30
C6 NAG K . -6.19 -23.37 -49.21
C7 NAG K . -0.88 -22.13 -53.02
C8 NAG K . 0.03 -21.17 -53.77
N2 NAG K . -2.16 -21.78 -52.88
O3 NAG K . -4.31 -23.44 -53.83
O4 NAG K . -6.69 -23.53 -52.17
O5 NAG K . -4.02 -22.54 -49.77
O6 NAG K . -5.83 -22.91 -47.92
O7 NAG K . -0.42 -23.19 -52.57
C1 NAG K . -6.99 -24.32 -53.29
C2 NAG K . -6.72 -25.82 -52.99
C3 NAG K . -7.37 -26.74 -54.05
C4 NAG K . -8.83 -26.35 -54.28
C5 NAG K . -8.89 -24.88 -54.67
C6 NAG K . -10.29 -24.41 -54.97
C7 NAG K . -4.73 -26.98 -53.75
C8 NAG K . -4.31 -26.57 -55.14
N2 NAG K . -5.29 -26.06 -52.95
O3 NAG K . -7.31 -28.08 -53.59
O4 NAG K . -9.42 -27.14 -55.34
O5 NAG K . -8.38 -24.09 -53.58
O6 NAG K . -10.81 -25.01 -56.13
O7 NAG K . -4.54 -28.14 -53.37
C1 BMA K . -9.77 -28.47 -55.13
C2 BMA K . -10.14 -28.72 -53.65
C3 BMA K . -10.58 -30.19 -53.48
C4 BMA K . -11.67 -30.56 -54.49
C5 BMA K . -11.24 -30.19 -55.92
C6 BMA K . -12.36 -30.39 -56.93
O2 BMA K . -11.20 -27.86 -53.26
O3 BMA K . -11.04 -30.40 -52.15
O4 BMA K . -11.92 -31.96 -54.43
O5 BMA K . -10.87 -28.79 -55.98
O6 BMA K . -12.41 -31.74 -57.37
C1 NAG L . -1.43 -1.52 -29.31
C2 NAG L . -1.28 -1.35 -30.82
C3 NAG L . -0.95 0.10 -31.20
C4 NAG L . -1.81 1.08 -30.34
C5 NAG L . -1.53 0.88 -28.84
C6 NAG L . -2.77 0.96 -27.96
C7 NAG L . 0.82 -2.64 -30.89
C8 NAG L . 1.70 -3.56 -31.70
N2 NAG L . -0.34 -2.30 -31.43
O3 NAG L . -1.21 0.29 -32.58
O4 NAG L . -1.57 2.47 -30.69
O5 NAG L . -0.87 -0.39 -28.57
O6 NAG L . -2.51 1.67 -26.76
O7 NAG L . 1.20 -2.25 -29.78
C1 NAG L . -0.96 2.70 -31.91
C2 NAG L . -1.21 4.12 -32.42
C3 NAG L . -0.54 4.25 -33.79
C4 NAG L . 0.96 3.88 -33.70
C5 NAG L . 1.14 2.51 -33.02
C6 NAG L . 2.59 2.16 -32.74
C7 NAG L . -3.45 3.65 -33.23
C8 NAG L . -3.50 3.90 -34.73
N2 NAG L . -2.64 4.42 -32.51
O3 NAG L . -0.70 5.57 -34.29
O4 NAG L . 1.53 3.86 -35.00
O5 NAG L . 0.46 2.48 -31.76
O6 NAG L . 2.70 0.88 -32.15
O7 NAG L . -4.17 2.78 -32.73
I IOD M . 52.74 22.87 -17.37
I IOD N . 51.56 4.74 -23.95
I IOD O . 25.28 34.65 -3.58
I IOD P . 20.38 -4.54 -28.80
I IOD Q . 21.45 -14.71 -20.41
I IOD R . 17.37 25.70 -3.49
I IOD S . 25.82 7.94 1.04
C1 GOL T . 26.48 12.65 5.70
O1 GOL T . 27.77 13.05 6.25
C2 GOL T . 26.54 11.13 5.31
O2 GOL T . 25.56 10.80 4.32
C3 GOL T . 26.34 10.18 6.51
O3 GOL T . 27.55 9.74 7.09
I IOD U . -26.90 26.82 37.30
I IOD V . -11.94 23.18 48.93
I IOD W . -28.93 7.74 10.57
I IOD X . 11.98 6.82 33.36
I IOD Y . 11.43 -3.28 41.88
I IOD Z . -20.10 -0.27 11.40
I IOD AA . -17.56 -7.05 30.23
C1 GOL BA . -23.92 -8.49 27.87
O1 GOL BA . -24.51 -7.18 27.86
C2 GOL BA . -22.72 -8.52 28.88
O2 GOL BA . -21.48 -8.13 28.25
C3 GOL BA . -22.51 -9.93 29.46
O3 GOL BA . -23.35 -10.23 30.59
I IOD CA . -26.39 -18.08 -44.42
I IOD DA . -39.74 -20.63 -30.70
I IOD EA . 3.00 -7.77 -33.76
I IOD FA . -32.36 -4.11 -3.20
I IOD GA . -32.30 -15.13 4.11
I IOD HA . 2.38 -7.39 -21.83
I IOD IA . -7.86 -22.99 -14.12
C1 GOL JA . -2.29 -25.12 -17.68
O1 GOL JA . -2.71 -24.85 -19.02
C2 GOL JA . -3.57 -25.26 -16.76
O2 GOL JA . -3.99 -24.00 -16.21
C3 GOL JA . -3.29 -26.22 -15.58
O3 GOL JA . -3.46 -27.60 -15.89
#